data_4LRL
#
_entry.id   4LRL
#
_cell.length_a   91.541
_cell.length_b   144.625
_cell.length_c   155.560
_cell.angle_alpha   90.00
_cell.angle_beta   90.00
_cell.angle_gamma   90.00
#
_symmetry.space_group_name_H-M   'P 21 21 21'
#
loop_
_entity.id
_entity.type
_entity.pdbx_description
1 polymer 'HD domain protein'
2 non-polymer 'NICKEL (II) ION'
3 non-polymer "2'-DEOXYGUANOSINE-5'-TRIPHOSPHATE"
4 non-polymer 2-AMINO-2-HYDROXYMETHYL-PROPANE-1,3-DIOL
5 non-polymer "THYMIDINE-5'-TRIPHOSPHATE"
6 non-polymer 'MALONATE ION'
7 water water
#
_entity_poly.entity_id   1
_entity_poly.type   'polypeptide(L)'
_entity_poly.pdbx_seq_one_letter_code
;MHHHHHHSSGVDLGTENLYFQSNAMTIPYKEQRLPIEKVFRDPVHNYIHVQHQVILDLINSAEVQRLRRIKQLGTSSFTF
HGAEHSRFSHSLGVYEITRRICEIFQRNYSVERLGENGWNDDERLITLCAALLHDVGHGPYSHTFEHIFDTNHEAITVQI
ITSPETEVYQILNRVSADFPEKVASVITKQYPNPQVVQMISSQIDADRMDYLLRDAYFTGTEYGTFDLTRILRVIRPYKG
GIAFAMNGMHAVEDYIVSRYQMYVQVYFHPVSRGMEVILDHLLHRAKELFENPEFDYDLQASLLVPFFKGDFTLQEYLKL
DDGVLSTYFTQWMDVPDSILGDLAKRFLMRKPLKSATFTNEKESAATIAYLRELIEKVGFNPKYYTAINSSYDLPYDFYR
PNKDRHRTQIELMQKDGSLVELATVSPLVAALAGQSQGDERFYFPKEMLDQGNKKHYDLFDETYREFSSYIHNGALVLKK
;
_entity_poly.pdbx_strand_id   A,B,C,D
#
# COMPACT_ATOMS: atom_id res chain seq x y z
N ALA A 24 10.64 -43.41 8.51
CA ALA A 24 10.06 -43.57 7.14
C ALA A 24 9.20 -44.83 7.03
N MET A 25 7.92 -44.66 6.70
CA MET A 25 6.97 -45.78 6.60
C MET A 25 6.34 -45.94 5.20
N THR A 26 5.42 -46.89 5.06
CA THR A 26 4.60 -46.98 3.85
C THR A 26 3.45 -46.00 4.00
N ILE A 27 3.60 -44.86 3.34
CA ILE A 27 2.60 -43.80 3.43
C ILE A 27 1.68 -43.87 2.21
N PRO A 28 0.36 -44.02 2.45
CA PRO A 28 -0.57 -43.99 1.33
C PRO A 28 -0.66 -42.60 0.71
N TYR A 29 -1.05 -42.57 -0.56
CA TYR A 29 -1.11 -41.35 -1.37
C TYR A 29 -1.83 -40.20 -0.67
N LYS A 30 -2.97 -40.47 -0.03
CA LYS A 30 -3.78 -39.42 0.61
C LYS A 30 -3.03 -38.66 1.71
N GLU A 31 -1.98 -39.28 2.24
CA GLU A 31 -1.24 -38.68 3.35
C GLU A 31 0.20 -38.32 3.01
N GLN A 32 0.58 -38.50 1.76
CA GLN A 32 1.94 -38.19 1.31
C GLN A 32 2.22 -36.71 1.36
N ARG A 33 3.32 -36.36 2.01
CA ARG A 33 3.77 -34.98 2.17
C ARG A 33 5.07 -34.78 1.39
N LEU A 34 5.23 -33.59 0.80
CA LEU A 34 6.48 -33.23 0.18
C LEU A 34 7.54 -33.11 1.28
N PRO A 35 8.80 -33.52 0.99
CA PRO A 35 9.87 -33.39 1.98
C PRO A 35 10.03 -31.95 2.47
N ILE A 36 10.00 -31.00 1.54
CA ILE A 36 9.91 -29.58 1.90
C ILE A 36 8.62 -28.96 1.34
N GLU A 37 7.95 -28.17 2.18
CA GLU A 37 6.85 -27.31 1.75
C GLU A 37 7.22 -26.57 0.48
N LYS A 38 6.30 -26.53 -0.47
CA LYS A 38 6.54 -25.82 -1.72
C LYS A 38 5.80 -24.49 -1.69
N VAL A 39 6.50 -23.40 -2.01
CA VAL A 39 5.91 -22.06 -1.95
C VAL A 39 5.83 -21.40 -3.32
N PHE A 40 4.66 -20.87 -3.64
CA PHE A 40 4.44 -20.18 -4.90
C PHE A 40 4.24 -18.70 -4.55
N ARG A 41 5.09 -17.83 -5.07
CA ARG A 41 4.86 -16.38 -4.89
C ARG A 41 3.47 -15.98 -5.44
N ASP A 42 2.74 -15.22 -4.64
CA ASP A 42 1.44 -14.74 -5.08
C ASP A 42 1.34 -13.30 -4.59
N PRO A 43 1.08 -12.34 -5.51
CA PRO A 43 1.01 -10.92 -5.13
C PRO A 43 -0.07 -10.62 -4.07
N VAL A 44 -1.13 -11.43 -4.04
CA VAL A 44 -2.23 -11.19 -3.12
C VAL A 44 -1.97 -11.80 -1.75
N HIS A 45 -1.68 -13.09 -1.71
CA HIS A 45 -1.50 -13.79 -0.44
C HIS A 45 -0.05 -13.92 -0.02
N ASN A 46 0.86 -13.29 -0.77
CA ASN A 46 2.31 -13.37 -0.53
C ASN A 46 2.86 -14.73 -1.01
N TYR A 47 2.41 -15.81 -0.37
CA TYR A 47 2.77 -17.16 -0.80
C TYR A 47 1.59 -18.12 -0.82
N ILE A 48 1.60 -19.05 -1.76
CA ILE A 48 0.72 -20.21 -1.74
C ILE A 48 1.55 -21.38 -1.16
N HIS A 49 1.05 -22.04 -0.11
CA HIS A 49 1.83 -23.09 0.57
C HIS A 49 1.27 -24.47 0.25
N VAL A 50 2.13 -25.35 -0.23
CA VAL A 50 1.70 -26.67 -0.63
C VAL A 50 2.49 -27.73 0.13
N GLN A 51 1.76 -28.60 0.80
CA GLN A 51 2.38 -29.65 1.62
C GLN A 51 2.05 -31.05 1.17
N HIS A 52 0.92 -31.21 0.49
CA HIS A 52 0.46 -32.52 0.04
C HIS A 52 0.91 -32.88 -1.38
N GLN A 53 1.36 -34.12 -1.56
CA GLN A 53 1.67 -34.61 -2.88
C GLN A 53 0.48 -34.51 -3.84
N VAL A 54 -0.71 -34.91 -3.37
CA VAL A 54 -1.96 -34.86 -4.12
C VAL A 54 -2.25 -33.45 -4.65
N ILE A 55 -2.12 -32.45 -3.79
CA ILE A 55 -2.36 -31.06 -4.18
C ILE A 55 -1.33 -30.62 -5.21
N LEU A 56 -0.06 -30.95 -4.98
CA LEU A 56 0.96 -30.62 -5.96
C LEU A 56 0.62 -31.24 -7.31
N ASP A 57 0.28 -32.53 -7.32
CA ASP A 57 -0.06 -33.22 -8.58
C ASP A 57 -1.27 -32.57 -9.27
N LEU A 58 -2.23 -32.10 -8.49
CA LEU A 58 -3.41 -31.44 -9.05
C LEU A 58 -3.05 -30.10 -9.71
N ILE A 59 -2.17 -29.32 -9.07
CA ILE A 59 -1.76 -28.02 -9.59
C ILE A 59 -1.06 -28.23 -10.94
N ASN A 60 -0.26 -29.29 -11.00
CA ASN A 60 0.55 -29.64 -12.15
C ASN A 60 -0.27 -30.33 -13.28
N SER A 61 -1.50 -30.72 -12.99
CA SER A 61 -2.35 -31.42 -13.95
C SER A 61 -2.74 -30.55 -15.16
N ALA A 62 -2.88 -31.21 -16.31
CA ALA A 62 -3.27 -30.60 -17.58
C ALA A 62 -4.45 -29.68 -17.46
N GLU A 63 -5.49 -30.10 -16.73
CA GLU A 63 -6.71 -29.29 -16.72
C GLU A 63 -6.71 -28.09 -15.78
N VAL A 64 -5.90 -28.15 -14.73
CA VAL A 64 -5.66 -26.95 -13.92
C VAL A 64 -4.70 -25.98 -14.65
N GLN A 65 -3.62 -26.51 -15.22
CA GLN A 65 -2.66 -25.69 -15.98
C GLN A 65 -3.35 -24.87 -17.08
N ARG A 66 -4.39 -25.46 -17.65
CA ARG A 66 -5.22 -24.85 -18.67
CA ARG A 66 -5.21 -24.86 -18.68
C ARG A 66 -5.76 -23.49 -18.24
N LEU A 67 -6.03 -23.35 -16.95
CA LEU A 67 -6.57 -22.11 -16.38
C LEU A 67 -5.64 -20.89 -16.46
N ARG A 68 -4.35 -21.10 -16.73
CA ARG A 68 -3.42 -19.97 -16.97
C ARG A 68 -3.84 -19.18 -18.19
N ARG A 69 -4.51 -19.85 -19.11
CA ARG A 69 -4.77 -19.29 -20.43
C ARG A 69 -6.21 -18.75 -20.53
N ILE A 70 -6.85 -18.60 -19.38
CA ILE A 70 -8.22 -18.10 -19.27
C ILE A 70 -8.24 -17.00 -18.21
N LYS A 71 -8.59 -15.79 -18.64
CA LYS A 71 -8.62 -14.64 -17.78
C LYS A 71 -9.75 -14.77 -16.78
N GLN A 72 -9.45 -14.45 -15.53
CA GLN A 72 -10.45 -14.35 -14.48
C GLN A 72 -11.59 -13.37 -14.81
N LEU A 73 -11.28 -12.20 -15.35
CA LEU A 73 -12.31 -11.16 -15.46
C LEU A 73 -12.83 -10.89 -16.86
N GLY A 74 -12.46 -11.77 -17.80
CA GLY A 74 -13.04 -11.73 -19.15
C GLY A 74 -12.74 -10.40 -19.81
N THR A 75 -13.80 -9.62 -20.03
CA THR A 75 -13.76 -8.34 -20.72
C THR A 75 -13.45 -7.13 -19.83
N SER A 76 -13.40 -7.33 -18.51
CA SER A 76 -13.07 -6.26 -17.56
C SER A 76 -11.71 -5.60 -17.87
N SER A 77 -10.78 -6.38 -18.41
CA SER A 77 -9.45 -5.84 -18.79
C SER A 77 -9.52 -4.72 -19.83
N PHE A 78 -10.63 -4.61 -20.55
CA PHE A 78 -10.79 -3.47 -21.48
C PHE A 78 -11.07 -2.15 -20.78
N THR A 79 -11.57 -2.21 -19.56
CA THR A 79 -11.88 -1.01 -18.79
C THR A 79 -10.85 -0.77 -17.70
N PHE A 80 -10.48 -1.85 -17.02
CA PHE A 80 -9.44 -1.85 -16.00
C PHE A 80 -8.29 -2.69 -16.54
N HIS A 81 -7.34 -2.03 -17.21
CA HIS A 81 -6.32 -2.77 -17.97
C HIS A 81 -5.28 -3.56 -17.13
N GLY A 82 -5.33 -3.41 -15.80
CA GLY A 82 -4.53 -4.26 -14.94
C GLY A 82 -5.14 -5.64 -14.74
N ALA A 83 -6.41 -5.80 -15.12
CA ALA A 83 -7.16 -7.03 -14.83
C ALA A 83 -6.78 -8.20 -15.77
N GLU A 84 -5.50 -8.55 -15.77
CA GLU A 84 -4.99 -9.55 -16.71
C GLU A 84 -4.75 -10.91 -16.04
N HIS A 85 -5.12 -11.01 -14.77
CA HIS A 85 -4.90 -12.19 -13.97
C HIS A 85 -5.72 -13.41 -14.46
N SER A 86 -5.20 -14.61 -14.21
CA SER A 86 -5.80 -15.83 -14.69
C SER A 86 -6.67 -16.54 -13.64
N ARG A 87 -7.53 -17.42 -14.15
CA ARG A 87 -8.29 -18.31 -13.30
C ARG A 87 -7.36 -19.23 -12.54
N PHE A 88 -6.21 -19.57 -13.13
CA PHE A 88 -5.21 -20.37 -12.41
C PHE A 88 -4.80 -19.71 -11.09
N SER A 89 -4.46 -18.43 -11.11
CA SER A 89 -3.93 -17.79 -9.89
C SER A 89 -5.02 -17.70 -8.81
N HIS A 90 -6.25 -17.47 -9.26
CA HIS A 90 -7.37 -17.37 -8.37
C HIS A 90 -7.68 -18.74 -7.78
N SER A 91 -7.57 -19.78 -8.59
CA SER A 91 -7.76 -21.13 -8.10
C SER A 91 -6.78 -21.46 -6.98
N LEU A 92 -5.51 -21.10 -7.17
CA LEU A 92 -4.53 -21.33 -6.12
C LEU A 92 -4.81 -20.46 -4.88
N GLY A 93 -5.33 -19.26 -5.11
CA GLY A 93 -5.64 -18.31 -4.04
C GLY A 93 -6.72 -18.87 -3.15
N VAL A 94 -7.77 -19.40 -3.78
CA VAL A 94 -8.88 -20.04 -3.08
C VAL A 94 -8.37 -21.22 -2.25
N TYR A 95 -7.52 -22.05 -2.87
CA TYR A 95 -6.85 -23.12 -2.15
C TYR A 95 -6.11 -22.57 -0.92
N GLU A 96 -5.37 -21.46 -1.09
CA GLU A 96 -4.55 -20.91 0.01
C GLU A 96 -5.39 -20.44 1.22
N ILE A 97 -6.48 -19.72 0.95
CA ILE A 97 -7.36 -19.24 1.99
C ILE A 97 -7.99 -20.43 2.69
N THR A 98 -8.45 -21.39 1.92
CA THR A 98 -9.01 -22.63 2.45
C THR A 98 -8.00 -23.35 3.34
N ARG A 99 -6.77 -23.44 2.89
CA ARG A 99 -5.73 -24.06 3.71
C ARG A 99 -5.61 -23.32 5.06
N ARG A 100 -5.62 -21.99 5.03
CA ARG A 100 -5.45 -21.18 6.26
C ARG A 100 -6.61 -21.41 7.23
N ILE A 101 -7.82 -21.55 6.69
CA ILE A 101 -9.00 -21.84 7.51
C ILE A 101 -8.88 -23.22 8.15
N CYS A 102 -8.55 -24.24 7.37
CA CYS A 102 -8.34 -25.58 7.91
C CYS A 102 -7.33 -25.60 9.05
N GLU A 103 -6.20 -24.94 8.86
CA GLU A 103 -5.15 -24.85 9.88
C GLU A 103 -5.71 -24.32 11.21
N ILE A 104 -6.46 -23.22 11.10
CA ILE A 104 -7.07 -22.56 12.24
C ILE A 104 -8.10 -23.48 12.90
N PHE A 105 -8.99 -24.05 12.09
CA PHE A 105 -10.02 -24.96 12.60
C PHE A 105 -9.36 -26.12 13.37
N GLN A 106 -8.32 -26.71 12.79
CA GLN A 106 -7.64 -27.82 13.46
C GLN A 106 -6.94 -27.38 14.75
N ARG A 107 -6.34 -26.20 14.75
CA ARG A 107 -5.60 -25.72 15.91
C ARG A 107 -6.50 -25.45 17.11
N ASN A 108 -7.64 -24.80 16.88
CA ASN A 108 -8.47 -24.28 17.97
C ASN A 108 -9.85 -24.90 18.13
N TYR A 109 -10.37 -25.52 17.08
CA TYR A 109 -11.76 -25.97 17.06
C TYR A 109 -11.92 -27.38 16.51
N SER A 110 -11.02 -28.28 16.93
CA SER A 110 -11.04 -29.64 16.43
C SER A 110 -12.10 -30.49 17.10
N VAL A 111 -12.40 -31.62 16.48
CA VAL A 111 -13.25 -32.65 17.10
C VAL A 111 -12.69 -33.08 18.45
N GLU A 112 -11.36 -33.17 18.56
CA GLU A 112 -10.74 -33.62 19.83
C GLU A 112 -11.08 -32.66 20.98
N ARG A 113 -11.23 -31.38 20.65
CA ARG A 113 -11.58 -30.37 21.64
C ARG A 113 -13.10 -30.25 21.87
N LEU A 114 -13.87 -30.24 20.80
CA LEU A 114 -15.27 -29.82 20.85
C LEU A 114 -16.29 -30.93 20.62
N GLY A 115 -15.82 -32.14 20.33
CA GLY A 115 -16.69 -33.26 20.03
C GLY A 115 -17.24 -33.33 18.61
N GLU A 116 -18.42 -33.93 18.50
CA GLU A 116 -19.02 -34.37 17.24
C GLU A 116 -19.10 -33.31 16.14
N ASN A 117 -19.35 -32.06 16.51
CA ASN A 117 -19.52 -30.98 15.52
C ASN A 117 -18.33 -30.05 15.42
N GLY A 118 -17.21 -30.46 16.02
CA GLY A 118 -15.94 -29.75 15.83
C GLY A 118 -15.41 -30.01 14.43
N TRP A 119 -14.33 -29.32 14.05
CA TRP A 119 -13.64 -29.59 12.78
C TRP A 119 -12.94 -30.96 12.75
N ASN A 120 -13.33 -31.80 11.78
CA ASN A 120 -12.68 -33.09 11.55
C ASN A 120 -11.58 -32.97 10.50
N ASP A 121 -10.33 -32.96 10.94
CA ASP A 121 -9.21 -32.74 10.02
C ASP A 121 -8.99 -33.85 8.97
N ASP A 122 -9.66 -34.99 9.11
CA ASP A 122 -9.70 -35.97 8.04
C ASP A 122 -10.38 -35.40 6.79
N GLU A 123 -11.18 -34.34 6.98
CA GLU A 123 -11.79 -33.59 5.88
C GLU A 123 -10.83 -32.62 5.16
N ARG A 124 -9.60 -32.51 5.65
CA ARG A 124 -8.71 -31.48 5.09
C ARG A 124 -8.41 -31.66 3.60
N LEU A 125 -7.99 -32.86 3.21
CA LEU A 125 -7.61 -33.09 1.83
C LEU A 125 -8.75 -32.80 0.85
N ILE A 126 -9.94 -33.32 1.14
CA ILE A 126 -11.08 -33.13 0.24
C ILE A 126 -11.48 -31.67 0.11
N THR A 127 -11.35 -30.93 1.20
CA THR A 127 -11.66 -29.53 1.22
C THR A 127 -10.60 -28.78 0.41
N LEU A 128 -9.34 -29.14 0.59
CA LEU A 128 -8.26 -28.59 -0.22
C LEU A 128 -8.41 -28.86 -1.73
N CYS A 129 -8.77 -30.09 -2.10
CA CYS A 129 -9.02 -30.43 -3.51
C CYS A 129 -10.22 -29.65 -4.06
N ALA A 130 -11.32 -29.62 -3.30
CA ALA A 130 -12.50 -28.91 -3.78
C ALA A 130 -12.21 -27.43 -4.07
N ALA A 131 -11.46 -26.78 -3.18
CA ALA A 131 -11.09 -25.38 -3.33
C ALA A 131 -10.26 -25.16 -4.61
N LEU A 132 -9.25 -26.00 -4.80
CA LEU A 132 -8.36 -25.90 -5.94
C LEU A 132 -9.11 -26.10 -7.26
N LEU A 133 -10.09 -27.02 -7.25
CA LEU A 133 -10.75 -27.44 -8.47
C LEU A 133 -12.09 -26.78 -8.75
N HIS A 134 -12.51 -25.86 -7.88
CA HIS A 134 -13.88 -25.35 -7.91
C HIS A 134 -14.21 -24.67 -9.24
N ASP A 135 -13.21 -24.06 -9.87
CA ASP A 135 -13.40 -23.31 -11.11
C ASP A 135 -12.88 -24.00 -12.39
N VAL A 136 -12.49 -25.27 -12.26
CA VAL A 136 -11.78 -25.97 -13.33
C VAL A 136 -12.57 -26.11 -14.64
N GLY A 137 -13.91 -26.17 -14.56
CA GLY A 137 -14.74 -26.29 -15.75
C GLY A 137 -15.04 -25.00 -16.50
N HIS A 138 -14.50 -23.88 -16.04
CA HIS A 138 -14.62 -22.60 -16.77
C HIS A 138 -13.94 -22.62 -18.14
N GLY A 139 -14.59 -22.04 -19.13
CA GLY A 139 -14.00 -21.90 -20.44
C GLY A 139 -13.61 -20.44 -20.67
N PRO A 140 -13.25 -20.08 -21.90
CA PRO A 140 -12.95 -18.69 -22.23
C PRO A 140 -14.21 -17.82 -22.19
N TYR A 141 -14.11 -16.63 -21.58
CA TYR A 141 -15.24 -15.71 -21.41
C TYR A 141 -16.53 -16.45 -21.06
N SER A 142 -16.46 -17.25 -19.99
CA SER A 142 -17.44 -18.33 -19.80
C SER A 142 -18.90 -17.86 -19.74
N HIS A 143 -19.14 -16.70 -19.14
CA HIS A 143 -20.51 -16.19 -19.10
C HIS A 143 -21.08 -15.97 -20.51
N THR A 144 -20.25 -15.47 -21.41
CA THR A 144 -20.66 -15.24 -22.80
C THR A 144 -20.69 -16.54 -23.58
N PHE A 145 -19.67 -17.38 -23.40
CA PHE A 145 -19.61 -18.67 -24.08
C PHE A 145 -20.81 -19.56 -23.74
N GLU A 146 -21.21 -19.56 -22.47
CA GLU A 146 -22.35 -20.35 -22.01
C GLU A 146 -23.68 -19.95 -22.65
N HIS A 147 -23.90 -18.65 -22.82
N HIS A 147 -23.90 -18.65 -22.80
CA HIS A 147 -25.13 -18.14 -23.44
CA HIS A 147 -25.10 -18.11 -23.45
C HIS A 147 -25.24 -18.49 -24.92
C HIS A 147 -25.21 -18.59 -24.90
N ILE A 148 -24.11 -18.53 -25.64
CA ILE A 148 -24.10 -18.89 -27.06
C ILE A 148 -24.07 -20.41 -27.29
N PHE A 149 -23.27 -21.13 -26.51
CA PHE A 149 -23.01 -22.53 -26.80
C PHE A 149 -23.60 -23.57 -25.85
N ASP A 150 -24.43 -23.10 -24.90
CA ASP A 150 -25.09 -23.98 -23.92
C ASP A 150 -24.13 -24.89 -23.16
N THR A 151 -22.98 -24.34 -22.79
CA THR A 151 -22.08 -24.98 -21.83
C THR A 151 -22.45 -24.49 -20.43
N ASN A 152 -21.92 -25.17 -19.43
CA ASN A 152 -22.14 -24.78 -18.06
C ASN A 152 -20.89 -25.18 -17.29
N HIS A 153 -20.18 -24.17 -16.81
CA HIS A 153 -18.88 -24.38 -16.18
C HIS A 153 -18.98 -25.29 -14.95
N GLU A 154 -20.11 -25.21 -14.24
CA GLU A 154 -20.34 -26.05 -13.08
C GLU A 154 -20.47 -27.52 -13.47
N ALA A 155 -21.34 -27.80 -14.43
CA ALA A 155 -21.49 -29.15 -14.96
C ALA A 155 -20.13 -29.69 -15.43
N ILE A 156 -19.32 -28.81 -16.04
CA ILE A 156 -18.08 -29.26 -16.64
C ILE A 156 -17.02 -29.48 -15.57
N THR A 157 -17.05 -28.64 -14.53
CA THR A 157 -16.23 -28.86 -13.34
C THR A 157 -16.45 -30.25 -12.75
N VAL A 158 -17.71 -30.63 -12.58
CA VAL A 158 -18.07 -31.97 -12.08
C VAL A 158 -17.57 -33.06 -13.02
N GLN A 159 -17.82 -32.87 -14.32
CA GLN A 159 -17.38 -33.81 -15.33
C GLN A 159 -15.86 -34.03 -15.32
N ILE A 160 -15.10 -32.93 -15.23
CA ILE A 160 -13.64 -33.00 -15.16
C ILE A 160 -13.16 -33.87 -13.99
N ILE A 161 -13.76 -33.63 -12.82
CA ILE A 161 -13.40 -34.29 -11.57
C ILE A 161 -13.69 -35.80 -11.63
N THR A 162 -14.75 -36.18 -12.32
CA THR A 162 -15.24 -37.55 -12.28
C THR A 162 -15.12 -38.35 -13.57
N SER A 163 -14.48 -37.80 -14.60
CA SER A 163 -14.37 -38.51 -15.88
C SER A 163 -12.96 -39.09 -16.02
N PRO A 164 -12.86 -40.44 -16.18
CA PRO A 164 -11.56 -41.14 -16.11
C PRO A 164 -10.51 -40.65 -17.12
N GLU A 165 -10.95 -39.99 -18.19
CA GLU A 165 -10.05 -39.41 -19.18
C GLU A 165 -9.24 -38.16 -18.73
N THR A 166 -9.55 -37.58 -17.57
CA THR A 166 -8.79 -36.39 -17.16
C THR A 166 -7.63 -36.77 -16.24
N GLU A 167 -6.57 -35.95 -16.23
CA GLU A 167 -5.47 -36.15 -15.29
CA GLU A 167 -5.47 -36.15 -15.28
C GLU A 167 -5.96 -35.94 -13.84
N VAL A 168 -6.88 -35.00 -13.66
CA VAL A 168 -7.48 -34.69 -12.37
C VAL A 168 -8.18 -35.91 -11.77
N TYR A 169 -8.98 -36.61 -12.59
CA TYR A 169 -9.62 -37.84 -12.14
C TYR A 169 -8.57 -38.85 -11.70
N GLN A 170 -7.55 -39.05 -12.53
CA GLN A 170 -6.57 -40.10 -12.26
C GLN A 170 -5.84 -39.88 -10.95
N ILE A 171 -5.64 -38.60 -10.60
CA ILE A 171 -5.03 -38.22 -9.33
C ILE A 171 -5.99 -38.50 -8.19
N LEU A 172 -7.20 -37.96 -8.31
CA LEU A 172 -8.21 -38.13 -7.26
C LEU A 172 -8.57 -39.61 -6.99
N ASN A 173 -8.71 -40.39 -8.05
CA ASN A 173 -9.00 -41.83 -7.94
C ASN A 173 -7.90 -42.61 -7.21
N ARG A 174 -6.69 -42.07 -7.22
CA ARG A 174 -5.54 -42.70 -6.57
C ARG A 174 -5.57 -42.45 -5.06
N VAL A 175 -6.35 -41.45 -4.64
CA VAL A 175 -6.59 -41.18 -3.22
C VAL A 175 -7.42 -42.32 -2.62
N SER A 176 -8.62 -42.50 -3.16
CA SER A 176 -9.48 -43.68 -2.94
C SER A 176 -10.46 -43.78 -4.12
N ALA A 177 -11.07 -44.95 -4.29
CA ALA A 177 -11.97 -45.18 -5.44
C ALA A 177 -13.18 -44.21 -5.50
N ASP A 178 -13.73 -43.83 -4.35
N ASP A 178 -13.69 -43.82 -4.35
CA ASP A 178 -14.87 -42.91 -4.32
CA ASP A 178 -14.86 -42.93 -4.26
C ASP A 178 -14.49 -41.44 -4.13
C ASP A 178 -14.49 -41.44 -4.16
N PHE A 179 -13.19 -41.16 -4.07
CA PHE A 179 -12.70 -39.78 -3.87
C PHE A 179 -13.15 -38.77 -4.94
N PRO A 180 -13.06 -39.12 -6.23
CA PRO A 180 -13.57 -38.20 -7.26
C PRO A 180 -15.03 -37.79 -7.04
N GLU A 181 -15.91 -38.77 -6.79
CA GLU A 181 -17.33 -38.52 -6.52
C GLU A 181 -17.54 -37.62 -5.31
N LYS A 182 -16.77 -37.88 -4.25
CA LYS A 182 -16.83 -37.06 -3.04
C LYS A 182 -16.42 -35.60 -3.30
N VAL A 183 -15.29 -35.39 -3.98
CA VAL A 183 -14.81 -34.05 -4.27
C VAL A 183 -15.87 -33.25 -5.04
N ALA A 184 -16.45 -33.86 -6.07
CA ALA A 184 -17.49 -33.24 -6.87
C ALA A 184 -18.74 -32.90 -6.03
N SER A 185 -19.10 -33.79 -5.11
CA SER A 185 -20.23 -33.57 -4.24
C SER A 185 -20.04 -32.35 -3.33
N VAL A 186 -18.79 -32.02 -3.03
CA VAL A 186 -18.51 -30.78 -2.30
C VAL A 186 -18.90 -29.59 -3.17
N ILE A 187 -18.43 -29.60 -4.41
CA ILE A 187 -18.73 -28.55 -5.37
C ILE A 187 -20.21 -28.43 -5.68
N THR A 188 -20.89 -29.55 -5.78
CA THR A 188 -22.32 -29.54 -6.02
C THR A 188 -23.13 -29.37 -4.74
N LYS A 189 -22.42 -29.19 -3.62
CA LYS A 189 -23.03 -28.89 -2.31
C LYS A 189 -23.86 -30.04 -1.74
N GLN A 190 -23.61 -31.26 -2.22
CA GLN A 190 -24.31 -32.45 -1.71
C GLN A 190 -23.52 -33.23 -0.67
N TYR A 191 -22.26 -32.85 -0.46
CA TYR A 191 -21.41 -33.49 0.53
C TYR A 191 -22.01 -33.28 1.94
N PRO A 192 -21.97 -34.31 2.81
CA PRO A 192 -22.79 -34.28 4.02
C PRO A 192 -22.22 -33.42 5.17
N ASN A 193 -21.05 -32.85 4.98
CA ASN A 193 -20.45 -31.97 5.99
C ASN A 193 -20.59 -30.52 5.56
N PRO A 194 -21.41 -29.74 6.29
CA PRO A 194 -21.65 -28.34 5.92
C PRO A 194 -20.47 -27.41 6.15
N GLN A 195 -19.50 -27.82 6.96
CA GLN A 195 -18.33 -26.99 7.19
C GLN A 195 -17.47 -26.99 5.96
N VAL A 196 -17.42 -28.14 5.30
CA VAL A 196 -16.65 -28.33 4.10
C VAL A 196 -17.35 -27.63 2.92
N VAL A 197 -18.65 -27.86 2.79
CA VAL A 197 -19.44 -27.21 1.74
C VAL A 197 -19.33 -25.69 1.82
N GLN A 198 -19.59 -25.12 2.99
CA GLN A 198 -19.66 -23.66 3.17
C GLN A 198 -18.32 -22.92 3.12
N MET A 199 -17.22 -23.65 3.30
CA MET A 199 -15.89 -23.07 3.14
C MET A 199 -15.62 -22.70 1.68
N ILE A 200 -16.12 -23.52 0.75
CA ILE A 200 -15.95 -23.26 -0.68
C ILE A 200 -17.10 -22.39 -1.21
N SER A 201 -18.31 -22.60 -0.69
CA SER A 201 -19.46 -21.90 -1.24
C SER A 201 -20.49 -21.54 -0.19
N SER A 202 -20.59 -20.23 0.07
CA SER A 202 -21.61 -19.66 0.96
C SER A 202 -21.76 -18.16 0.63
N GLN A 203 -22.01 -17.32 1.64
CA GLN A 203 -22.07 -15.87 1.41
C GLN A 203 -20.73 -15.21 1.75
N ILE A 204 -19.85 -15.98 2.37
CA ILE A 204 -18.53 -15.53 2.79
C ILE A 204 -17.60 -16.75 2.76
N ASP A 205 -17.02 -17.04 1.61
CA ASP A 205 -16.29 -18.28 1.46
C ASP A 205 -14.95 -17.95 0.86
N ALA A 206 -14.07 -18.94 0.80
CA ALA A 206 -12.72 -18.77 0.30
C ALA A 206 -12.73 -18.25 -1.13
N ASP A 207 -13.73 -18.67 -1.90
CA ASP A 207 -13.88 -18.28 -3.29
C ASP A 207 -14.09 -16.76 -3.44
N ARG A 208 -15.13 -16.24 -2.80
CA ARG A 208 -15.41 -14.80 -2.81
C ARG A 208 -14.29 -13.99 -2.15
N MET A 209 -13.71 -14.51 -1.09
CA MET A 209 -12.65 -13.77 -0.41
C MET A 209 -11.43 -13.60 -1.31
N ASP A 210 -11.00 -14.66 -1.99
CA ASP A 210 -9.91 -14.51 -2.95
C ASP A 210 -10.25 -13.57 -4.12
N TYR A 211 -11.39 -13.80 -4.76
CA TYR A 211 -11.65 -12.99 -5.94
C TYR A 211 -11.86 -11.50 -5.65
N LEU A 212 -12.46 -11.18 -4.51
CA LEU A 212 -12.60 -9.77 -4.11
C LEU A 212 -11.23 -9.15 -3.87
N LEU A 213 -10.35 -9.85 -3.17
CA LEU A 213 -8.99 -9.33 -2.95
C LEU A 213 -8.19 -9.27 -4.25
N ARG A 214 -8.27 -10.32 -5.05
CA ARG A 214 -7.46 -10.43 -6.27
C ARG A 214 -7.96 -9.46 -7.34
N ASP A 215 -9.28 -9.41 -7.55
CA ASP A 215 -9.81 -8.48 -8.55
C ASP A 215 -9.47 -7.04 -8.20
N ALA A 216 -9.57 -6.67 -6.92
CA ALA A 216 -9.21 -5.33 -6.47
C ALA A 216 -7.73 -5.00 -6.66
N TYR A 217 -6.86 -5.96 -6.31
CA TYR A 217 -5.41 -5.84 -6.44
C TYR A 217 -5.01 -5.51 -7.89
N PHE A 218 -5.60 -6.23 -8.84
CA PHE A 218 -5.24 -6.10 -10.25
C PHE A 218 -5.96 -5.01 -11.03
N THR A 219 -7.22 -4.76 -10.74
CA THR A 219 -7.91 -3.62 -11.35
C THR A 219 -7.28 -2.34 -10.84
N GLY A 220 -6.85 -2.35 -9.57
CA GLY A 220 -6.26 -1.19 -8.92
C GLY A 220 -7.25 -0.40 -8.09
N THR A 221 -8.35 -1.04 -7.70
CA THR A 221 -9.34 -0.40 -6.81
C THR A 221 -9.07 -0.84 -5.37
N GLU A 222 -7.88 -0.51 -4.88
CA GLU A 222 -7.36 -1.05 -3.61
C GLU A 222 -8.12 -0.62 -2.34
N TYR A 223 -9.17 0.17 -2.49
CA TYR A 223 -9.97 0.61 -1.34
C TYR A 223 -11.29 -0.16 -1.19
N GLY A 224 -11.62 -0.94 -2.22
CA GLY A 224 -12.72 -1.90 -2.13
C GLY A 224 -12.20 -3.22 -1.58
N THR A 225 -11.60 -3.15 -0.39
CA THR A 225 -10.77 -4.22 0.18
C THR A 225 -10.95 -4.33 1.71
N PHE A 226 -11.08 -5.56 2.19
CA PHE A 226 -11.25 -5.87 3.62
C PHE A 226 -10.00 -6.57 4.17
N ASP A 227 -10.03 -6.97 5.43
CA ASP A 227 -8.87 -7.57 6.13
C ASP A 227 -9.04 -9.09 6.30
N LEU A 228 -8.43 -9.86 5.40
CA LEU A 228 -8.51 -11.32 5.43
C LEU A 228 -8.12 -11.91 6.79
N THR A 229 -7.03 -11.43 7.36
CA THR A 229 -6.53 -11.92 8.65
C THR A 229 -7.49 -11.74 9.82
N ARG A 230 -8.23 -10.63 9.84
CA ARG A 230 -9.19 -10.41 10.92
C ARG A 230 -10.36 -11.36 10.77
N ILE A 231 -10.79 -11.58 9.53
CA ILE A 231 -11.82 -12.57 9.25
C ILE A 231 -11.35 -13.97 9.65
N LEU A 232 -10.11 -14.31 9.34
CA LEU A 232 -9.54 -15.60 9.76
C LEU A 232 -9.46 -15.77 11.27
N ARG A 233 -9.43 -14.66 12.00
CA ARG A 233 -9.34 -14.68 13.46
C ARG A 233 -10.70 -15.03 14.10
N VAL A 234 -11.79 -14.71 13.40
CA VAL A 234 -13.13 -14.88 13.95
C VAL A 234 -13.99 -15.97 13.28
N ILE A 235 -13.48 -16.57 12.22
CA ILE A 235 -14.18 -17.68 11.57
C ILE A 235 -14.27 -18.93 12.49
N ARG A 236 -15.45 -19.53 12.56
CA ARG A 236 -15.71 -20.68 13.44
C ARG A 236 -16.47 -21.79 12.72
N PRO A 237 -16.10 -23.05 13.01
CA PRO A 237 -16.93 -24.19 12.60
C PRO A 237 -18.02 -24.47 13.66
N TYR A 238 -19.19 -24.92 13.21
CA TYR A 238 -20.23 -25.42 14.11
C TYR A 238 -21.07 -26.46 13.39
N LYS A 239 -22.09 -26.98 14.08
CA LYS A 239 -22.98 -28.02 13.55
C LYS A 239 -23.58 -27.63 12.20
N GLY A 240 -24.00 -26.37 12.07
CA GLY A 240 -24.65 -25.89 10.85
C GLY A 240 -23.71 -25.42 9.74
N GLY A 241 -22.42 -25.44 9.99
CA GLY A 241 -21.47 -25.04 8.95
C GLY A 241 -20.41 -24.09 9.46
N ILE A 242 -20.50 -22.84 9.03
CA ILE A 242 -19.46 -21.85 9.34
C ILE A 242 -20.09 -20.56 9.82
N ALA A 243 -19.56 -20.05 10.92
CA ALA A 243 -20.06 -18.82 11.48
C ALA A 243 -18.88 -17.94 11.83
N PHE A 244 -19.17 -16.71 12.23
CA PHE A 244 -18.14 -15.71 12.51
C PHE A 244 -18.42 -15.10 13.86
N ALA A 245 -17.45 -15.20 14.77
CA ALA A 245 -17.59 -14.68 16.13
C ALA A 245 -18.06 -13.22 16.12
N MET A 246 -18.92 -12.89 17.08
CA MET A 246 -19.55 -11.56 17.21
C MET A 246 -18.56 -10.38 17.30
N ASN A 247 -17.41 -10.59 17.93
CA ASN A 247 -16.39 -9.54 18.09
C ASN A 247 -15.71 -9.20 16.75
N GLY A 248 -15.99 -9.99 15.72
CA GLY A 248 -15.50 -9.71 14.37
C GLY A 248 -16.55 -9.11 13.46
N MET A 249 -17.68 -8.67 14.01
CA MET A 249 -18.76 -8.14 13.18
C MET A 249 -18.29 -7.08 12.17
N HIS A 250 -17.46 -6.15 12.63
CA HIS A 250 -17.03 -5.04 11.79
C HIS A 250 -16.19 -5.49 10.60
N ALA A 251 -15.32 -6.47 10.81
CA ALA A 251 -14.52 -7.05 9.75
C ALA A 251 -15.41 -7.76 8.72
N VAL A 252 -16.46 -8.41 9.20
CA VAL A 252 -17.45 -9.05 8.34
C VAL A 252 -18.20 -7.95 7.59
N GLU A 253 -18.48 -6.82 8.25
CA GLU A 253 -19.05 -5.64 7.57
C GLU A 253 -18.16 -5.13 6.44
N ASP A 254 -16.85 -4.97 6.69
CA ASP A 254 -15.91 -4.47 5.68
C ASP A 254 -15.97 -5.33 4.43
N TYR A 255 -16.15 -6.63 4.63
CA TYR A 255 -16.23 -7.58 3.56
C TYR A 255 -17.47 -7.33 2.69
N ILE A 256 -18.61 -7.16 3.33
CA ILE A 256 -19.83 -6.83 2.59
C ILE A 256 -19.63 -5.50 1.84
N VAL A 257 -18.95 -4.54 2.47
CA VAL A 257 -18.65 -3.25 1.87
C VAL A 257 -17.80 -3.42 0.62
N SER A 258 -16.73 -4.20 0.71
CA SER A 258 -15.88 -4.50 -0.44
C SER A 258 -16.67 -5.19 -1.54
N ARG A 259 -17.45 -6.19 -1.15
CA ARG A 259 -18.24 -6.95 -2.09
C ARG A 259 -19.09 -6.00 -2.92
N TYR A 260 -19.90 -5.21 -2.23
CA TYR A 260 -20.77 -4.26 -2.91
CA TYR A 260 -20.77 -4.21 -2.87
C TYR A 260 -19.99 -3.26 -3.76
N GLN A 261 -18.88 -2.73 -3.24
CA GLN A 261 -18.07 -1.76 -4.00
C GLN A 261 -17.54 -2.36 -5.32
N MET A 262 -17.05 -3.60 -5.26
CA MET A 262 -16.49 -4.26 -6.43
C MET A 262 -17.56 -4.48 -7.51
N TYR A 263 -18.77 -4.82 -7.06
CA TYR A 263 -19.90 -5.02 -7.94
C TYR A 263 -20.26 -3.75 -8.73
N VAL A 264 -20.49 -2.64 -8.03
CA VAL A 264 -21.01 -1.44 -8.72
C VAL A 264 -19.93 -0.67 -9.47
N GLN A 265 -18.68 -0.92 -9.13
CA GLN A 265 -17.58 -0.14 -9.68
C GLN A 265 -16.86 -0.89 -10.79
N VAL A 266 -16.70 -2.21 -10.61
CA VAL A 266 -15.92 -3.04 -11.53
C VAL A 266 -16.81 -3.97 -12.37
N TYR A 267 -17.43 -4.97 -11.74
CA TYR A 267 -18.12 -6.02 -12.51
C TYR A 267 -19.28 -5.49 -13.36
N PHE A 268 -19.94 -4.43 -12.90
CA PHE A 268 -21.12 -3.89 -13.57
C PHE A 268 -20.82 -2.78 -14.56
N HIS A 269 -19.54 -2.46 -14.76
CA HIS A 269 -19.12 -1.35 -15.63
C HIS A 269 -19.66 -1.49 -17.05
N PRO A 270 -20.31 -0.43 -17.56
CA PRO A 270 -20.99 -0.46 -18.87
C PRO A 270 -20.05 -0.74 -20.06
N VAL A 271 -18.81 -0.28 -19.98
CA VAL A 271 -17.90 -0.42 -21.12
C VAL A 271 -17.44 -1.88 -21.30
N SER A 272 -17.18 -2.57 -20.20
CA SER A 272 -16.84 -4.00 -20.24
C SER A 272 -18.01 -4.80 -20.78
N ARG A 273 -19.20 -4.41 -20.37
CA ARG A 273 -20.41 -5.06 -20.84
C ARG A 273 -20.59 -4.79 -22.34
N GLY A 274 -20.25 -3.58 -22.76
CA GLY A 274 -20.25 -3.22 -24.18
C GLY A 274 -19.33 -4.10 -25.01
N MET A 275 -18.18 -4.46 -24.46
CA MET A 275 -17.28 -5.41 -25.10
C MET A 275 -17.87 -6.82 -25.11
N GLU A 276 -18.54 -7.16 -24.01
CA GLU A 276 -19.17 -8.45 -23.85
C GLU A 276 -20.25 -8.65 -24.91
N VAL A 277 -21.07 -7.63 -25.13
CA VAL A 277 -22.11 -7.64 -26.16
C VAL A 277 -21.49 -7.90 -27.56
N ILE A 278 -20.36 -7.26 -27.84
CA ILE A 278 -19.64 -7.47 -29.10
C ILE A 278 -19.23 -8.93 -29.21
N LEU A 279 -18.64 -9.48 -28.16
CA LEU A 279 -18.18 -10.85 -28.15
C LEU A 279 -19.32 -11.82 -28.42
N ASP A 280 -20.40 -11.66 -27.66
CA ASP A 280 -21.60 -12.47 -27.82
C ASP A 280 -22.08 -12.46 -29.29
N HIS A 281 -22.22 -11.26 -29.84
CA HIS A 281 -22.74 -11.08 -31.20
C HIS A 281 -21.75 -11.57 -32.25
N LEU A 282 -20.46 -11.50 -31.93
CA LEU A 282 -19.40 -12.04 -32.76
C LEU A 282 -19.47 -13.58 -32.86
N LEU A 283 -19.60 -14.24 -31.71
CA LEU A 283 -19.64 -15.70 -31.68
C LEU A 283 -20.94 -16.21 -32.27
N HIS A 284 -22.02 -15.44 -32.11
CA HIS A 284 -23.31 -15.84 -32.64
C HIS A 284 -23.35 -15.75 -34.17
N ARG A 285 -22.78 -14.69 -34.72
CA ARG A 285 -22.70 -14.52 -36.18
C ARG A 285 -21.90 -15.67 -36.80
N ALA A 286 -20.74 -15.95 -36.22
CA ALA A 286 -19.87 -17.05 -36.66
C ALA A 286 -20.64 -18.36 -36.78
N LYS A 287 -21.38 -18.68 -35.72
CA LYS A 287 -22.18 -19.89 -35.63
C LYS A 287 -23.28 -19.90 -36.69
N GLU A 288 -23.92 -18.75 -36.93
CA GLU A 288 -24.96 -18.65 -37.96
C GLU A 288 -24.39 -18.82 -39.38
N LEU A 289 -23.22 -18.24 -39.63
CA LEU A 289 -22.52 -18.40 -40.88
C LEU A 289 -22.15 -19.86 -41.16
N PHE A 290 -21.61 -20.54 -40.14
CA PHE A 290 -21.20 -21.93 -40.25
C PHE A 290 -22.36 -22.84 -40.64
N GLU A 291 -23.53 -22.55 -40.06
CA GLU A 291 -24.75 -23.34 -40.29
C GLU A 291 -25.45 -23.05 -41.62
N ASN A 292 -25.14 -21.90 -42.22
CA ASN A 292 -25.74 -21.47 -43.48
C ASN A 292 -25.01 -22.03 -44.71
N PRO A 293 -25.70 -22.86 -45.52
CA PRO A 293 -25.12 -23.48 -46.73
C PRO A 293 -24.75 -22.46 -47.81
N GLU A 294 -25.44 -21.32 -47.82
CA GLU A 294 -25.18 -20.26 -48.80
C GLU A 294 -23.87 -19.52 -48.52
N PHE A 295 -23.36 -19.65 -47.28
CA PHE A 295 -22.05 -19.10 -46.92
C PHE A 295 -20.96 -20.11 -47.29
N ASP A 296 -20.03 -19.66 -48.13
CA ASP A 296 -19.08 -20.57 -48.77
C ASP A 296 -17.60 -20.30 -48.49
N TYR A 297 -17.29 -19.72 -47.34
CA TYR A 297 -15.88 -19.63 -46.95
C TYR A 297 -15.54 -20.39 -45.65
N ASP A 298 -14.28 -20.82 -45.58
CA ASP A 298 -13.73 -21.59 -44.47
C ASP A 298 -13.32 -20.67 -43.33
N LEU A 299 -14.01 -20.79 -42.19
CA LEU A 299 -13.70 -19.99 -41.00
C LEU A 299 -12.42 -20.41 -40.30
N GLN A 300 -11.84 -21.53 -40.72
CA GLN A 300 -10.58 -22.06 -40.16
C GLN A 300 -10.59 -22.14 -38.63
N ALA A 301 -11.76 -22.47 -38.08
CA ALA A 301 -11.98 -22.44 -36.64
C ALA A 301 -12.22 -23.83 -36.07
N SER A 302 -11.30 -24.74 -36.36
CA SER A 302 -11.45 -26.18 -36.05
C SER A 302 -11.87 -26.49 -34.61
N LEU A 303 -11.22 -25.87 -33.63
CA LEU A 303 -11.53 -26.09 -32.22
C LEU A 303 -12.93 -25.58 -31.80
N LEU A 304 -13.54 -24.73 -32.63
CA LEU A 304 -14.90 -24.24 -32.38
C LEU A 304 -15.98 -25.05 -33.09
N VAL A 305 -15.61 -25.72 -34.18
CA VAL A 305 -16.55 -26.52 -34.97
C VAL A 305 -17.56 -27.36 -34.14
N PRO A 306 -17.07 -28.17 -33.16
CA PRO A 306 -17.99 -28.97 -32.35
C PRO A 306 -19.04 -28.12 -31.64
N PHE A 307 -18.70 -26.87 -31.38
CA PHE A 307 -19.58 -25.95 -30.69
C PHE A 307 -20.53 -25.24 -31.65
N PHE A 308 -20.06 -24.90 -32.84
CA PHE A 308 -20.96 -24.47 -33.92
C PHE A 308 -22.03 -25.52 -34.18
N LYS A 309 -21.64 -26.79 -34.15
CA LYS A 309 -22.57 -27.90 -34.44
C LYS A 309 -23.45 -28.28 -33.25
N GLY A 310 -23.11 -27.77 -32.07
CA GLY A 310 -23.83 -28.13 -30.84
C GLY A 310 -23.64 -29.57 -30.44
N ASP A 311 -22.45 -30.11 -30.67
CA ASP A 311 -22.17 -31.52 -30.40
C ASP A 311 -20.70 -31.72 -30.01
N PHE A 312 -20.39 -31.47 -28.74
CA PHE A 312 -19.01 -31.42 -28.30
C PHE A 312 -18.73 -32.43 -27.20
N THR A 313 -17.45 -32.82 -27.08
CA THR A 313 -17.00 -33.64 -25.97
C THR A 313 -16.18 -32.80 -24.98
N LEU A 314 -15.95 -33.36 -23.79
CA LEU A 314 -15.11 -32.72 -22.81
C LEU A 314 -13.71 -32.42 -23.37
N GLN A 315 -13.13 -33.42 -24.06
CA GLN A 315 -11.81 -33.26 -24.68
CA GLN A 315 -11.82 -33.28 -24.71
C GLN A 315 -11.77 -32.03 -25.59
N GLU A 316 -12.77 -31.89 -26.46
CA GLU A 316 -12.87 -30.73 -27.33
C GLU A 316 -13.00 -29.44 -26.51
N TYR A 317 -13.78 -29.49 -25.43
CA TYR A 317 -13.94 -28.35 -24.55
C TYR A 317 -12.64 -27.95 -23.86
N LEU A 318 -11.89 -28.93 -23.36
CA LEU A 318 -10.62 -28.67 -22.67
C LEU A 318 -9.58 -27.95 -23.54
N LYS A 319 -9.75 -28.03 -24.85
CA LYS A 319 -8.83 -27.36 -25.76
C LYS A 319 -9.07 -25.85 -25.85
N LEU A 320 -10.23 -25.38 -25.41
CA LEU A 320 -10.52 -23.96 -25.52
C LEU A 320 -9.92 -23.15 -24.37
N ASP A 321 -9.39 -21.98 -24.74
CA ASP A 321 -9.00 -20.95 -23.79
C ASP A 321 -9.15 -19.62 -24.52
N ASP A 322 -8.82 -18.50 -23.88
CA ASP A 322 -9.03 -17.16 -24.43
C ASP A 322 -8.33 -16.95 -25.77
N GLY A 323 -7.11 -17.48 -25.88
CA GLY A 323 -6.28 -17.34 -27.08
C GLY A 323 -6.84 -18.01 -28.32
N VAL A 324 -7.58 -19.11 -28.15
CA VAL A 324 -8.23 -19.79 -29.27
C VAL A 324 -9.19 -18.82 -29.97
N LEU A 325 -10.00 -18.14 -29.18
CA LEU A 325 -10.99 -17.21 -29.72
C LEU A 325 -10.32 -16.05 -30.43
N SER A 326 -9.36 -15.39 -29.78
CA SER A 326 -8.76 -14.22 -30.40
C SER A 326 -7.97 -14.59 -31.66
N THR A 327 -7.37 -15.79 -31.66
CA THR A 327 -6.66 -16.31 -32.82
C THR A 327 -7.63 -16.44 -33.99
N TYR A 328 -8.80 -17.03 -33.76
CA TYR A 328 -9.79 -17.20 -34.82
C TYR A 328 -10.38 -15.85 -35.26
N PHE A 329 -10.60 -14.94 -34.30
CA PHE A 329 -11.07 -13.59 -34.65
C PHE A 329 -10.10 -12.89 -35.61
N THR A 330 -8.81 -13.03 -35.37
CA THR A 330 -7.79 -12.40 -36.21
C THR A 330 -7.93 -12.90 -37.65
N GLN A 331 -8.09 -14.22 -37.80
CA GLN A 331 -8.27 -14.85 -39.10
C GLN A 331 -9.57 -14.39 -39.78
N TRP A 332 -10.56 -13.99 -38.99
CA TRP A 332 -11.87 -13.62 -39.53
C TRP A 332 -11.97 -12.19 -40.04
N MET A 333 -11.01 -11.34 -39.67
CA MET A 333 -10.99 -9.96 -40.15
C MET A 333 -10.93 -9.89 -41.69
N ASP A 334 -10.75 -11.05 -42.33
CA ASP A 334 -10.65 -11.13 -43.79
C ASP A 334 -11.83 -11.83 -44.44
N VAL A 335 -12.78 -12.29 -43.64
CA VAL A 335 -13.94 -13.06 -44.11
C VAL A 335 -14.85 -12.27 -45.07
N PRO A 336 -15.40 -12.94 -46.09
CA PRO A 336 -16.37 -12.33 -47.03
C PRO A 336 -17.72 -11.91 -46.42
N ASP A 337 -17.78 -11.79 -45.09
CA ASP A 337 -18.97 -11.31 -44.39
C ASP A 337 -18.64 -10.00 -43.69
N SER A 338 -19.38 -8.95 -44.02
CA SER A 338 -19.04 -7.62 -43.51
C SER A 338 -19.31 -7.49 -42.00
N ILE A 339 -20.36 -8.16 -41.52
CA ILE A 339 -20.74 -8.15 -40.11
C ILE A 339 -19.71 -8.93 -39.27
N LEU A 340 -19.43 -10.19 -39.64
CA LEU A 340 -18.41 -10.96 -38.93
C LEU A 340 -17.08 -10.21 -38.89
N GLY A 341 -16.63 -9.76 -40.06
CA GLY A 341 -15.41 -8.97 -40.19
C GLY A 341 -15.37 -7.78 -39.25
N ASP A 342 -16.43 -6.98 -39.26
CA ASP A 342 -16.50 -5.80 -38.39
C ASP A 342 -16.52 -6.13 -36.91
N LEU A 343 -17.32 -7.13 -36.51
CA LEU A 343 -17.38 -7.58 -35.12
C LEU A 343 -16.05 -8.14 -34.61
N ALA A 344 -15.33 -8.85 -35.48
CA ALA A 344 -14.01 -9.35 -35.13
C ALA A 344 -13.05 -8.18 -34.89
N LYS A 345 -13.11 -7.18 -35.76
CA LYS A 345 -12.35 -5.95 -35.62
C LYS A 345 -12.67 -5.30 -34.27
N ARG A 346 -13.97 -5.12 -34.02
CA ARG A 346 -14.42 -4.40 -32.83
C ARG A 346 -13.89 -5.06 -31.56
N PHE A 347 -13.89 -6.38 -31.53
CA PHE A 347 -13.39 -7.07 -30.35
C PHE A 347 -11.87 -6.99 -30.20
N LEU A 348 -11.17 -7.17 -31.31
CA LEU A 348 -9.71 -7.17 -31.25
C LEU A 348 -9.16 -5.77 -30.97
N MET A 349 -9.85 -4.75 -31.49
CA MET A 349 -9.32 -3.38 -31.47
C MET A 349 -9.99 -2.49 -30.43
N ARG A 350 -10.92 -3.06 -29.66
CA ARG A 350 -11.64 -2.34 -28.60
C ARG A 350 -12.52 -1.21 -29.14
N LYS A 351 -13.62 -1.58 -29.78
CA LYS A 351 -14.64 -0.63 -30.17
C LYS A 351 -15.97 -1.12 -29.59
N PRO A 352 -16.19 -0.90 -28.28
CA PRO A 352 -17.44 -1.39 -27.70
C PRO A 352 -18.62 -0.55 -28.16
N LEU A 353 -19.82 -1.14 -28.14
CA LEU A 353 -21.05 -0.37 -28.31
C LEU A 353 -21.23 0.54 -27.09
N LYS A 354 -21.81 1.71 -27.31
CA LYS A 354 -22.22 2.62 -26.24
C LYS A 354 -23.53 2.15 -25.63
N SER A 355 -23.82 2.61 -24.41
CA SER A 355 -25.08 2.29 -23.75
C SER A 355 -25.76 3.49 -23.11
N ALA A 356 -27.08 3.37 -22.97
CA ALA A 356 -27.87 4.32 -22.19
C ALA A 356 -28.76 3.50 -21.27
N THR A 357 -29.04 4.04 -20.10
CA THR A 357 -29.90 3.36 -19.13
C THR A 357 -31.37 3.55 -19.47
N PHE A 358 -32.20 2.59 -19.08
CA PHE A 358 -33.64 2.77 -19.02
C PHE A 358 -34.19 2.18 -17.72
N THR A 359 -35.46 2.46 -17.42
CA THR A 359 -36.09 2.00 -16.18
C THR A 359 -36.51 0.53 -16.25
N ASN A 360 -37.57 0.22 -17.00
CA ASN A 360 -37.96 -1.17 -17.22
C ASN A 360 -38.33 -1.51 -18.68
N GLU A 361 -38.20 -2.80 -19.01
CA GLU A 361 -38.46 -3.31 -20.37
C GLU A 361 -39.81 -2.91 -20.95
N LYS A 362 -40.86 -3.00 -20.13
CA LYS A 362 -42.22 -2.70 -20.55
C LYS A 362 -42.37 -1.25 -21.05
N GLU A 363 -42.02 -0.28 -20.19
CA GLU A 363 -42.14 1.15 -20.51
C GLU A 363 -41.35 1.57 -21.76
N SER A 364 -40.12 1.09 -21.85
CA SER A 364 -39.15 1.53 -22.85
C SER A 364 -39.36 0.88 -24.23
N ALA A 365 -40.03 -0.27 -24.23
CA ALA A 365 -40.26 -1.08 -25.42
C ALA A 365 -40.46 -0.27 -26.72
N ALA A 366 -41.42 0.65 -26.70
CA ALA A 366 -41.73 1.46 -27.88
C ALA A 366 -40.53 2.33 -28.34
N THR A 367 -39.86 2.97 -27.39
CA THR A 367 -38.72 3.81 -27.68
C THR A 367 -37.55 2.98 -28.22
N ILE A 368 -37.25 1.87 -27.56
CA ILE A 368 -36.19 0.95 -28.01
C ILE A 368 -36.42 0.48 -29.45
N ALA A 369 -37.63 0.01 -29.74
CA ALA A 369 -38.03 -0.39 -31.09
C ALA A 369 -37.75 0.68 -32.14
N TYR A 370 -38.13 1.93 -31.84
CA TYR A 370 -37.93 3.04 -32.76
C TYR A 370 -36.46 3.42 -32.94
N LEU A 371 -35.69 3.36 -31.87
CA LEU A 371 -34.25 3.62 -31.97
C LEU A 371 -33.56 2.55 -32.83
N ARG A 372 -34.02 1.31 -32.68
CA ARG A 372 -33.55 0.23 -33.53
C ARG A 372 -33.85 0.49 -35.01
N GLU A 373 -35.04 1.03 -35.31
CA GLU A 373 -35.39 1.44 -36.67
C GLU A 373 -34.40 2.48 -37.23
N LEU A 374 -34.11 3.51 -36.43
CA LEU A 374 -33.15 4.55 -36.79
C LEU A 374 -31.75 3.97 -37.07
N ILE A 375 -31.26 3.17 -36.12
CA ILE A 375 -30.01 2.44 -36.28
C ILE A 375 -29.99 1.63 -37.59
N GLU A 376 -31.09 0.95 -37.89
CA GLU A 376 -31.18 0.15 -39.12
C GLU A 376 -31.04 1.04 -40.34
N LYS A 377 -31.91 2.05 -40.45
CA LYS A 377 -31.92 3.01 -41.55
C LYS A 377 -30.52 3.52 -41.90
N VAL A 378 -29.71 3.74 -40.87
CA VAL A 378 -28.35 4.23 -41.03
C VAL A 378 -27.34 3.13 -41.44
N GLY A 379 -27.82 1.89 -41.57
CA GLY A 379 -27.00 0.79 -42.07
C GLY A 379 -26.37 -0.13 -41.04
N PHE A 380 -26.93 -0.16 -39.83
CA PHE A 380 -26.51 -1.14 -38.82
C PHE A 380 -27.65 -2.13 -38.59
N ASN A 381 -27.33 -3.40 -38.76
CA ASN A 381 -28.29 -4.46 -38.51
C ASN A 381 -28.49 -4.56 -37.00
N PRO A 382 -29.68 -4.16 -36.51
CA PRO A 382 -29.97 -4.00 -35.10
C PRO A 382 -29.72 -5.28 -34.29
N LYS A 383 -29.90 -6.44 -34.92
CA LYS A 383 -29.69 -7.72 -34.25
C LYS A 383 -28.25 -7.86 -33.72
N TYR A 384 -27.27 -7.35 -34.47
CA TYR A 384 -25.86 -7.46 -34.13
C TYR A 384 -25.29 -6.20 -33.51
N TYR A 385 -25.96 -5.07 -33.70
CA TYR A 385 -25.43 -3.79 -33.25
C TYR A 385 -26.24 -3.11 -32.14
N THR A 386 -27.26 -3.81 -31.65
CA THR A 386 -27.97 -3.37 -30.45
C THR A 386 -28.13 -4.54 -29.52
N ALA A 387 -28.43 -4.25 -28.25
CA ALA A 387 -28.81 -5.27 -27.26
C ALA A 387 -29.45 -4.61 -26.05
N ILE A 388 -30.22 -5.41 -25.32
CA ILE A 388 -30.72 -5.04 -24.02
C ILE A 388 -29.96 -5.87 -23.00
N ASN A 389 -29.52 -5.23 -21.93
CA ASN A 389 -28.54 -5.79 -21.05
C ASN A 389 -28.79 -5.36 -19.62
N SER A 390 -28.79 -6.32 -18.69
CA SER A 390 -29.01 -6.03 -17.27
C SER A 390 -27.88 -6.62 -16.43
N SER A 391 -27.51 -5.90 -15.37
CA SER A 391 -26.46 -6.36 -14.46
C SER A 391 -26.95 -7.54 -13.62
N TYR A 392 -28.27 -7.66 -13.48
CA TYR A 392 -28.89 -8.81 -12.84
C TYR A 392 -28.55 -10.14 -13.57
N ASP A 393 -28.25 -10.05 -14.87
CA ASP A 393 -27.92 -11.23 -15.69
C ASP A 393 -26.51 -11.75 -15.44
N LEU A 394 -25.69 -10.96 -14.76
CA LEU A 394 -24.29 -11.29 -14.52
C LEU A 394 -24.11 -12.21 -13.30
N PRO A 395 -23.02 -13.00 -13.24
CA PRO A 395 -22.88 -14.00 -12.18
C PRO A 395 -22.35 -13.46 -10.86
N TYR A 396 -23.00 -12.43 -10.34
CA TYR A 396 -22.62 -11.89 -9.02
C TYR A 396 -23.89 -11.59 -8.25
N ASP A 397 -24.05 -12.26 -7.11
CA ASP A 397 -25.27 -12.18 -6.34
C ASP A 397 -25.11 -11.23 -5.17
N PHE A 398 -26.21 -10.59 -4.78
CA PHE A 398 -26.22 -9.71 -3.61
C PHE A 398 -26.54 -10.51 -2.37
N TYR A 399 -26.13 -9.96 -1.22
CA TYR A 399 -26.47 -10.55 0.07
C TYR A 399 -27.95 -10.32 0.35
N ARG A 400 -28.71 -11.41 0.27
CA ARG A 400 -30.15 -11.40 0.46
C ARG A 400 -30.53 -12.47 1.47
N PRO A 401 -30.25 -12.23 2.77
CA PRO A 401 -30.43 -13.28 3.76
C PRO A 401 -31.89 -13.73 3.85
N ASN A 402 -32.08 -15.05 3.75
CA ASN A 402 -33.40 -15.69 3.72
C ASN A 402 -33.37 -16.96 4.57
N LYS A 403 -34.25 -17.02 5.55
CA LYS A 403 -34.25 -18.10 6.54
C LYS A 403 -34.70 -19.47 6.02
N ASP A 404 -35.17 -19.52 4.77
CA ASP A 404 -35.54 -20.79 4.14
C ASP A 404 -34.36 -21.47 3.45
N ARG A 405 -33.36 -20.67 3.08
CA ARG A 405 -32.14 -21.17 2.46
C ARG A 405 -30.96 -20.77 3.33
N HIS A 406 -30.60 -21.64 4.28
CA HIS A 406 -29.61 -21.34 5.32
C HIS A 406 -28.28 -20.82 4.78
N ARG A 407 -27.91 -21.26 3.58
CA ARG A 407 -26.63 -20.89 2.98
C ARG A 407 -26.66 -19.47 2.38
N THR A 408 -27.77 -18.76 2.57
CA THR A 408 -27.89 -17.37 2.12
C THR A 408 -27.65 -16.38 3.27
N GLN A 409 -27.39 -16.92 4.45
CA GLN A 409 -27.16 -16.08 5.61
C GLN A 409 -25.71 -16.12 6.04
N ILE A 410 -25.23 -14.99 6.57
CA ILE A 410 -23.97 -14.94 7.29
C ILE A 410 -24.34 -14.95 8.77
N GLU A 411 -23.80 -15.93 9.50
CA GLU A 411 -24.14 -16.16 10.90
C GLU A 411 -23.06 -15.62 11.83
N LEU A 412 -23.47 -14.86 12.83
CA LEU A 412 -22.55 -14.34 13.82
C LEU A 412 -22.75 -15.12 15.10
N MET A 413 -21.66 -15.66 15.64
CA MET A 413 -21.74 -16.47 16.86
C MET A 413 -21.54 -15.62 18.11
N GLN A 414 -22.55 -15.64 18.97
CA GLN A 414 -22.48 -14.93 20.23
C GLN A 414 -21.63 -15.75 21.20
N LYS A 415 -21.13 -15.10 22.23
CA LYS A 415 -20.29 -15.75 23.22
C LYS A 415 -20.92 -17.04 23.78
N ASP A 416 -22.22 -17.01 24.07
CA ASP A 416 -22.95 -18.19 24.53
C ASP A 416 -23.22 -19.26 23.45
N GLY A 417 -22.71 -19.05 22.23
CA GLY A 417 -22.85 -20.04 21.16
C GLY A 417 -24.06 -19.86 20.26
N SER A 418 -24.99 -18.98 20.64
CA SER A 418 -26.16 -18.68 19.81
C SER A 418 -25.77 -17.90 18.54
N LEU A 419 -26.61 -18.00 17.51
CA LEU A 419 -26.33 -17.38 16.22
C LEU A 419 -27.30 -16.25 15.91
N VAL A 420 -26.77 -15.13 15.41
CA VAL A 420 -27.61 -14.08 14.84
C VAL A 420 -27.12 -13.73 13.43
N GLU A 421 -28.07 -13.61 12.52
CA GLU A 421 -27.80 -13.22 11.14
C GLU A 421 -27.26 -11.78 11.12
N LEU A 422 -26.27 -11.55 10.26
CA LEU A 422 -25.56 -10.28 10.14
C LEU A 422 -26.45 -9.03 10.08
N ALA A 423 -27.39 -9.00 9.12
CA ALA A 423 -28.16 -7.79 8.85
C ALA A 423 -29.00 -7.35 10.04
N THR A 424 -29.41 -8.31 10.89
CA THR A 424 -30.19 -7.96 12.09
C THR A 424 -29.34 -7.16 13.07
N VAL A 425 -28.03 -7.36 13.07
CA VAL A 425 -27.18 -6.59 13.99
C VAL A 425 -26.41 -5.44 13.36
N SER A 426 -26.27 -5.44 12.04
CA SER A 426 -25.54 -4.38 11.35
C SER A 426 -26.41 -3.55 10.44
N PRO A 427 -26.73 -2.31 10.86
CA PRO A 427 -27.50 -1.37 10.04
C PRO A 427 -26.80 -1.06 8.72
N LEU A 428 -25.47 -1.01 8.74
CA LEU A 428 -24.69 -0.80 7.52
C LEU A 428 -24.97 -1.90 6.49
N VAL A 429 -24.82 -3.15 6.89
CA VAL A 429 -25.10 -4.29 6.01
C VAL A 429 -26.56 -4.24 5.55
N ALA A 430 -27.47 -4.00 6.50
CA ALA A 430 -28.89 -3.94 6.21
C ALA A 430 -29.22 -2.83 5.19
N ALA A 431 -28.46 -1.75 5.25
CA ALA A 431 -28.56 -0.68 4.26
C ALA A 431 -28.05 -1.11 2.88
N LEU A 432 -27.02 -1.95 2.84
CA LEU A 432 -26.45 -2.42 1.57
C LEU A 432 -27.30 -3.51 0.96
N ALA A 433 -27.64 -4.50 1.77
CA ALA A 433 -28.59 -5.55 1.41
C ALA A 433 -29.93 -4.95 0.93
N GLY A 434 -30.19 -3.72 1.36
CA GLY A 434 -31.41 -3.00 0.98
C GLY A 434 -31.20 -1.96 -0.11
N GLN A 435 -29.96 -1.78 -0.54
CA GLN A 435 -29.66 -0.94 -1.71
C GLN A 435 -30.13 -1.70 -2.96
N SER A 436 -29.93 -3.03 -2.92
CA SER A 436 -30.72 -4.01 -3.68
C SER A 436 -31.29 -3.47 -5.01
N GLN A 437 -30.49 -3.58 -6.06
CA GLN A 437 -30.86 -3.07 -7.38
C GLN A 437 -29.83 -3.47 -8.44
N GLY A 438 -30.35 -3.97 -9.56
CA GLY A 438 -29.54 -4.20 -10.78
C GLY A 438 -30.06 -3.29 -11.88
N ASP A 439 -29.18 -2.86 -12.78
CA ASP A 439 -29.54 -1.84 -13.78
C ASP A 439 -30.12 -2.40 -15.09
N GLU A 440 -30.52 -1.50 -15.99
CA GLU A 440 -31.04 -1.88 -17.32
C GLU A 440 -30.43 -0.99 -18.39
N ARG A 441 -29.88 -1.60 -19.45
CA ARG A 441 -29.19 -0.85 -20.50
C ARG A 441 -29.53 -1.24 -21.94
N PHE A 442 -29.50 -0.23 -22.81
CA PHE A 442 -29.67 -0.41 -24.24
C PHE A 442 -28.34 -0.05 -24.90
N TYR A 443 -27.83 -0.95 -25.73
CA TYR A 443 -26.52 -0.76 -26.38
C TYR A 443 -26.69 -0.43 -27.85
N PHE A 444 -25.76 0.35 -28.39
CA PHE A 444 -25.82 0.82 -29.76
C PHE A 444 -24.44 1.27 -30.20
N PRO A 445 -24.21 1.41 -31.52
CA PRO A 445 -22.90 1.87 -31.99
C PRO A 445 -22.64 3.31 -31.57
N LYS A 446 -21.39 3.62 -31.24
CA LYS A 446 -20.96 4.95 -30.85
C LYS A 446 -21.18 5.95 -31.99
N GLU A 447 -20.98 5.48 -33.22
CA GLU A 447 -21.10 6.32 -34.41
C GLU A 447 -22.50 6.93 -34.58
N MET A 448 -23.46 6.43 -33.80
CA MET A 448 -24.80 7.02 -33.75
C MET A 448 -24.78 8.39 -33.09
N LEU A 449 -23.79 8.63 -32.23
CA LEU A 449 -23.66 9.86 -31.46
C LEU A 449 -22.48 10.74 -31.90
N ASP A 450 -21.51 10.14 -32.57
CA ASP A 450 -20.34 10.86 -33.09
C ASP A 450 -20.73 11.79 -34.25
N GLN A 451 -20.40 13.08 -34.09
CA GLN A 451 -20.69 14.12 -35.09
C GLN A 451 -20.04 15.45 -34.74
N ASP A 458 -22.96 14.58 -44.42
CA ASP A 458 -23.51 13.34 -44.96
C ASP A 458 -25.03 13.37 -44.99
N LEU A 459 -25.63 12.43 -45.72
CA LEU A 459 -27.09 12.36 -45.89
C LEU A 459 -27.81 11.59 -44.78
N PHE A 460 -27.12 11.39 -43.65
CA PHE A 460 -27.72 10.75 -42.49
C PHE A 460 -27.81 11.70 -41.30
N ASP A 461 -27.53 12.99 -41.55
CA ASP A 461 -27.57 14.03 -40.51
C ASP A 461 -28.82 13.95 -39.64
N GLU A 462 -29.99 14.02 -40.28
CA GLU A 462 -31.29 14.04 -39.58
C GLU A 462 -31.51 12.82 -38.70
N THR A 463 -30.95 11.69 -39.14
CA THR A 463 -31.08 10.42 -38.45
C THR A 463 -30.27 10.40 -37.15
N TYR A 464 -29.01 10.83 -37.23
CA TYR A 464 -28.14 10.95 -36.05
C TYR A 464 -28.66 12.01 -35.07
N ARG A 465 -29.05 13.16 -35.60
CA ARG A 465 -29.62 14.26 -34.81
C ARG A 465 -30.82 13.78 -33.98
N GLU A 466 -31.74 13.07 -34.62
CA GLU A 466 -32.92 12.54 -33.94
C GLU A 466 -32.61 11.42 -32.93
N PHE A 467 -31.62 10.59 -33.23
CA PHE A 467 -31.21 9.54 -32.32
C PHE A 467 -30.66 10.15 -31.02
N SER A 468 -29.73 11.11 -31.17
CA SER A 468 -29.14 11.83 -30.03
C SER A 468 -30.20 12.45 -29.12
N SER A 469 -31.31 12.91 -29.72
CA SER A 469 -32.36 13.59 -28.98
C SER A 469 -33.13 12.64 -28.04
N TYR A 470 -32.87 11.34 -28.19
CA TYR A 470 -33.51 10.35 -27.34
C TYR A 470 -32.59 9.94 -26.19
N ILE A 471 -31.38 10.51 -26.19
CA ILE A 471 -30.37 10.24 -25.15
C ILE A 471 -30.08 11.53 -24.38
N HIS A 472 -30.35 11.50 -23.07
CA HIS A 472 -30.09 12.64 -22.19
C HIS A 472 -29.61 12.18 -20.81
N ASN A 473 -28.53 12.77 -20.31
CA ASN A 473 -27.95 12.39 -19.02
C ASN A 473 -27.66 10.87 -18.93
N GLY A 474 -27.15 10.32 -20.02
CA GLY A 474 -26.88 8.88 -20.14
C GLY A 474 -28.09 7.97 -20.09
N ALA A 475 -29.28 8.53 -20.36
CA ALA A 475 -30.53 7.79 -20.23
C ALA A 475 -31.47 7.96 -21.43
N LEU A 476 -32.18 6.90 -21.76
CA LEU A 476 -33.21 6.93 -22.81
C LEU A 476 -34.36 7.86 -22.42
N VAL A 477 -34.65 8.83 -23.27
CA VAL A 477 -35.81 9.70 -23.12
C VAL A 477 -37.01 8.99 -23.73
N LEU A 478 -38.03 8.75 -22.92
CA LEU A 478 -39.19 7.97 -23.35
C LEU A 478 -40.30 8.90 -23.84
N LYS A 479 -40.22 9.26 -25.13
CA LYS A 479 -41.17 10.18 -25.74
C LYS A 479 -42.17 9.42 -26.61
N LYS A 480 -41.79 8.22 -27.05
CA LYS A 480 -42.63 7.41 -27.92
C LYS A 480 -43.53 6.42 -27.15
N THR B 26 -11.68 25.08 -37.11
CA THR B 26 -11.17 23.83 -36.47
C THR B 26 -9.74 24.03 -35.97
N ILE B 27 -9.45 23.44 -34.82
CA ILE B 27 -8.14 23.52 -34.16
C ILE B 27 -7.21 22.40 -34.67
N PRO B 28 -5.92 22.72 -34.90
CA PRO B 28 -4.92 21.77 -35.40
C PRO B 28 -4.68 20.55 -34.52
N TYR B 29 -4.54 19.39 -35.15
CA TYR B 29 -4.37 18.10 -34.47
C TYR B 29 -3.23 18.11 -33.44
N LYS B 30 -2.11 18.72 -33.80
CA LYS B 30 -0.94 18.83 -32.92
C LYS B 30 -1.28 19.49 -31.59
N GLU B 31 -2.20 20.44 -31.63
CA GLU B 31 -2.55 21.22 -30.45
C GLU B 31 -3.80 20.72 -29.74
N GLN B 32 -4.33 19.57 -30.16
CA GLN B 32 -5.62 19.09 -29.65
C GLN B 32 -5.54 18.50 -28.23
N ARG B 33 -5.39 19.39 -27.25
CA ARG B 33 -5.43 19.04 -25.85
C ARG B 33 -6.86 18.62 -25.50
N LEU B 34 -7.01 17.61 -24.65
CA LEU B 34 -8.33 17.19 -24.20
C LEU B 34 -8.85 18.18 -23.16
N PRO B 35 -10.09 18.66 -23.32
CA PRO B 35 -10.62 19.66 -22.38
C PRO B 35 -10.87 19.04 -21.01
N ILE B 36 -11.31 17.78 -21.01
CA ILE B 36 -11.35 16.97 -19.81
C ILE B 36 -10.35 15.83 -19.94
N GLU B 37 -9.40 15.80 -19.01
CA GLU B 37 -8.43 14.72 -18.87
C GLU B 37 -9.12 13.36 -18.91
N LYS B 38 -8.47 12.39 -19.50
CA LYS B 38 -8.95 11.02 -19.46
C LYS B 38 -7.99 10.14 -18.63
N VAL B 39 -8.54 9.37 -17.69
CA VAL B 39 -7.68 8.54 -16.84
C VAL B 39 -7.95 7.04 -16.97
N PHE B 40 -6.88 6.24 -16.92
CA PHE B 40 -6.98 4.78 -17.00
C PHE B 40 -6.45 4.29 -15.66
N ARG B 41 -7.26 3.54 -14.91
CA ARG B 41 -6.80 3.02 -13.65
C ARG B 41 -5.69 1.98 -13.89
N ASP B 42 -4.59 2.16 -13.18
CA ASP B 42 -3.45 1.26 -13.28
C ASP B 42 -3.09 0.85 -11.86
N PRO B 43 -2.92 -0.46 -11.61
CA PRO B 43 -2.59 -0.87 -10.25
C PRO B 43 -1.23 -0.37 -9.75
N VAL B 44 -0.30 -0.14 -10.67
CA VAL B 44 1.05 0.34 -10.31
C VAL B 44 1.05 1.85 -10.11
N HIS B 45 0.63 2.61 -11.11
CA HIS B 45 0.71 4.09 -11.00
C HIS B 45 -0.58 4.75 -10.55
N ASN B 46 -1.58 3.95 -10.20
CA ASN B 46 -2.90 4.43 -9.79
C ASN B 46 -3.71 4.90 -11.01
N TYR B 47 -3.19 5.91 -11.71
CA TYR B 47 -3.79 6.39 -12.96
C TYR B 47 -2.76 6.65 -14.04
N ILE B 48 -3.16 6.38 -15.27
CA ILE B 48 -2.48 6.87 -16.45
C ILE B 48 -3.31 8.09 -16.86
N HIS B 49 -2.70 9.27 -16.92
CA HIS B 49 -3.42 10.49 -17.32
C HIS B 49 -3.17 10.81 -18.80
N VAL B 50 -4.24 10.81 -19.59
CA VAL B 50 -4.15 11.17 -21.00
C VAL B 50 -4.79 12.54 -21.19
N GLN B 51 -4.05 13.45 -21.81
CA GLN B 51 -4.42 14.86 -21.84
C GLN B 51 -4.40 15.42 -23.24
N HIS B 52 -3.95 14.60 -24.20
CA HIS B 52 -3.89 15.02 -25.60
C HIS B 52 -4.60 14.01 -26.50
N GLN B 53 -5.37 14.53 -27.45
CA GLN B 53 -6.16 13.69 -28.37
C GLN B 53 -5.29 12.71 -29.13
N VAL B 54 -4.07 13.15 -29.45
CA VAL B 54 -3.13 12.39 -30.26
C VAL B 54 -2.70 11.14 -29.50
N ILE B 55 -2.49 11.29 -28.19
CA ILE B 55 -2.05 10.20 -27.34
C ILE B 55 -3.19 9.20 -27.17
N LEU B 56 -4.39 9.72 -26.93
CA LEU B 56 -5.57 8.86 -26.82
C LEU B 56 -5.76 8.05 -28.12
N ASP B 57 -5.60 8.70 -29.26
CA ASP B 57 -5.77 8.02 -30.54
C ASP B 57 -4.74 6.93 -30.72
N LEU B 58 -3.51 7.18 -30.29
CA LEU B 58 -2.44 6.18 -30.35
C LEU B 58 -2.72 4.95 -29.48
N ILE B 59 -3.20 5.19 -28.25
CA ILE B 59 -3.61 4.13 -27.32
C ILE B 59 -4.75 3.30 -27.90
N ASN B 60 -5.64 3.96 -28.64
CA ASN B 60 -6.79 3.30 -29.24
C ASN B 60 -6.51 2.64 -30.59
N SER B 61 -5.31 2.85 -31.11
CA SER B 61 -4.91 2.37 -32.43
C SER B 61 -4.66 0.88 -32.44
N ALA B 62 -4.87 0.27 -33.61
CA ALA B 62 -4.77 -1.18 -33.78
C ALA B 62 -3.47 -1.81 -33.25
N GLU B 63 -2.34 -1.18 -33.53
CA GLU B 63 -1.08 -1.82 -33.21
C GLU B 63 -0.60 -1.64 -31.77
N VAL B 64 -1.20 -0.68 -31.07
CA VAL B 64 -1.02 -0.60 -29.62
C VAL B 64 -1.95 -1.59 -28.91
N GLN B 65 -3.23 -1.61 -29.29
CA GLN B 65 -4.21 -2.55 -28.73
C GLN B 65 -3.71 -3.99 -28.75
N ARG B 66 -3.11 -4.38 -29.86
CA ARG B 66 -2.54 -5.72 -30.02
C ARG B 66 -1.55 -6.09 -28.88
N LEU B 67 -0.90 -5.09 -28.29
CA LEU B 67 -0.01 -5.37 -27.14
C LEU B 67 -0.72 -5.93 -25.89
N ARG B 68 -2.06 -5.82 -25.84
CA ARG B 68 -2.83 -6.49 -24.77
C ARG B 68 -2.66 -8.00 -24.85
N ARG B 69 -2.34 -8.52 -26.03
CA ARG B 69 -2.35 -9.96 -26.26
C ARG B 69 -0.95 -10.56 -26.26
N ILE B 70 0.01 -9.78 -25.76
CA ILE B 70 1.40 -10.22 -25.65
C ILE B 70 1.87 -9.93 -24.24
N LYS B 71 2.27 -10.98 -23.54
CA LYS B 71 2.73 -10.86 -22.16
C LYS B 71 4.08 -10.16 -22.08
N GLN B 72 4.19 -9.24 -21.12
CA GLN B 72 5.42 -8.52 -20.86
C GLN B 72 6.59 -9.45 -20.56
N LEU B 73 6.36 -10.48 -19.75
CA LEU B 73 7.48 -11.24 -19.18
C LEU B 73 7.70 -12.64 -19.74
N GLY B 74 6.99 -12.96 -20.83
CA GLY B 74 7.26 -14.18 -21.58
C GLY B 74 6.89 -15.42 -20.79
N THR B 75 7.88 -16.24 -20.50
CA THR B 75 7.71 -17.49 -19.75
C THR B 75 7.78 -17.35 -18.22
N SER B 76 8.01 -16.14 -17.72
CA SER B 76 8.14 -15.91 -16.27
C SER B 76 6.90 -16.28 -15.45
N SER B 77 5.71 -16.12 -16.05
CA SER B 77 4.45 -16.52 -15.42
C SER B 77 4.41 -17.99 -14.97
N PHE B 78 5.24 -18.82 -15.57
CA PHE B 78 5.30 -20.23 -15.15
C PHE B 78 5.96 -20.41 -13.81
N THR B 79 6.72 -19.39 -13.42
CA THR B 79 7.43 -19.37 -12.14
C THR B 79 6.74 -18.45 -11.15
N PHE B 80 6.30 -17.29 -11.63
CA PHE B 80 5.60 -16.32 -10.83
C PHE B 80 4.24 -16.10 -11.46
N HIS B 81 3.25 -16.89 -11.00
CA HIS B 81 1.98 -17.03 -11.72
C HIS B 81 1.11 -15.75 -11.78
N GLY B 82 1.56 -14.71 -11.08
CA GLY B 82 0.91 -13.41 -11.17
C GLY B 82 1.45 -12.57 -12.30
N ALA B 83 2.53 -13.02 -12.93
CA ALA B 83 3.19 -12.25 -14.00
C ALA B 83 2.52 -12.41 -15.36
N GLU B 84 1.21 -12.12 -15.39
CA GLU B 84 0.41 -12.27 -16.62
C GLU B 84 0.13 -10.91 -17.28
N HIS B 85 0.76 -9.84 -16.76
CA HIS B 85 0.58 -8.49 -17.32
C HIS B 85 1.11 -8.39 -18.75
N SER B 86 0.46 -7.53 -19.54
CA SER B 86 0.76 -7.36 -20.95
C SER B 86 1.76 -6.25 -21.24
N ARG B 87 2.35 -6.30 -22.43
CA ARG B 87 3.15 -5.19 -22.96
C ARG B 87 2.34 -3.90 -23.06
N PHE B 88 1.02 -4.02 -23.30
CA PHE B 88 0.13 -2.87 -23.34
C PHE B 88 0.16 -2.11 -22.02
N SER B 89 -0.04 -2.79 -20.89
CA SER B 89 -0.06 -2.06 -19.62
C SER B 89 1.31 -1.49 -19.27
N HIS B 90 2.37 -2.17 -19.70
CA HIS B 90 3.72 -1.63 -19.54
C HIS B 90 3.94 -0.35 -20.37
N SER B 91 3.46 -0.36 -21.60
CA SER B 91 3.60 0.79 -22.50
C SER B 91 2.88 2.03 -21.96
N LEU B 92 1.68 1.84 -21.44
CA LEU B 92 0.95 2.93 -20.82
C LEU B 92 1.66 3.44 -19.56
N GLY B 93 2.35 2.52 -18.87
CA GLY B 93 3.11 2.86 -17.67
C GLY B 93 4.32 3.71 -17.98
N VAL B 94 5.06 3.33 -19.03
CA VAL B 94 6.20 4.10 -19.50
C VAL B 94 5.77 5.51 -19.92
N TYR B 95 4.66 5.59 -20.67
CA TYR B 95 4.11 6.87 -21.06
C TYR B 95 3.79 7.72 -19.83
N GLU B 96 3.24 7.09 -18.79
CA GLU B 96 2.82 7.81 -17.59
C GLU B 96 3.98 8.40 -16.77
N ILE B 97 5.00 7.58 -16.51
CA ILE B 97 6.20 8.03 -15.82
C ILE B 97 6.81 9.19 -16.61
N THR B 98 6.91 9.02 -17.94
CA THR B 98 7.42 10.06 -18.84
C THR B 98 6.60 11.34 -18.74
N ARG B 99 5.29 11.22 -18.66
CA ARG B 99 4.43 12.39 -18.50
C ARG B 99 4.72 13.11 -17.18
N ARG B 100 5.02 12.33 -16.15
CA ARG B 100 5.27 12.89 -14.82
C ARG B 100 6.63 13.57 -14.74
N ILE B 101 7.62 13.07 -15.48
CA ILE B 101 8.93 13.70 -15.55
C ILE B 101 8.83 15.04 -16.30
N CYS B 102 8.05 15.04 -17.38
CA CYS B 102 7.84 16.25 -18.16
C CYS B 102 7.16 17.32 -17.31
N GLU B 103 6.13 16.93 -16.58
CA GLU B 103 5.41 17.86 -15.70
C GLU B 103 6.31 18.47 -14.62
N ILE B 104 7.18 17.64 -14.03
CA ILE B 104 8.13 18.12 -13.04
C ILE B 104 9.18 19.04 -13.68
N PHE B 105 9.68 18.65 -14.85
CA PHE B 105 10.62 19.44 -15.64
C PHE B 105 10.04 20.81 -16.00
N GLN B 106 8.79 20.82 -16.48
CA GLN B 106 8.13 22.06 -16.86
C GLN B 106 7.94 23.01 -15.67
N ARG B 107 7.59 22.42 -14.51
CA ARG B 107 7.28 23.19 -13.30
C ARG B 107 8.53 23.76 -12.62
N ASN B 108 9.59 22.97 -12.61
CA ASN B 108 10.76 23.30 -11.81
C ASN B 108 12.04 23.58 -12.60
N TYR B 109 12.13 23.06 -13.82
CA TYR B 109 13.39 23.16 -14.59
C TYR B 109 13.20 23.50 -16.08
N SER B 110 12.36 24.50 -16.36
CA SER B 110 12.10 24.88 -17.76
C SER B 110 13.21 25.76 -18.34
N VAL B 111 13.24 25.84 -19.67
CA VAL B 111 14.15 26.74 -20.38
C VAL B 111 13.94 28.20 -19.94
N GLU B 112 12.70 28.54 -19.59
CA GLU B 112 12.37 29.90 -19.12
C GLU B 112 13.17 30.32 -17.90
N ARG B 113 13.64 29.33 -17.13
CA ARG B 113 14.40 29.58 -15.92
C ARG B 113 15.88 29.29 -16.12
N LEU B 114 16.20 28.14 -16.70
CA LEU B 114 17.58 27.63 -16.77
C LEU B 114 18.22 27.73 -18.15
N GLY B 115 17.45 28.23 -19.12
CA GLY B 115 17.91 28.34 -20.50
C GLY B 115 18.32 27.01 -21.09
N GLU B 116 19.55 26.97 -21.60
CA GLU B 116 20.17 25.82 -22.25
C GLU B 116 20.09 24.54 -21.41
N ASN B 117 20.29 24.66 -20.10
CA ASN B 117 20.24 23.50 -19.21
C ASN B 117 18.81 23.06 -18.85
N GLY B 118 17.82 23.82 -19.29
CA GLY B 118 16.43 23.57 -18.93
C GLY B 118 15.66 22.71 -19.91
N TRP B 119 14.37 22.47 -19.59
CA TRP B 119 13.48 21.65 -20.42
C TRP B 119 12.57 22.49 -21.29
N ASN B 120 12.52 22.14 -22.58
CA ASN B 120 11.60 22.79 -23.50
C ASN B 120 10.34 21.95 -23.67
N ASP B 121 9.25 22.39 -23.04
CA ASP B 121 8.01 21.61 -23.01
C ASP B 121 7.33 21.47 -24.39
N ASP B 122 7.80 22.21 -25.37
CA ASP B 122 7.37 22.01 -26.76
C ASP B 122 7.69 20.58 -27.20
N GLU B 123 8.68 19.96 -26.55
CA GLU B 123 9.04 18.56 -26.81
C GLU B 123 8.12 17.53 -26.15
N ARG B 124 7.09 17.98 -25.41
CA ARG B 124 6.27 17.04 -24.65
C ARG B 124 5.57 16.02 -25.54
N LEU B 125 4.89 16.48 -26.57
CA LEU B 125 4.11 15.59 -27.44
C LEU B 125 4.96 14.48 -28.04
N ILE B 126 6.14 14.82 -28.54
CA ILE B 126 6.98 13.84 -29.24
C ILE B 126 7.60 12.84 -28.28
N THR B 127 7.98 13.32 -27.09
CA THR B 127 8.56 12.48 -26.05
C THR B 127 7.52 11.48 -25.55
N LEU B 128 6.27 11.92 -25.49
CA LEU B 128 5.17 11.08 -25.03
C LEU B 128 4.79 10.00 -26.04
N CYS B 129 4.75 10.37 -27.33
CA CYS B 129 4.43 9.41 -28.39
C CYS B 129 5.47 8.30 -28.45
N ALA B 130 6.73 8.68 -28.30
CA ALA B 130 7.84 7.74 -28.36
C ALA B 130 7.84 6.78 -27.18
N ALA B 131 7.55 7.31 -25.99
CA ALA B 131 7.48 6.52 -24.77
C ALA B 131 6.34 5.51 -24.86
N LEU B 132 5.20 5.99 -25.35
CA LEU B 132 4.05 5.13 -25.60
C LEU B 132 4.33 4.04 -26.64
N LEU B 133 5.15 4.34 -27.64
CA LEU B 133 5.35 3.40 -28.75
C LEU B 133 6.67 2.63 -28.69
N HIS B 134 7.48 2.85 -27.67
CA HIS B 134 8.85 2.30 -27.62
C HIS B 134 8.91 0.77 -27.83
N ASP B 135 7.84 0.08 -27.45
CA ASP B 135 7.78 -1.39 -27.52
C ASP B 135 6.79 -1.93 -28.55
N VAL B 136 6.26 -1.07 -29.40
CA VAL B 136 5.15 -1.47 -30.28
C VAL B 136 5.51 -2.61 -31.27
N GLY B 137 6.78 -2.72 -31.63
CA GLY B 137 7.24 -3.78 -32.54
C GLY B 137 7.59 -5.12 -31.89
N HIS B 138 7.38 -5.25 -30.58
CA HIS B 138 7.61 -6.53 -29.91
C HIS B 138 6.60 -7.55 -30.39
N GLY B 139 7.06 -8.78 -30.66
CA GLY B 139 6.15 -9.88 -30.99
C GLY B 139 5.92 -10.75 -29.77
N PRO B 140 5.15 -11.85 -29.94
CA PRO B 140 4.98 -12.83 -28.86
C PRO B 140 6.32 -13.48 -28.47
N TYR B 141 6.55 -13.69 -27.17
CA TYR B 141 7.78 -14.36 -26.69
C TYR B 141 9.02 -13.83 -27.41
N SER B 142 9.07 -12.51 -27.48
CA SER B 142 10.02 -11.72 -28.25
C SER B 142 11.39 -12.36 -28.37
N HIS B 143 12.06 -12.55 -27.24
CA HIS B 143 13.44 -13.04 -27.24
C HIS B 143 13.60 -14.38 -27.99
N THR B 144 12.71 -15.31 -27.69
CA THR B 144 12.71 -16.64 -28.30
C THR B 144 12.39 -16.54 -29.79
N PHE B 145 11.41 -15.70 -30.11
CA PHE B 145 10.89 -15.59 -31.46
C PHE B 145 11.95 -15.08 -32.45
N GLU B 146 12.74 -14.12 -31.98
CA GLU B 146 13.81 -13.54 -32.78
C GLU B 146 14.94 -14.53 -32.99
N HIS B 147 15.13 -15.43 -32.03
CA HIS B 147 16.14 -16.47 -32.18
C HIS B 147 15.76 -17.46 -33.29
N ILE B 148 14.48 -17.81 -33.41
CA ILE B 148 14.07 -18.79 -34.43
C ILE B 148 13.81 -18.15 -35.79
N PHE B 149 13.07 -17.04 -35.82
CA PHE B 149 12.62 -16.47 -37.09
C PHE B 149 13.37 -15.23 -37.54
N ASP B 150 14.37 -14.84 -36.75
CA ASP B 150 15.26 -13.72 -37.10
C ASP B 150 14.51 -12.40 -37.37
N THR B 151 13.53 -12.12 -36.51
CA THR B 151 12.87 -10.81 -36.48
C THR B 151 13.63 -9.86 -35.56
N ASN B 152 13.31 -8.58 -35.62
CA ASN B 152 13.97 -7.57 -34.80
C ASN B 152 12.97 -6.51 -34.36
N HIS B 153 12.63 -6.51 -33.08
CA HIS B 153 11.60 -5.63 -32.55
C HIS B 153 11.91 -4.14 -32.69
N GLU B 154 13.18 -3.74 -32.52
CA GLU B 154 13.55 -2.34 -32.69
C GLU B 154 13.28 -1.87 -34.12
N ALA B 155 13.69 -2.68 -35.09
CA ALA B 155 13.45 -2.35 -36.49
C ALA B 155 11.96 -2.35 -36.84
N ILE B 156 11.20 -3.26 -36.22
CA ILE B 156 9.79 -3.35 -36.49
C ILE B 156 9.01 -2.20 -35.85
N THR B 157 9.48 -1.77 -34.67
CA THR B 157 8.95 -0.58 -34.04
C THR B 157 9.04 0.64 -34.97
N VAL B 158 10.21 0.82 -35.58
CA VAL B 158 10.48 1.88 -36.56
C VAL B 158 9.63 1.72 -37.83
N GLN B 159 9.52 0.48 -38.32
CA GLN B 159 8.61 0.16 -39.42
C GLN B 159 7.18 0.58 -39.10
N ILE B 160 6.69 0.23 -37.91
CA ILE B 160 5.30 0.51 -37.54
C ILE B 160 5.01 2.01 -37.54
N ILE B 161 5.94 2.77 -36.97
CA ILE B 161 5.79 4.20 -36.85
C ILE B 161 5.82 4.88 -38.22
N THR B 162 6.64 4.35 -39.13
CA THR B 162 6.93 5.02 -40.40
C THR B 162 6.33 4.39 -41.66
N SER B 163 5.53 3.34 -41.53
CA SER B 163 4.86 2.71 -42.68
C SER B 163 3.41 3.17 -42.82
N PRO B 164 3.05 3.77 -43.97
CA PRO B 164 1.71 4.34 -44.17
C PRO B 164 0.55 3.39 -43.91
N GLU B 165 0.80 2.08 -43.96
CA GLU B 165 -0.25 1.09 -43.80
C GLU B 165 -0.79 0.97 -42.37
N THR B 166 -0.10 1.55 -41.40
CA THR B 166 -0.49 1.41 -39.98
C THR B 166 -1.32 2.60 -39.46
N GLU B 167 -2.21 2.31 -38.51
CA GLU B 167 -2.99 3.35 -37.83
C GLU B 167 -2.08 4.33 -37.10
N VAL B 168 -1.05 3.78 -36.47
CA VAL B 168 -0.04 4.59 -35.78
C VAL B 168 0.57 5.64 -36.72
N TYR B 169 1.01 5.22 -37.90
CA TYR B 169 1.55 6.16 -38.87
C TYR B 169 0.53 7.24 -39.21
N GLN B 170 -0.69 6.84 -39.59
CA GLN B 170 -1.71 7.80 -40.03
C GLN B 170 -1.95 8.86 -38.96
N ILE B 171 -1.95 8.44 -37.70
CA ILE B 171 -2.11 9.34 -36.55
C ILE B 171 -0.94 10.30 -36.47
N LEU B 172 0.28 9.78 -36.46
CA LEU B 172 1.48 10.61 -36.39
C LEU B 172 1.61 11.56 -37.59
N ASN B 173 1.38 11.02 -38.78
CA ASN B 173 1.43 11.83 -40.00
C ASN B 173 0.41 12.97 -39.98
N ARG B 174 -0.74 12.71 -39.35
CA ARG B 174 -1.77 13.72 -39.18
C ARG B 174 -1.31 14.87 -38.28
N VAL B 175 -0.31 14.63 -37.42
CA VAL B 175 0.29 15.69 -36.61
C VAL B 175 1.00 16.70 -37.52
N SER B 176 1.89 16.17 -38.35
CA SER B 176 2.55 16.87 -39.45
C SER B 176 3.28 15.79 -40.22
N ALA B 177 3.68 16.09 -41.45
CA ALA B 177 4.23 15.07 -42.35
C ALA B 177 5.58 14.49 -41.90
N ASP B 178 6.38 15.29 -41.19
CA ASP B 178 7.70 14.86 -40.72
C ASP B 178 7.66 14.12 -39.37
N PHE B 179 6.49 14.12 -38.74
CA PHE B 179 6.35 13.64 -37.37
C PHE B 179 6.61 12.13 -37.18
N PRO B 180 6.24 11.29 -38.16
CA PRO B 180 6.60 9.88 -37.99
C PRO B 180 8.10 9.65 -37.87
N GLU B 181 8.88 10.27 -38.75
CA GLU B 181 10.32 10.06 -38.77
C GLU B 181 10.98 10.62 -37.52
N LYS B 182 10.50 11.78 -37.09
CA LYS B 182 10.97 12.39 -35.86
C LYS B 182 10.75 11.48 -34.66
N VAL B 183 9.50 11.00 -34.51
CA VAL B 183 9.16 10.09 -33.40
C VAL B 183 10.12 8.89 -33.39
N ALA B 184 10.30 8.29 -34.57
CA ALA B 184 11.20 7.14 -34.73
C ALA B 184 12.67 7.47 -34.45
N SER B 185 13.07 8.72 -34.67
CA SER B 185 14.45 9.14 -34.40
C SER B 185 14.76 9.18 -32.90
N VAL B 186 13.73 9.43 -32.10
CA VAL B 186 13.85 9.34 -30.64
C VAL B 186 14.19 7.91 -30.24
N ILE B 187 13.47 6.95 -30.83
CA ILE B 187 13.68 5.54 -30.53
C ILE B 187 15.02 5.00 -31.07
N THR B 188 15.47 5.51 -32.21
CA THR B 188 16.78 5.13 -32.73
C THR B 188 17.92 5.85 -32.00
N LYS B 189 17.57 6.88 -31.22
CA LYS B 189 18.51 7.64 -30.38
C LYS B 189 19.34 8.60 -31.22
N GLN B 190 18.70 9.16 -32.22
CA GLN B 190 19.37 10.15 -33.06
C GLN B 190 18.62 11.46 -33.12
N TYR B 191 17.49 11.54 -32.41
CA TYR B 191 16.79 12.80 -32.26
C TYR B 191 17.73 13.81 -31.58
N PRO B 192 17.81 15.04 -32.13
CA PRO B 192 18.84 16.01 -31.69
C PRO B 192 18.65 16.61 -30.30
N ASN B 193 17.65 16.16 -29.55
CA ASN B 193 17.48 16.57 -28.16
C ASN B 193 17.84 15.41 -27.23
N PRO B 194 18.98 15.51 -26.53
CA PRO B 194 19.48 14.44 -25.67
C PRO B 194 18.61 14.26 -24.41
N GLN B 195 17.90 15.30 -24.02
CA GLN B 195 16.96 15.23 -22.91
C GLN B 195 15.78 14.35 -23.31
N VAL B 196 15.32 14.51 -24.55
CA VAL B 196 14.24 13.70 -25.09
C VAL B 196 14.69 12.24 -25.20
N VAL B 197 15.85 12.03 -25.82
CA VAL B 197 16.40 10.68 -26.00
C VAL B 197 16.56 9.96 -24.67
N GLN B 198 17.30 10.58 -23.75
CA GLN B 198 17.63 9.93 -22.48
C GLN B 198 16.43 9.68 -21.54
N MET B 199 15.33 10.40 -21.77
CA MET B 199 14.12 10.16 -21.00
C MET B 199 13.49 8.81 -21.34
N ILE B 200 13.62 8.42 -22.60
CA ILE B 200 13.07 7.16 -23.11
C ILE B 200 14.06 6.02 -22.96
N SER B 201 15.35 6.31 -23.12
CA SER B 201 16.37 5.28 -23.07
C SER B 201 17.67 5.78 -22.44
N SER B 202 18.03 5.19 -21.30
CA SER B 202 19.33 5.39 -20.63
C SER B 202 19.46 4.31 -19.56
N GLN B 203 20.40 4.47 -18.61
CA GLN B 203 20.50 3.52 -17.50
C GLN B 203 19.35 3.63 -16.49
N ILE B 204 18.84 4.84 -16.27
CA ILE B 204 17.64 5.05 -15.46
C ILE B 204 16.66 5.84 -16.29
N ASP B 205 15.66 5.17 -16.82
CA ASP B 205 14.67 5.82 -17.66
C ASP B 205 13.27 5.32 -17.32
N ALA B 206 12.26 5.97 -17.89
CA ALA B 206 10.86 5.65 -17.66
C ALA B 206 10.54 4.19 -17.98
N ASP B 207 11.25 3.64 -18.96
CA ASP B 207 11.02 2.27 -19.42
C ASP B 207 11.42 1.27 -18.33
N ARG B 208 12.69 1.31 -17.96
CA ARG B 208 13.22 0.47 -16.88
C ARG B 208 12.51 0.72 -15.55
N MET B 209 12.13 1.97 -15.29
CA MET B 209 11.46 2.26 -14.04
C MET B 209 10.08 1.64 -14.00
N ASP B 210 9.37 1.69 -15.12
CA ASP B 210 8.07 1.06 -15.14
C ASP B 210 8.17 -0.44 -14.99
N TYR B 211 8.99 -1.10 -15.80
CA TYR B 211 9.02 -2.57 -15.76
C TYR B 211 9.55 -3.14 -14.45
N LEU B 212 10.53 -2.50 -13.84
CA LEU B 212 10.95 -2.90 -12.50
C LEU B 212 9.80 -2.88 -11.49
N LEU B 213 9.00 -1.80 -11.53
CA LEU B 213 7.89 -1.63 -10.59
C LEU B 213 6.72 -2.55 -10.94
N ARG B 214 6.39 -2.63 -12.23
CA ARG B 214 5.28 -3.46 -12.70
C ARG B 214 5.58 -4.96 -12.56
N ASP B 215 6.78 -5.37 -12.94
CA ASP B 215 7.22 -6.76 -12.79
C ASP B 215 7.18 -7.14 -11.31
N ALA B 216 7.77 -6.32 -10.45
CA ALA B 216 7.68 -6.54 -8.98
C ALA B 216 6.23 -6.65 -8.49
N TYR B 217 5.36 -5.73 -8.94
CA TYR B 217 3.96 -5.70 -8.54
C TYR B 217 3.18 -6.94 -8.94
N PHE B 218 3.38 -7.41 -10.17
CA PHE B 218 2.64 -8.55 -10.66
C PHE B 218 3.20 -9.90 -10.22
N THR B 219 4.52 -10.04 -10.12
CA THR B 219 5.12 -11.27 -9.61
C THR B 219 4.84 -11.38 -8.11
N GLY B 220 4.76 -10.24 -7.44
CA GLY B 220 4.60 -10.19 -5.99
C GLY B 220 5.93 -10.33 -5.30
N THR B 221 7.02 -10.16 -6.05
CA THR B 221 8.35 -10.27 -5.46
C THR B 221 8.63 -9.06 -4.59
N GLU B 222 8.37 -7.87 -5.13
CA GLU B 222 8.28 -6.66 -4.32
C GLU B 222 9.66 -6.13 -3.92
N TYR B 223 10.69 -6.94 -4.19
CA TYR B 223 12.08 -6.53 -4.05
C TYR B 223 12.33 -5.35 -4.97
N GLY B 224 11.68 -5.37 -6.13
CA GLY B 224 11.88 -4.36 -7.16
C GLY B 224 11.01 -3.13 -7.01
N THR B 225 10.56 -2.90 -5.78
CA THR B 225 9.86 -1.67 -5.43
C THR B 225 10.83 -0.75 -4.71
N PHE B 226 11.42 0.14 -5.50
CA PHE B 226 12.11 1.35 -5.03
C PHE B 226 11.06 2.46 -5.05
N ASP B 227 11.41 3.60 -4.50
CA ASP B 227 10.47 4.71 -4.42
C ASP B 227 10.58 5.61 -5.65
N LEU B 228 9.62 5.49 -6.56
CA LEU B 228 9.57 6.29 -7.78
C LEU B 228 9.44 7.81 -7.53
N THR B 229 8.58 8.21 -6.60
CA THR B 229 8.33 9.64 -6.35
C THR B 229 9.62 10.33 -5.88
N ARG B 230 10.47 9.53 -5.25
CA ARG B 230 11.74 9.95 -4.72
C ARG B 230 12.73 10.20 -5.86
N ILE B 231 12.75 9.30 -6.85
CA ILE B 231 13.55 9.50 -8.06
C ILE B 231 13.00 10.66 -8.89
N LEU B 232 11.68 10.72 -9.03
CA LEU B 232 11.04 11.86 -9.72
C LEU B 232 11.31 13.20 -9.08
N ARG B 233 11.65 13.17 -7.79
CA ARG B 233 11.94 14.40 -7.05
C ARG B 233 13.36 14.91 -7.30
N VAL B 234 14.28 14.02 -7.71
CA VAL B 234 15.69 14.37 -7.92
C VAL B 234 16.19 14.36 -9.39
N ILE B 235 15.36 13.84 -10.30
CA ILE B 235 15.67 13.83 -11.73
C ILE B 235 15.72 15.25 -12.33
N ARG B 236 16.80 15.57 -13.04
CA ARG B 236 17.01 16.90 -13.63
C ARG B 236 17.30 16.82 -15.13
N PRO B 237 16.87 17.82 -15.92
CA PRO B 237 17.44 17.97 -17.25
C PRO B 237 18.77 18.72 -17.17
N TYR B 238 19.61 18.58 -18.20
CA TYR B 238 20.75 19.50 -18.45
C TYR B 238 21.06 19.54 -19.95
N LYS B 239 22.10 20.29 -20.34
CA LYS B 239 22.42 20.46 -21.77
C LYS B 239 22.66 19.14 -22.53
N GLY B 240 23.26 18.15 -21.87
CA GLY B 240 23.59 16.87 -22.50
C GLY B 240 22.76 15.68 -22.04
N GLY B 241 21.47 15.91 -21.78
CA GLY B 241 20.56 14.84 -21.42
C GLY B 241 19.94 15.00 -20.05
N ILE B 242 19.99 13.94 -19.25
CA ILE B 242 19.29 13.86 -17.97
C ILE B 242 20.20 13.38 -16.83
N ALA B 243 20.18 14.13 -15.73
CA ALA B 243 20.98 13.81 -14.56
C ALA B 243 20.10 13.60 -13.32
N PHE B 244 20.75 13.44 -12.17
CA PHE B 244 20.07 13.28 -10.90
C PHE B 244 20.82 14.07 -9.85
N ALA B 245 20.10 14.92 -9.12
CA ALA B 245 20.72 15.78 -8.10
C ALA B 245 21.48 14.95 -7.07
N MET B 246 22.64 15.45 -6.68
CA MET B 246 23.54 14.75 -5.75
C MET B 246 22.82 14.33 -4.46
N ASN B 247 21.91 15.17 -3.99
CA ASN B 247 21.14 14.89 -2.78
C ASN B 247 20.13 13.75 -2.97
N GLY B 248 20.06 13.22 -4.19
CA GLY B 248 19.26 12.05 -4.48
C GLY B 248 20.07 10.79 -4.71
N MET B 249 21.34 10.78 -4.29
CA MET B 249 22.20 9.61 -4.51
C MET B 249 21.59 8.32 -3.96
N HIS B 250 21.06 8.39 -2.74
CA HIS B 250 20.52 7.22 -2.08
C HIS B 250 19.28 6.68 -2.79
N ALA B 251 18.42 7.58 -3.26
CA ALA B 251 17.27 7.19 -4.07
C ALA B 251 17.72 6.43 -5.30
N VAL B 252 18.79 6.92 -5.93
CA VAL B 252 19.37 6.27 -7.08
C VAL B 252 19.93 4.89 -6.71
N GLU B 253 20.64 4.82 -5.57
CA GLU B 253 21.11 3.55 -5.03
C GLU B 253 19.96 2.54 -4.87
N ASP B 254 18.84 2.98 -4.33
CA ASP B 254 17.70 2.09 -4.15
C ASP B 254 17.24 1.50 -5.49
N TYR B 255 17.32 2.29 -6.55
CA TYR B 255 16.96 1.83 -7.89
C TYR B 255 17.95 0.76 -8.36
N ILE B 256 19.23 0.97 -8.14
CA ILE B 256 20.25 -0.03 -8.45
C ILE B 256 20.01 -1.36 -7.69
N VAL B 257 19.71 -1.25 -6.40
CA VAL B 257 19.40 -2.39 -5.55
C VAL B 257 18.17 -3.16 -6.07
N SER B 258 17.12 -2.43 -6.47
CA SER B 258 15.92 -3.07 -7.04
C SER B 258 16.23 -3.82 -8.32
N ARG B 259 17.02 -3.20 -9.20
CA ARG B 259 17.46 -3.85 -10.41
C ARG B 259 18.19 -5.17 -10.11
N TYR B 260 19.21 -5.09 -9.25
CA TYR B 260 19.96 -6.26 -8.84
C TYR B 260 19.04 -7.39 -8.40
N GLN B 261 18.15 -7.08 -7.46
CA GLN B 261 17.20 -8.04 -6.91
CA GLN B 261 17.22 -8.06 -6.92
C GLN B 261 16.31 -8.62 -8.00
N MET B 262 15.77 -7.76 -8.86
CA MET B 262 14.84 -8.22 -9.88
C MET B 262 15.51 -9.15 -10.89
N TYR B 263 16.79 -8.88 -11.18
CA TYR B 263 17.58 -9.69 -12.08
C TYR B 263 17.94 -11.03 -11.44
N VAL B 264 18.53 -10.99 -10.25
CA VAL B 264 18.98 -12.21 -9.59
C VAL B 264 17.82 -13.14 -9.17
N GLN B 265 16.64 -12.57 -8.94
CA GLN B 265 15.55 -13.37 -8.40
C GLN B 265 14.47 -13.72 -9.42
N VAL B 266 14.24 -12.83 -10.39
CA VAL B 266 13.15 -13.01 -11.33
C VAL B 266 13.62 -13.27 -12.77
N TYR B 267 14.36 -12.30 -13.32
CA TYR B 267 14.68 -12.36 -14.74
C TYR B 267 15.61 -13.52 -15.08
N PHE B 268 16.50 -13.87 -14.16
CA PHE B 268 17.45 -14.94 -14.41
C PHE B 268 16.99 -16.30 -13.87
N HIS B 269 15.71 -16.43 -13.50
CA HIS B 269 15.22 -17.64 -12.88
C HIS B 269 15.34 -18.85 -13.81
N PRO B 270 15.95 -19.95 -13.32
CA PRO B 270 16.20 -21.11 -14.18
C PRO B 270 14.94 -21.82 -14.66
N VAL B 271 13.92 -21.90 -13.83
CA VAL B 271 12.67 -22.55 -14.24
C VAL B 271 12.02 -21.84 -15.42
N SER B 272 11.98 -20.51 -15.39
CA SER B 272 11.44 -19.75 -16.51
C SER B 272 12.24 -19.98 -17.79
N ARG B 273 13.56 -20.07 -17.63
CA ARG B 273 14.46 -20.32 -18.74
C ARG B 273 14.33 -21.76 -19.28
N GLY B 274 13.97 -22.69 -18.40
CA GLY B 274 13.64 -24.06 -18.81
C GLY B 274 12.40 -24.10 -19.69
N MET B 275 11.42 -23.25 -19.39
CA MET B 275 10.21 -23.16 -20.21
C MET B 275 10.51 -22.49 -21.55
N GLU B 276 11.46 -21.55 -21.51
CA GLU B 276 11.93 -20.87 -22.71
C GLU B 276 12.66 -21.81 -23.69
N VAL B 277 13.49 -22.70 -23.14
CA VAL B 277 14.21 -23.69 -23.93
C VAL B 277 13.22 -24.61 -24.67
N ILE B 278 12.22 -25.09 -23.94
CA ILE B 278 11.15 -25.89 -24.52
C ILE B 278 10.47 -25.15 -25.68
N LEU B 279 10.10 -23.89 -25.43
CA LEU B 279 9.43 -23.09 -26.45
C LEU B 279 10.34 -22.97 -27.66
N ASP B 280 11.61 -22.65 -27.42
CA ASP B 280 12.59 -22.52 -28.48
C ASP B 280 12.65 -23.79 -29.33
N HIS B 281 12.77 -24.93 -28.67
CA HIS B 281 12.88 -26.19 -29.35
C HIS B 281 11.57 -26.59 -30.04
N LEU B 282 10.45 -26.25 -29.42
CA LEU B 282 9.14 -26.48 -30.04
C LEU B 282 8.99 -25.74 -31.36
N LEU B 283 9.39 -24.48 -31.39
CA LEU B 283 9.22 -23.70 -32.61
C LEU B 283 10.18 -24.15 -33.71
N HIS B 284 11.39 -24.57 -33.31
CA HIS B 284 12.37 -25.14 -34.23
CA HIS B 284 12.36 -25.14 -34.24
C HIS B 284 11.85 -26.44 -34.85
N ARG B 285 11.33 -27.32 -34.00
CA ARG B 285 10.79 -28.57 -34.51
C ARG B 285 9.63 -28.34 -35.46
N ALA B 286 8.77 -27.37 -35.15
CA ALA B 286 7.65 -27.03 -36.03
C ALA B 286 8.13 -26.60 -37.40
N LYS B 287 9.11 -25.69 -37.41
CA LYS B 287 9.74 -25.26 -38.66
C LYS B 287 10.32 -26.45 -39.46
N GLU B 288 11.05 -27.34 -38.78
CA GLU B 288 11.64 -28.51 -39.43
C GLU B 288 10.60 -29.43 -40.07
N LEU B 289 9.52 -29.70 -39.36
CA LEU B 289 8.41 -30.47 -39.87
C LEU B 289 7.74 -29.83 -41.07
N PHE B 290 7.53 -28.51 -40.99
CA PHE B 290 6.98 -27.75 -42.10
C PHE B 290 7.81 -27.95 -43.36
N GLU B 291 9.13 -27.99 -43.20
CA GLU B 291 10.05 -28.13 -44.33
C GLU B 291 10.31 -29.60 -44.71
N ASN B 292 9.72 -30.52 -43.95
CA ASN B 292 9.93 -31.95 -44.15
C ASN B 292 9.03 -32.53 -45.26
N PRO B 293 9.64 -32.96 -46.38
CA PRO B 293 8.90 -33.54 -47.51
C PRO B 293 8.10 -34.78 -47.11
N GLU B 294 8.50 -35.44 -46.03
CA GLU B 294 7.91 -36.69 -45.56
C GLU B 294 6.82 -36.49 -44.51
N PHE B 295 6.53 -35.23 -44.23
CA PHE B 295 5.55 -34.89 -43.24
C PHE B 295 4.21 -34.57 -43.91
N ASP B 296 3.21 -35.42 -43.69
CA ASP B 296 1.93 -35.29 -44.41
C ASP B 296 0.90 -34.44 -43.69
N TYR B 297 0.94 -34.47 -42.37
CA TYR B 297 0.00 -33.79 -41.50
C TYR B 297 -0.08 -32.26 -41.74
N ASP B 298 -1.25 -31.69 -41.47
CA ASP B 298 -1.48 -30.26 -41.66
C ASP B 298 -1.34 -29.53 -40.31
N LEU B 299 -0.38 -28.61 -40.23
CA LEU B 299 -0.13 -27.89 -38.99
C LEU B 299 -1.22 -26.88 -38.67
N GLN B 300 -2.04 -26.53 -39.66
CA GLN B 300 -3.17 -25.61 -39.45
C GLN B 300 -2.67 -24.37 -38.71
N ALA B 301 -1.51 -23.88 -39.15
CA ALA B 301 -0.83 -22.78 -38.52
C ALA B 301 -0.64 -21.65 -39.56
N SER B 302 -1.75 -21.21 -40.15
CA SER B 302 -1.72 -20.27 -41.26
C SER B 302 -0.95 -18.98 -40.96
N LEU B 303 -1.07 -18.46 -39.75
CA LEU B 303 -0.37 -17.24 -39.36
C LEU B 303 1.14 -17.43 -39.13
N LEU B 304 1.59 -18.66 -38.90
CA LEU B 304 3.04 -18.93 -38.75
C LEU B 304 3.73 -19.27 -40.06
N VAL B 305 2.94 -19.54 -41.09
CA VAL B 305 3.44 -20.01 -42.38
C VAL B 305 4.46 -19.05 -43.00
N PRO B 306 4.15 -17.73 -43.10
CA PRO B 306 5.14 -16.83 -43.70
C PRO B 306 6.46 -16.78 -42.91
N PHE B 307 6.39 -17.13 -41.63
CA PHE B 307 7.57 -17.19 -40.79
C PHE B 307 8.33 -18.50 -40.93
N PHE B 308 7.60 -19.60 -41.07
CA PHE B 308 8.22 -20.87 -41.44
C PHE B 308 8.98 -20.70 -42.76
N LYS B 309 8.38 -19.98 -43.71
CA LYS B 309 8.94 -19.79 -45.06
C LYS B 309 10.04 -18.74 -45.12
N GLY B 310 10.14 -17.90 -44.09
CA GLY B 310 11.13 -16.82 -44.05
C GLY B 310 10.84 -15.66 -44.99
N ASP B 311 9.56 -15.46 -45.28
CA ASP B 311 9.12 -14.42 -46.22
C ASP B 311 7.82 -13.84 -45.73
N PHE B 312 7.91 -12.84 -44.85
CA PHE B 312 6.76 -12.31 -44.15
C PHE B 312 6.64 -10.79 -44.29
N THR B 313 5.41 -10.29 -44.25
CA THR B 313 5.15 -8.86 -44.32
C THR B 313 4.90 -8.29 -42.92
N LEU B 314 4.75 -6.97 -42.83
CA LEU B 314 4.51 -6.33 -41.55
C LEU B 314 3.11 -6.66 -41.03
N GLN B 315 2.13 -6.65 -41.93
CA GLN B 315 0.76 -7.01 -41.61
C GLN B 315 0.71 -8.44 -41.05
N GLU B 316 1.53 -9.32 -41.61
CA GLU B 316 1.58 -10.70 -41.14
C GLU B 316 2.17 -10.82 -39.75
N TYR B 317 3.13 -9.96 -39.44
CA TYR B 317 3.73 -9.91 -38.11
C TYR B 317 2.77 -9.36 -37.06
N LEU B 318 1.94 -8.40 -37.47
CA LEU B 318 1.02 -7.73 -36.56
C LEU B 318 -0.14 -8.62 -36.13
N LYS B 319 -0.37 -9.67 -36.89
CA LYS B 319 -1.41 -10.64 -36.58
C LYS B 319 -0.95 -11.62 -35.50
N LEU B 320 0.36 -11.60 -35.20
CA LEU B 320 0.92 -12.53 -34.22
C LEU B 320 0.81 -12.00 -32.81
N ASP B 321 0.47 -12.89 -31.87
CA ASP B 321 0.44 -12.59 -30.44
C ASP B 321 0.60 -13.91 -29.69
N ASP B 322 0.64 -13.87 -28.36
CA ASP B 322 0.85 -15.10 -27.55
C ASP B 322 -0.20 -16.16 -27.80
N GLY B 323 -1.44 -15.73 -28.01
CA GLY B 323 -2.57 -16.63 -28.16
C GLY B 323 -2.51 -17.40 -29.45
N VAL B 324 -1.92 -16.79 -30.48
CA VAL B 324 -1.71 -17.46 -31.76
C VAL B 324 -0.87 -18.73 -31.51
N LEU B 325 0.28 -18.55 -30.86
CA LEU B 325 1.20 -19.66 -30.62
C LEU B 325 0.58 -20.79 -29.81
N SER B 326 -0.03 -20.45 -28.68
CA SER B 326 -0.62 -21.48 -27.81
C SER B 326 -1.81 -22.22 -28.45
N THR B 327 -2.59 -21.53 -29.28
CA THR B 327 -3.64 -22.15 -30.07
C THR B 327 -3.08 -23.22 -31.01
N TYR B 328 -2.01 -22.87 -31.70
CA TYR B 328 -1.37 -23.79 -32.63
C TYR B 328 -0.73 -24.96 -31.89
N PHE B 329 -0.07 -24.68 -30.78
CA PHE B 329 0.52 -25.74 -29.93
C PHE B 329 -0.54 -26.73 -29.49
N THR B 330 -1.77 -26.25 -29.26
CA THR B 330 -2.85 -27.12 -28.80
C THR B 330 -3.25 -28.09 -29.92
N GLN B 331 -3.40 -27.55 -31.12
CA GLN B 331 -3.65 -28.36 -32.32
C GLN B 331 -2.51 -29.36 -32.51
N TRP B 332 -1.28 -28.94 -32.23
CA TRP B 332 -0.10 -29.79 -32.45
C TRP B 332 0.07 -31.00 -31.52
N MET B 333 -0.62 -30.97 -30.40
CA MET B 333 -0.49 -32.03 -29.41
C MET B 333 -0.84 -33.42 -29.95
N ASP B 334 -1.56 -33.45 -31.07
CA ASP B 334 -2.02 -34.70 -31.68
CA ASP B 334 -2.03 -34.70 -31.69
C ASP B 334 -1.25 -35.09 -32.95
N VAL B 335 -0.33 -34.22 -33.38
CA VAL B 335 0.51 -34.46 -34.56
C VAL B 335 1.23 -35.81 -34.49
N PRO B 336 1.35 -36.51 -35.63
CA PRO B 336 2.16 -37.74 -35.64
C PRO B 336 3.67 -37.43 -35.74
N ASP B 337 4.19 -36.67 -34.79
CA ASP B 337 5.62 -36.54 -34.56
C ASP B 337 5.76 -36.54 -33.06
N SER B 338 6.43 -37.55 -32.52
CA SER B 338 6.54 -37.73 -31.10
C SER B 338 7.23 -36.54 -30.43
N ILE B 339 8.27 -36.01 -31.05
CA ILE B 339 8.99 -34.87 -30.49
C ILE B 339 8.11 -33.62 -30.45
N LEU B 340 7.50 -33.27 -31.58
CA LEU B 340 6.64 -32.08 -31.63
C LEU B 340 5.46 -32.20 -30.66
N GLY B 341 4.86 -33.39 -30.62
CA GLY B 341 3.72 -33.66 -29.76
C GLY B 341 4.11 -33.45 -28.29
N ASP B 342 5.26 -34.00 -27.92
CA ASP B 342 5.75 -33.89 -26.55
C ASP B 342 6.18 -32.46 -26.18
N LEU B 343 6.89 -31.77 -27.07
CA LEU B 343 7.31 -30.39 -26.81
C LEU B 343 6.12 -29.45 -26.65
N ALA B 344 5.06 -29.64 -27.46
CA ALA B 344 3.84 -28.83 -27.33
C ALA B 344 3.17 -29.12 -26.00
N LYS B 345 3.12 -30.40 -25.65
CA LYS B 345 2.62 -30.83 -24.34
C LYS B 345 3.46 -30.22 -23.20
N ARG B 346 4.78 -30.22 -23.36
CA ARG B 346 5.64 -29.68 -22.30
C ARG B 346 5.41 -28.19 -22.10
N PHE B 347 5.14 -27.45 -23.18
CA PHE B 347 4.89 -26.02 -23.06
C PHE B 347 3.52 -25.71 -22.49
N LEU B 348 2.50 -26.39 -22.98
CA LEU B 348 1.11 -26.14 -22.55
C LEU B 348 0.85 -26.64 -21.12
N MET B 349 1.52 -27.72 -20.75
CA MET B 349 1.24 -28.37 -19.46
CA MET B 349 1.26 -28.40 -19.47
C MET B 349 2.31 -28.06 -18.41
N ARG B 350 3.23 -27.16 -18.73
CA ARG B 350 4.32 -26.75 -17.81
C ARG B 350 5.23 -27.91 -17.38
N LYS B 351 5.96 -28.47 -18.34
CA LYS B 351 6.97 -29.48 -18.05
C LYS B 351 8.36 -29.04 -18.51
N PRO B 352 8.96 -28.10 -17.75
CA PRO B 352 10.24 -27.55 -18.18
C PRO B 352 11.37 -28.56 -18.02
N LEU B 353 12.42 -28.36 -18.81
CA LEU B 353 13.68 -29.05 -18.58
C LEU B 353 14.23 -28.52 -17.27
N LYS B 354 14.82 -29.41 -16.48
CA LYS B 354 15.60 -29.05 -15.32
C LYS B 354 17.01 -28.63 -15.74
N SER B 355 17.74 -27.98 -14.84
CA SER B 355 19.09 -27.51 -15.15
C SER B 355 20.05 -27.67 -13.99
N ALA B 356 21.34 -27.71 -14.34
CA ALA B 356 22.43 -27.72 -13.36
C ALA B 356 23.51 -26.74 -13.79
N THR B 357 24.08 -26.03 -12.83
CA THR B 357 25.14 -25.06 -13.10
C THR B 357 26.49 -25.72 -13.44
N PHE B 358 27.29 -25.00 -14.23
CA PHE B 358 28.68 -25.35 -14.50
C PHE B 358 29.52 -24.08 -14.69
N THR B 359 30.82 -24.19 -14.45
CA THR B 359 31.73 -23.03 -14.45
C THR B 359 32.37 -22.78 -15.81
N ASN B 360 32.98 -23.81 -16.36
CA ASN B 360 33.83 -23.67 -17.52
C ASN B 360 33.27 -24.37 -18.75
N GLU B 361 33.28 -23.66 -19.87
CA GLU B 361 32.85 -24.22 -21.16
C GLU B 361 33.82 -25.29 -21.65
N LYS B 362 35.06 -25.23 -21.16
CA LYS B 362 36.15 -26.09 -21.61
C LYS B 362 36.27 -27.39 -20.81
N GLU B 363 36.16 -27.30 -19.49
CA GLU B 363 36.40 -28.45 -18.62
C GLU B 363 35.14 -29.30 -18.41
N SER B 364 33.99 -28.63 -18.39
CA SER B 364 32.71 -29.30 -18.23
C SER B 364 32.29 -29.97 -19.53
N ALA B 365 32.92 -29.56 -20.63
CA ALA B 365 32.59 -30.04 -21.98
C ALA B 365 32.53 -31.55 -22.09
N ALA B 366 33.57 -32.23 -21.63
CA ALA B 366 33.65 -33.69 -21.69
C ALA B 366 32.52 -34.33 -20.90
N THR B 367 32.26 -33.75 -19.73
CA THR B 367 31.20 -34.21 -18.83
C THR B 367 29.81 -34.02 -19.46
N ILE B 368 29.57 -32.86 -20.05
CA ILE B 368 28.31 -32.53 -20.72
C ILE B 368 28.03 -33.49 -21.88
N ALA B 369 29.05 -33.70 -22.71
CA ALA B 369 28.96 -34.62 -23.84
C ALA B 369 28.56 -36.02 -23.38
N TYR B 370 29.06 -36.43 -22.22
CA TYR B 370 28.78 -37.75 -21.68
C TYR B 370 27.34 -37.85 -21.18
N LEU B 371 26.89 -36.82 -20.48
CA LEU B 371 25.50 -36.73 -20.02
C LEU B 371 24.50 -36.78 -21.18
N ARG B 372 24.85 -36.12 -22.28
CA ARG B 372 24.06 -36.18 -23.51
C ARG B 372 23.96 -37.60 -24.06
N GLU B 373 25.04 -38.37 -23.95
CA GLU B 373 25.02 -39.78 -24.33
C GLU B 373 23.98 -40.55 -23.51
N LEU B 374 23.99 -40.32 -22.19
CA LEU B 374 23.14 -41.05 -21.27
C LEU B 374 21.67 -40.70 -21.46
N ILE B 375 21.41 -39.40 -21.69
CA ILE B 375 20.08 -38.91 -22.01
C ILE B 375 19.57 -39.55 -23.29
N GLU B 376 20.40 -39.59 -24.32
CA GLU B 376 20.09 -40.27 -25.56
C GLU B 376 19.86 -41.75 -25.31
N LYS B 377 20.76 -42.37 -24.56
CA LYS B 377 20.66 -43.79 -24.24
C LYS B 377 19.25 -44.18 -23.76
N VAL B 378 18.67 -43.36 -22.89
CA VAL B 378 17.32 -43.66 -22.35
C VAL B 378 16.18 -43.14 -23.24
N GLY B 379 16.53 -42.59 -24.41
CA GLY B 379 15.52 -42.25 -25.41
C GLY B 379 15.15 -40.79 -25.70
N PHE B 380 15.80 -39.82 -25.06
CA PHE B 380 15.61 -38.41 -25.41
C PHE B 380 16.65 -37.92 -26.41
N ASN B 381 16.22 -37.32 -27.52
CA ASN B 381 17.11 -36.69 -28.50
C ASN B 381 17.72 -35.41 -27.90
N PRO B 382 19.03 -35.44 -27.60
CA PRO B 382 19.67 -34.32 -26.87
C PRO B 382 19.63 -32.99 -27.60
N LYS B 383 19.43 -33.02 -28.91
CA LYS B 383 19.24 -31.81 -29.68
C LYS B 383 17.99 -31.07 -29.20
N TYR B 384 16.95 -31.81 -28.83
CA TYR B 384 15.68 -31.23 -28.41
C TYR B 384 15.53 -31.20 -26.90
N TYR B 385 16.17 -32.14 -26.22
CA TYR B 385 15.91 -32.35 -24.81
C TYR B 385 17.06 -31.90 -23.90
N THR B 386 18.09 -31.32 -24.51
CA THR B 386 19.13 -30.62 -23.76
C THR B 386 19.38 -29.25 -24.36
N ALA B 387 20.10 -28.42 -23.61
CA ALA B 387 20.55 -27.12 -24.07
C ALA B 387 21.66 -26.59 -23.16
N ILE B 388 22.45 -25.68 -23.70
CA ILE B 388 23.40 -24.94 -22.90
C ILE B 388 22.95 -23.48 -22.92
N ASN B 389 22.92 -22.89 -21.73
CA ASN B 389 22.23 -21.63 -21.51
C ASN B 389 22.96 -20.80 -20.44
N SER B 390 23.19 -19.52 -20.74
CA SER B 390 23.77 -18.58 -19.77
C SER B 390 22.95 -17.30 -19.72
N SER B 391 22.94 -16.65 -18.56
CA SER B 391 22.19 -15.41 -18.36
C SER B 391 22.77 -14.23 -19.13
N TYR B 392 23.93 -14.43 -19.75
CA TYR B 392 24.53 -13.41 -20.61
C TYR B 392 23.74 -13.23 -21.92
N ASP B 393 23.08 -14.30 -22.36
CA ASP B 393 22.28 -14.29 -23.59
C ASP B 393 20.96 -13.50 -23.45
N LEU B 394 20.47 -13.38 -22.22
CA LEU B 394 19.17 -12.76 -21.93
C LEU B 394 19.11 -11.26 -22.26
N PRO B 395 17.92 -10.77 -22.68
CA PRO B 395 17.77 -9.42 -23.25
C PRO B 395 18.18 -8.31 -22.28
N TYR B 396 17.85 -8.49 -21.00
CA TYR B 396 18.21 -7.55 -19.96
C TYR B 396 19.70 -7.67 -19.64
N ASP B 397 20.29 -6.63 -19.04
CA ASP B 397 21.74 -6.62 -18.76
C ASP B 397 22.13 -6.17 -17.34
N PHE B 398 23.27 -5.51 -17.23
CA PHE B 398 23.77 -5.01 -15.94
CA PHE B 398 23.81 -5.04 -15.94
C PHE B 398 24.44 -3.64 -16.06
N TYR B 399 24.43 -2.88 -14.96
CA TYR B 399 25.01 -1.52 -14.96
C TYR B 399 26.52 -1.50 -14.71
N ARG B 400 27.27 -1.10 -15.74
CA ARG B 400 28.72 -0.98 -15.66
C ARG B 400 29.21 0.25 -16.44
N PRO B 401 29.81 1.24 -15.73
CA PRO B 401 30.38 2.42 -16.36
C PRO B 401 31.91 2.30 -16.52
N ARG B 405 25.83 1.82 -27.34
CA ARG B 405 26.40 2.68 -26.33
C ARG B 405 26.93 3.98 -26.94
N HIS B 406 26.57 5.11 -26.33
CA HIS B 406 27.14 6.41 -26.66
C HIS B 406 27.32 7.20 -25.36
N ARG B 407 26.27 7.18 -24.53
CA ARG B 407 26.34 7.75 -23.18
C ARG B 407 26.00 6.67 -22.15
N THR B 408 24.72 6.26 -22.11
CA THR B 408 24.19 5.20 -21.23
C THR B 408 24.92 4.98 -19.88
N GLN B 409 24.87 6.01 -19.03
CA GLN B 409 25.49 5.97 -17.70
C GLN B 409 24.81 6.99 -16.77
N ILE B 410 24.91 6.75 -15.47
CA ILE B 410 24.18 7.55 -14.49
C ILE B 410 25.03 8.72 -13.99
N GLU B 411 24.52 9.93 -14.18
CA GLU B 411 25.24 11.15 -13.80
C GLU B 411 24.56 11.86 -12.64
N LEU B 412 25.35 12.22 -11.64
CA LEU B 412 24.86 13.01 -10.51
C LEU B 412 25.23 14.47 -10.66
N MET B 413 24.22 15.33 -10.58
CA MET B 413 24.42 16.76 -10.73
C MET B 413 24.61 17.46 -9.38
N GLN B 414 25.78 18.08 -9.22
CA GLN B 414 26.06 18.90 -8.03
C GLN B 414 25.28 20.20 -8.11
N LYS B 415 25.04 20.82 -6.95
CA LYS B 415 24.31 22.08 -6.88
C LYS B 415 24.92 23.16 -7.78
N ASP B 416 26.20 23.04 -8.09
CA ASP B 416 26.91 23.99 -8.94
C ASP B 416 26.82 23.67 -10.44
N GLY B 417 26.18 22.56 -10.77
CA GLY B 417 25.97 22.21 -12.17
C GLY B 417 26.90 21.14 -12.71
N SER B 418 28.03 20.92 -12.03
CA SER B 418 29.00 19.91 -12.42
C SER B 418 28.45 18.50 -12.23
N LEU B 419 28.98 17.55 -13.01
CA LEU B 419 28.46 16.18 -13.04
C LEU B 419 29.47 15.17 -12.49
N VAL B 420 28.99 14.30 -11.62
CA VAL B 420 29.81 13.23 -11.04
C VAL B 420 29.20 11.87 -11.40
N GLU B 421 30.07 10.89 -11.63
CA GLU B 421 29.64 9.54 -11.92
C GLU B 421 29.20 8.84 -10.63
N LEU B 422 28.03 8.21 -10.68
CA LEU B 422 27.44 7.52 -9.53
C LEU B 422 28.41 6.56 -8.82
N ALA B 423 29.08 5.72 -9.61
CA ALA B 423 29.94 4.66 -9.05
C ALA B 423 31.17 5.23 -8.37
N THR B 424 31.56 6.43 -8.77
CA THR B 424 32.73 7.12 -8.21
C THR B 424 32.45 7.64 -6.80
N VAL B 425 31.17 7.82 -6.49
CA VAL B 425 30.78 8.38 -5.20
C VAL B 425 29.95 7.41 -4.34
N SER B 426 29.47 6.32 -4.94
CA SER B 426 28.73 5.29 -4.22
C SER B 426 29.43 3.92 -4.27
N PRO B 427 30.08 3.53 -3.15
CA PRO B 427 30.76 2.25 -3.06
C PRO B 427 29.80 1.05 -3.15
N LEU B 428 28.53 1.28 -2.84
CA LEU B 428 27.49 0.25 -2.95
C LEU B 428 27.23 -0.11 -4.40
N VAL B 429 27.03 0.91 -5.22
CA VAL B 429 26.82 0.75 -6.65
C VAL B 429 28.05 0.14 -7.30
N ALA B 430 29.23 0.61 -6.85
CA ALA B 430 30.50 0.08 -7.31
C ALA B 430 30.61 -1.42 -7.03
N ALA B 431 30.28 -1.83 -5.80
CA ALA B 431 30.35 -3.23 -5.38
C ALA B 431 29.44 -4.16 -6.19
N LEU B 432 28.23 -3.67 -6.48
CA LEU B 432 27.24 -4.46 -7.22
C LEU B 432 27.53 -4.52 -8.73
N ALA B 433 28.27 -3.54 -9.23
CA ALA B 433 28.73 -3.52 -10.62
C ALA B 433 29.63 -4.72 -10.88
N GLY B 434 30.60 -4.94 -9.98
CA GLY B 434 31.50 -6.09 -10.07
C GLY B 434 30.83 -7.41 -9.72
N GLN B 435 29.55 -7.34 -9.37
CA GLN B 435 28.78 -8.52 -9.01
C GLN B 435 27.96 -9.05 -10.17
N SER B 436 28.57 -9.92 -10.97
CA SER B 436 27.89 -10.53 -12.10
C SER B 436 28.19 -12.02 -12.17
N GLN B 437 27.75 -12.74 -11.14
CA GLN B 437 27.85 -14.21 -11.12
C GLN B 437 26.80 -14.83 -12.05
N GLY B 438 26.57 -14.18 -13.20
CA GLY B 438 25.73 -14.71 -14.25
C GLY B 438 26.17 -16.12 -14.59
N ASP B 439 25.27 -17.07 -14.38
CA ASP B 439 25.60 -18.49 -14.41
C ASP B 439 25.81 -19.09 -15.81
N GLU B 440 26.00 -20.41 -15.84
CA GLU B 440 25.95 -21.20 -17.06
C GLU B 440 25.25 -22.48 -16.70
N ARG B 441 24.29 -22.87 -17.53
CA ARG B 441 23.44 -24.02 -17.22
C ARG B 441 23.36 -25.04 -18.32
N PHE B 442 23.30 -26.30 -17.91
CA PHE B 442 22.98 -27.41 -18.78
C PHE B 442 21.58 -27.85 -18.45
N TYR B 443 20.72 -27.86 -19.46
CA TYR B 443 19.32 -28.23 -19.28
C TYR B 443 19.09 -29.65 -19.73
N PHE B 444 18.19 -30.36 -19.05
CA PHE B 444 17.96 -31.78 -19.32
C PHE B 444 16.58 -32.15 -18.78
N PRO B 445 15.98 -33.24 -19.30
CA PRO B 445 14.65 -33.65 -18.81
C PRO B 445 14.65 -34.00 -17.33
N LYS B 446 13.62 -33.54 -16.62
CA LYS B 446 13.41 -33.89 -15.20
C LYS B 446 13.45 -35.40 -14.98
N GLU B 447 12.86 -36.14 -15.92
CA GLU B 447 12.84 -37.60 -15.90
C GLU B 447 14.20 -38.22 -15.57
N MET B 448 15.29 -37.53 -15.90
CA MET B 448 16.65 -38.01 -15.66
C MET B 448 16.98 -38.20 -14.18
N LEU B 449 16.33 -37.39 -13.33
CA LEU B 449 16.46 -37.48 -11.89
C LEU B 449 15.19 -38.07 -11.26
N ASP B 450 14.27 -38.52 -12.12
CA ASP B 450 12.96 -39.08 -11.75
C ASP B 450 12.01 -38.05 -11.15
N ASP B 458 11.52 -51.65 -15.46
CA ASP B 458 12.25 -50.72 -16.32
C ASP B 458 13.72 -50.65 -15.88
N LEU B 459 14.57 -51.39 -16.60
CA LEU B 459 16.00 -51.52 -16.26
C LEU B 459 16.93 -50.49 -16.92
N PHE B 460 16.37 -49.34 -17.29
CA PHE B 460 17.18 -48.16 -17.63
C PHE B 460 17.69 -47.49 -16.35
N ASP B 461 17.37 -48.11 -15.21
CA ASP B 461 17.62 -47.56 -13.88
C ASP B 461 19.09 -47.28 -13.58
N GLU B 462 19.98 -48.11 -14.11
CA GLU B 462 21.41 -47.91 -13.92
C GLU B 462 21.86 -46.62 -14.61
N THR B 463 21.32 -46.36 -15.80
CA THR B 463 21.64 -45.12 -16.53
C THR B 463 21.21 -43.87 -15.75
N TYR B 464 20.01 -43.90 -15.15
CA TYR B 464 19.52 -42.77 -14.35
C TYR B 464 20.41 -42.50 -13.13
N ARG B 465 20.85 -43.57 -12.47
CA ARG B 465 21.72 -43.44 -11.31
C ARG B 465 23.07 -42.85 -11.70
N GLU B 466 23.65 -43.35 -12.79
CA GLU B 466 24.86 -42.77 -13.34
C GLU B 466 24.69 -41.27 -13.53
N PHE B 467 23.67 -40.89 -14.30
CA PHE B 467 23.35 -39.49 -14.56
C PHE B 467 23.23 -38.65 -13.27
N SER B 468 22.44 -39.14 -12.32
CA SER B 468 22.29 -38.48 -11.02
C SER B 468 23.60 -38.14 -10.31
N SER B 469 24.55 -39.08 -10.31
CA SER B 469 25.82 -38.92 -9.58
C SER B 469 26.68 -37.78 -10.11
N TYR B 470 26.31 -37.26 -11.29
CA TYR B 470 26.98 -36.10 -11.87
C TYR B 470 26.28 -34.79 -11.50
N ILE B 471 25.19 -34.88 -10.75
CA ILE B 471 24.46 -33.69 -10.32
C ILE B 471 24.21 -33.63 -8.81
N HIS B 472 24.72 -32.58 -8.19
CA HIS B 472 24.65 -32.38 -6.76
C HIS B 472 24.24 -30.95 -6.41
N ASN B 473 23.09 -30.83 -5.74
CA ASN B 473 22.50 -29.55 -5.37
C ASN B 473 22.42 -28.53 -6.51
N GLY B 474 21.80 -28.96 -7.61
CA GLY B 474 21.62 -28.11 -8.80
C GLY B 474 22.92 -27.67 -9.46
N ALA B 475 23.95 -28.50 -9.32
CA ALA B 475 25.27 -28.19 -9.89
C ALA B 475 25.95 -29.43 -10.45
N LEU B 476 26.71 -29.23 -11.52
CA LEU B 476 27.47 -30.30 -12.17
C LEU B 476 28.69 -30.77 -11.39
N VAL B 477 28.80 -32.08 -11.21
CA VAL B 477 29.98 -32.73 -10.67
C VAL B 477 30.83 -33.18 -11.85
N LEU B 478 32.01 -32.58 -12.00
CA LEU B 478 32.89 -32.90 -13.13
C LEU B 478 33.69 -34.17 -12.83
N LYS B 479 33.31 -35.26 -13.51
CA LYS B 479 33.94 -36.56 -13.28
C LYS B 479 34.71 -37.10 -14.49
N LYS B 480 34.10 -37.01 -15.68
CA LYS B 480 34.73 -37.57 -16.89
C LYS B 480 35.68 -36.58 -17.59
N THR C 26 -7.52 -20.23 43.53
CA THR C 26 -6.92 -19.28 42.56
C THR C 26 -5.76 -19.91 41.80
N ILE C 27 -5.53 -19.42 40.58
CA ILE C 27 -4.43 -19.86 39.74
C ILE C 27 -3.22 -18.95 39.99
N PRO C 28 -2.00 -19.54 40.07
CA PRO C 28 -0.79 -18.74 40.23
C PRO C 28 -0.63 -17.64 39.17
N TYR C 29 -0.17 -16.47 39.62
CA TYR C 29 -0.06 -15.26 38.81
C TYR C 29 0.61 -15.48 37.45
N LYS C 30 1.72 -16.22 37.46
CA LYS C 30 2.50 -16.52 36.25
C LYS C 30 1.67 -17.25 35.19
N GLU C 31 0.66 -17.99 35.65
CA GLU C 31 -0.19 -18.80 34.77
C GLU C 31 -1.52 -18.12 34.42
N GLN C 32 -1.79 -16.96 35.04
CA GLN C 32 -3.08 -16.30 34.88
C GLN C 32 -3.33 -15.78 33.46
N ARG C 33 -4.35 -16.36 32.84
CA ARG C 33 -4.81 -15.96 31.50
C ARG C 33 -6.05 -15.08 31.63
N LEU C 34 -6.20 -14.13 30.72
CA LEU C 34 -7.37 -13.26 30.70
C LEU C 34 -8.58 -14.03 30.21
N PRO C 35 -9.77 -13.77 30.81
CA PRO C 35 -11.00 -14.45 30.37
C PRO C 35 -11.10 -14.44 28.84
N ILE C 36 -11.07 -13.23 28.26
CA ILE C 36 -11.03 -13.07 26.80
C ILE C 36 -9.79 -12.31 26.38
N GLU C 37 -9.15 -12.81 25.31
CA GLU C 37 -8.04 -12.12 24.67
C GLU C 37 -8.33 -10.63 24.48
N LYS C 38 -7.39 -9.79 24.89
CA LYS C 38 -7.52 -8.34 24.74
C LYS C 38 -6.71 -7.82 23.57
N VAL C 39 -7.42 -7.29 22.58
CA VAL C 39 -6.78 -6.80 21.36
C VAL C 39 -6.66 -5.28 21.36
N PHE C 40 -5.48 -4.81 20.95
CA PHE C 40 -5.19 -3.40 20.85
C PHE C 40 -5.00 -3.07 19.37
N ARG C 41 -5.80 -2.15 18.86
CA ARG C 41 -5.63 -1.71 17.49
C ARG C 41 -4.24 -1.07 17.33
N ASP C 42 -3.52 -1.51 16.31
CA ASP C 42 -2.21 -0.98 16.00
C ASP C 42 -2.08 -0.81 14.49
N PRO C 43 -1.72 0.40 14.04
CA PRO C 43 -1.68 0.61 12.59
C PRO C 43 -0.62 -0.23 11.87
N VAL C 44 0.39 -0.68 12.60
CA VAL C 44 1.51 -1.44 12.03
C VAL C 44 1.26 -2.95 11.98
N HIS C 45 0.92 -3.53 13.13
CA HIS C 45 0.70 -4.98 13.24
C HIS C 45 -0.77 -5.35 13.24
N ASN C 46 -1.61 -4.37 12.88
CA ASN C 46 -3.07 -4.47 12.88
CA ASN C 46 -3.08 -4.55 12.85
C ASN C 46 -3.63 -4.65 14.28
N TYR C 47 -3.17 -5.66 15.02
CA TYR C 47 -3.59 -5.91 16.39
C TYR C 47 -2.43 -6.32 17.29
N ILE C 48 -2.45 -5.81 18.52
CA ILE C 48 -1.61 -6.33 19.60
C ILE C 48 -2.51 -7.27 20.40
N HIS C 49 -2.03 -8.50 20.63
CA HIS C 49 -2.82 -9.52 21.33
C HIS C 49 -2.28 -9.80 22.72
N VAL C 50 -3.14 -9.64 23.73
CA VAL C 50 -2.76 -9.86 25.13
C VAL C 50 -3.62 -10.94 25.79
N GLN C 51 -2.98 -12.02 26.25
CA GLN C 51 -3.64 -13.13 26.94
C GLN C 51 -3.28 -13.25 28.42
N HIS C 52 -2.08 -12.80 28.79
CA HIS C 52 -1.61 -12.93 30.17
C HIS C 52 -2.00 -11.74 31.03
N GLN C 53 -2.47 -12.02 32.24
CA GLN C 53 -2.75 -10.99 33.25
C GLN C 53 -1.50 -10.17 33.56
N VAL C 54 -0.34 -10.83 33.62
CA VAL C 54 0.92 -10.15 33.89
C VAL C 54 1.22 -9.07 32.85
N ILE C 55 1.01 -9.41 31.57
CA ILE C 55 1.25 -8.49 30.47
C ILE C 55 0.27 -7.32 30.51
N LEU C 56 -1.02 -7.60 30.72
CA LEU C 56 -2.01 -6.54 30.81
C LEU C 56 -1.67 -5.56 31.94
N ASP C 57 -1.28 -6.12 33.09
CA ASP C 57 -0.88 -5.32 34.25
C ASP C 57 0.36 -4.48 33.96
N LEU C 58 1.32 -5.06 33.25
CA LEU C 58 2.53 -4.31 32.91
C LEU C 58 2.22 -3.14 31.99
N ILE C 59 1.37 -3.38 30.98
CA ILE C 59 0.92 -2.34 30.06
C ILE C 59 0.23 -1.21 30.81
N ASN C 60 -0.59 -1.60 31.78
CA ASN C 60 -1.37 -0.65 32.56
C ASN C 60 -0.57 0.07 33.64
N SER C 61 0.65 -0.41 33.90
CA SER C 61 1.50 0.13 34.98
C SER C 61 1.99 1.56 34.68
N ALA C 62 2.29 2.31 35.74
CA ALA C 62 2.65 3.73 35.66
C ALA C 62 3.86 4.01 34.77
N GLU C 63 4.87 3.14 34.86
CA GLU C 63 6.14 3.33 34.18
C GLU C 63 6.05 3.05 32.68
N VAL C 64 5.13 2.17 32.28
CA VAL C 64 4.90 1.88 30.87
C VAL C 64 4.01 2.97 30.27
N GLN C 65 3.00 3.41 31.02
CA GLN C 65 2.06 4.42 30.56
C GLN C 65 2.72 5.74 30.17
N ARG C 66 3.79 6.10 30.87
CA ARG C 66 4.43 7.39 30.64
C ARG C 66 5.21 7.42 29.32
N LEU C 67 5.46 6.24 28.77
CA LEU C 67 6.04 6.13 27.43
C LEU C 67 5.11 6.72 26.34
N ARG C 68 3.83 6.90 26.64
CA ARG C 68 2.93 7.63 25.73
C ARG C 68 3.36 9.07 25.53
N ARG C 69 3.97 9.63 26.58
CA ARG C 69 4.34 11.04 26.61
C ARG C 69 5.78 11.28 26.12
N ILE C 70 6.36 10.28 25.44
CA ILE C 70 7.72 10.40 24.95
C ILE C 70 7.78 9.93 23.49
N LYS C 71 8.20 10.83 22.61
CA LYS C 71 8.28 10.51 21.18
C LYS C 71 9.37 9.48 20.94
N GLN C 72 9.09 8.58 20.02
CA GLN C 72 10.04 7.53 19.67
C GLN C 72 11.25 8.08 18.90
N LEU C 73 11.01 9.05 18.01
CA LEU C 73 12.09 9.47 17.12
C LEU C 73 12.68 10.84 17.45
N GLY C 74 12.24 11.38 18.57
CA GLY C 74 12.78 12.64 19.10
C GLY C 74 12.55 13.78 18.15
N THR C 75 13.60 14.15 17.44
CA THR C 75 13.61 15.34 16.61
C THR C 75 13.21 15.03 15.17
N SER C 76 13.10 13.75 14.83
CA SER C 76 12.72 13.36 13.48
C SER C 76 11.40 13.96 12.99
N SER C 77 10.47 14.24 13.90
CA SER C 77 9.19 14.80 13.51
C SER C 77 9.32 16.17 12.86
N PHE C 78 10.46 16.82 13.05
CA PHE C 78 10.68 18.13 12.42
C PHE C 78 10.95 18.01 10.92
N THR C 79 11.48 16.86 10.51
CA THR C 79 11.78 16.61 9.10
C THR C 79 10.71 15.71 8.45
N PHE C 80 10.19 14.75 9.22
CA PHE C 80 9.10 13.87 8.82
C PHE C 80 7.96 14.07 9.81
N HIS C 81 7.00 14.94 9.45
CA HIS C 81 6.02 15.39 10.43
C HIS C 81 4.98 14.33 10.83
N GLY C 82 4.96 13.21 10.13
CA GLY C 82 4.16 12.08 10.60
C GLY C 82 4.78 11.36 11.80
N ALA C 83 6.07 11.56 12.06
CA ALA C 83 6.79 10.77 13.07
C ALA C 83 6.51 11.18 14.53
N GLU C 84 5.22 11.21 14.91
CA GLU C 84 4.82 11.68 16.24
CA GLU C 84 4.80 11.68 16.22
C GLU C 84 4.45 10.53 17.17
N HIS C 85 4.69 9.30 16.71
CA HIS C 85 4.40 8.08 17.48
C HIS C 85 5.26 7.97 18.75
N SER C 86 4.69 7.36 19.78
CA SER C 86 5.34 7.30 21.08
C SER C 86 6.17 6.03 21.27
N ARG C 87 6.98 6.04 22.32
CA ARG C 87 7.73 4.85 22.71
C ARG C 87 6.79 3.77 23.25
N PHE C 88 5.58 4.19 23.65
CA PHE C 88 4.58 3.25 24.12
C PHE C 88 4.12 2.33 23.00
N SER C 89 3.76 2.90 21.85
CA SER C 89 3.27 2.07 20.74
C SER C 89 4.38 1.18 20.21
N HIS C 90 5.61 1.66 20.22
CA HIS C 90 6.76 0.84 19.86
C HIS C 90 6.95 -0.34 20.81
N SER C 91 6.77 -0.08 22.11
CA SER C 91 6.91 -1.11 23.13
C SER C 91 5.88 -2.23 22.94
N LEU C 92 4.63 -1.85 22.67
CA LEU C 92 3.60 -2.86 22.40
C LEU C 92 3.91 -3.62 21.12
N GLY C 93 4.50 -2.93 20.14
CA GLY C 93 4.88 -3.54 18.87
C GLY C 93 5.93 -4.64 19.07
N VAL C 94 6.95 -4.31 19.84
CA VAL C 94 8.04 -5.25 20.11
C VAL C 94 7.49 -6.46 20.84
N TYR C 95 6.61 -6.21 21.82
CA TYR C 95 5.92 -7.29 22.53
C TYR C 95 5.15 -8.17 21.55
N GLU C 96 4.41 -7.55 20.63
CA GLU C 96 3.60 -8.28 19.67
C GLU C 96 4.41 -9.18 18.73
N ILE C 97 5.49 -8.64 18.16
CA ILE C 97 6.36 -9.41 17.26
C ILE C 97 6.94 -10.61 18.01
N THR C 98 7.37 -10.38 19.25
CA THR C 98 7.95 -11.40 20.13
C THR C 98 6.92 -12.50 20.42
N ARG C 99 5.67 -12.09 20.64
CA ARG C 99 4.60 -13.05 20.87
C ARG C 99 4.38 -13.92 19.63
N ARG C 100 4.42 -13.30 18.46
CA ARG C 100 4.23 -14.05 17.22
C ARG C 100 5.35 -15.07 17.02
N ILE C 101 6.58 -14.68 17.36
CA ILE C 101 7.75 -15.55 17.24
C ILE C 101 7.68 -16.74 18.20
N CYS C 102 7.34 -16.47 19.46
CA CYS C 102 7.18 -17.50 20.48
C CYS C 102 6.10 -18.50 20.10
N GLU C 103 5.02 -17.99 19.52
CA GLU C 103 3.90 -18.79 19.05
C GLU C 103 4.36 -19.75 17.96
N ILE C 104 5.07 -19.23 16.97
CA ILE C 104 5.65 -20.03 15.88
C ILE C 104 6.68 -21.02 16.41
N PHE C 105 7.53 -20.57 17.32
CA PHE C 105 8.56 -21.40 17.93
C PHE C 105 7.93 -22.57 18.66
N GLN C 106 6.85 -22.30 19.38
CA GLN C 106 6.21 -23.33 20.19
C GLN C 106 5.52 -24.39 19.33
N ARG C 107 4.81 -23.98 18.29
CA ARG C 107 4.05 -24.97 17.51
C ARG C 107 4.85 -25.71 16.41
N ASN C 108 6.04 -25.22 16.08
CA ASN C 108 6.84 -25.84 15.03
C ASN C 108 8.22 -26.33 15.48
N TYR C 109 8.77 -25.69 16.50
CA TYR C 109 10.13 -25.98 16.93
C TYR C 109 10.27 -26.14 18.44
N SER C 110 9.30 -26.77 19.07
CA SER C 110 9.34 -26.97 20.52
C SER C 110 10.46 -27.94 20.88
N VAL C 111 10.85 -27.95 22.16
CA VAL C 111 11.85 -28.89 22.65
C VAL C 111 11.36 -30.33 22.50
N GLU C 112 10.04 -30.52 22.60
CA GLU C 112 9.39 -31.80 22.31
C GLU C 112 9.73 -32.38 20.94
N ARG C 113 10.20 -31.54 20.01
CA ARG C 113 10.45 -31.96 18.64
C ARG C 113 11.92 -31.91 18.25
N LEU C 114 12.61 -30.82 18.61
CA LEU C 114 14.02 -30.66 18.24
C LEU C 114 14.97 -30.87 19.42
N GLY C 115 14.42 -31.18 20.59
CA GLY C 115 15.18 -31.31 21.83
C GLY C 115 16.04 -30.10 22.14
N GLU C 116 17.36 -30.32 22.09
CA GLU C 116 18.40 -29.35 22.39
C GLU C 116 18.28 -28.06 21.59
N ASN C 117 18.09 -28.20 20.27
CA ASN C 117 17.99 -27.06 19.37
C ASN C 117 16.61 -26.37 19.40
N GLY C 118 15.75 -26.82 20.30
CA GLY C 118 14.34 -26.40 20.31
C GLY C 118 13.99 -25.30 21.29
N TRP C 119 12.74 -24.83 21.20
CA TRP C 119 12.24 -23.75 22.03
C TRP C 119 11.50 -24.29 23.23
N ASN C 120 11.80 -23.75 24.40
CA ASN C 120 11.16 -24.14 25.65
C ASN C 120 10.13 -23.11 26.08
N ASP C 121 8.85 -23.42 25.88
CA ASP C 121 7.77 -22.45 26.08
C ASP C 121 7.59 -21.99 27.53
N ASP C 122 8.31 -22.61 28.47
CA ASP C 122 8.41 -22.06 29.83
C ASP C 122 9.06 -20.66 29.83
N GLU C 123 9.84 -20.37 28.78
CA GLU C 123 10.50 -19.07 28.63
C GLU C 123 9.61 -17.98 28.08
N ARG C 124 8.40 -18.33 27.65
CA ARG C 124 7.52 -17.36 26.99
C ARG C 124 7.27 -16.08 27.81
N LEU C 125 6.82 -16.26 29.05
CA LEU C 125 6.41 -15.12 29.87
C LEU C 125 7.52 -14.13 30.15
N ILE C 126 8.70 -14.63 30.53
CA ILE C 126 9.86 -13.77 30.73
C ILE C 126 10.29 -13.06 29.44
N THR C 127 10.13 -13.73 28.30
CA THR C 127 10.51 -13.16 27.02
C THR C 127 9.54 -12.02 26.63
N LEU C 128 8.26 -12.23 26.91
CA LEU C 128 7.24 -11.21 26.63
C LEU C 128 7.42 -10.00 27.53
N CYS C 129 7.74 -10.27 28.79
CA CYS C 129 8.00 -9.21 29.75
C CYS C 129 9.19 -8.35 29.31
N ALA C 130 10.31 -9.01 29.03
CA ALA C 130 11.50 -8.30 28.53
C ALA C 130 11.24 -7.51 27.24
N ALA C 131 10.40 -8.06 26.35
CA ALA C 131 10.05 -7.37 25.12
C ALA C 131 9.24 -6.10 25.39
N LEU C 132 8.27 -6.19 26.29
CA LEU C 132 7.45 -5.04 26.62
C LEU C 132 8.25 -3.94 27.33
N LEU C 133 9.17 -4.35 28.19
CA LEU C 133 9.86 -3.42 29.09
C LEU C 133 11.20 -2.95 28.56
N HIS C 134 11.60 -3.40 27.37
CA HIS C 134 12.97 -3.17 26.89
C HIS C 134 13.41 -1.70 26.85
N ASP C 135 12.46 -0.79 26.67
CA ASP C 135 12.75 0.63 26.50
C ASP C 135 12.19 1.49 27.62
N VAL C 136 11.77 0.85 28.71
CA VAL C 136 11.09 1.55 29.79
C VAL C 136 11.96 2.63 30.46
N GLY C 137 13.28 2.49 30.39
CA GLY C 137 14.20 3.44 31.01
C GLY C 137 14.55 4.67 30.17
N HIS C 138 14.01 4.75 28.95
CA HIS C 138 14.19 5.92 28.10
C HIS C 138 13.43 7.12 28.67
N GLY C 139 14.10 8.27 28.73
CA GLY C 139 13.44 9.53 29.08
C GLY C 139 13.25 10.37 27.82
N PRO C 140 12.83 11.64 27.98
CA PRO C 140 12.60 12.50 26.84
C PRO C 140 13.88 12.73 26.04
N TYR C 141 13.77 12.77 24.71
CA TYR C 141 14.91 13.01 23.81
C TYR C 141 16.14 12.29 24.34
N SER C 142 16.02 10.97 24.39
CA SER C 142 16.92 10.12 25.15
C SER C 142 18.40 10.37 24.85
N HIS C 143 18.74 10.41 23.56
CA HIS C 143 20.14 10.59 23.15
C HIS C 143 20.76 11.94 23.60
N THR C 144 20.00 13.02 23.43
CA THR C 144 20.43 14.35 23.83
C THR C 144 20.53 14.44 25.34
N PHE C 145 19.53 13.89 26.02
CA PHE C 145 19.45 13.92 27.47
C PHE C 145 20.64 13.22 28.15
N GLU C 146 21.06 12.09 27.59
CA GLU C 146 22.19 11.35 28.16
C GLU C 146 23.51 12.06 27.95
N HIS C 147 23.63 12.78 26.84
CA HIS C 147 24.85 13.55 26.59
C HIS C 147 25.03 14.67 27.61
N ILE C 148 23.95 15.40 27.92
CA ILE C 148 24.00 16.56 28.82
C ILE C 148 23.95 16.17 30.30
N PHE C 149 23.09 15.22 30.64
CA PHE C 149 22.86 14.87 32.05
C PHE C 149 23.49 13.56 32.51
N ASP C 150 24.22 12.91 31.61
CA ASP C 150 24.95 11.66 31.88
C ASP C 150 24.07 10.53 32.45
N THR C 151 22.83 10.47 31.99
CA THR C 151 21.94 9.34 32.28
C THR C 151 22.28 8.16 31.36
N ASN C 152 21.79 6.98 31.70
CA ASN C 152 21.94 5.78 30.87
C ASN C 152 20.64 4.99 30.93
N HIS C 153 19.99 4.84 29.78
CA HIS C 153 18.62 4.32 29.75
C HIS C 153 18.54 2.82 30.07
N GLU C 154 19.55 2.06 29.66
CA GLU C 154 19.62 0.65 30.04
C GLU C 154 19.77 0.50 31.56
N ALA C 155 20.69 1.25 32.17
CA ALA C 155 20.81 1.25 33.63
C ALA C 155 19.46 1.57 34.30
N ILE C 156 18.76 2.57 33.78
CA ILE C 156 17.47 2.99 34.33
C ILE C 156 16.37 1.96 34.13
N THR C 157 16.35 1.33 32.95
CA THR C 157 15.46 0.22 32.68
C THR C 157 15.61 -0.86 33.75
N VAL C 158 16.86 -1.27 34.01
CA VAL C 158 17.15 -2.30 35.00
C VAL C 158 16.69 -1.84 36.37
N GLN C 159 16.95 -0.57 36.69
CA GLN C 159 16.47 0.05 37.93
C GLN C 159 14.95 -0.08 38.07
N ILE C 160 14.20 0.25 37.02
CA ILE C 160 12.74 0.25 37.07
C ILE C 160 12.22 -1.16 37.30
N ILE C 161 12.92 -2.13 36.74
CA ILE C 161 12.54 -3.52 36.85
C ILE C 161 12.86 -4.05 38.23
N THR C 162 14.01 -3.63 38.79
CA THR C 162 14.51 -4.20 40.04
C THR C 162 14.25 -3.34 41.29
N SER C 163 13.65 -2.16 41.12
CA SER C 163 13.38 -1.26 42.25
C SER C 163 11.95 -1.38 42.77
N PRO C 164 11.82 -1.69 44.08
CA PRO C 164 10.53 -1.93 44.73
C PRO C 164 9.58 -0.74 44.66
N GLU C 165 10.11 0.48 44.53
CA GLU C 165 9.29 1.67 44.45
C GLU C 165 8.39 1.75 43.22
N THR C 166 8.66 0.92 42.19
CA THR C 166 7.85 0.93 40.96
C THR C 166 6.69 -0.05 40.96
N GLU C 167 5.66 0.31 40.19
CA GLU C 167 4.53 -0.54 39.88
C GLU C 167 4.99 -1.77 39.09
N VAL C 168 5.96 -1.58 38.20
CA VAL C 168 6.48 -2.66 37.34
C VAL C 168 7.14 -3.78 38.14
N TYR C 169 7.92 -3.39 39.15
CA TYR C 169 8.54 -4.35 40.05
C TYR C 169 7.47 -5.18 40.77
N GLN C 170 6.49 -4.48 41.36
CA GLN C 170 5.47 -5.12 42.18
C GLN C 170 4.64 -6.15 41.40
N ILE C 171 4.61 -5.99 40.09
CA ILE C 171 3.97 -6.94 39.19
C ILE C 171 4.89 -8.15 38.94
N LEU C 172 6.14 -7.86 38.61
CA LEU C 172 7.12 -8.88 38.29
C LEU C 172 7.48 -9.74 39.50
N ASN C 173 7.67 -9.10 40.64
CA ASN C 173 8.01 -9.78 41.89
C ASN C 173 6.83 -10.62 42.40
N ARG C 174 5.62 -10.21 42.03
CA ARG C 174 4.41 -10.99 42.28
C ARG C 174 4.38 -12.25 41.42
N VAL C 175 5.06 -12.25 40.27
CA VAL C 175 5.23 -13.48 39.49
C VAL C 175 6.00 -14.48 40.34
N SER C 176 7.19 -14.08 40.78
CA SER C 176 7.98 -14.79 41.77
C SER C 176 9.12 -13.89 42.23
N ALA C 177 9.60 -14.13 43.46
CA ALA C 177 10.65 -13.29 44.07
C ALA C 177 11.84 -12.97 43.15
N ASP C 178 12.28 -13.97 42.38
CA ASP C 178 13.47 -13.88 41.53
C ASP C 178 13.18 -13.38 40.12
N PHE C 179 11.90 -13.22 39.80
CA PHE C 179 11.49 -12.85 38.43
C PHE C 179 12.01 -11.50 37.95
N PRO C 180 11.97 -10.46 38.82
CA PRO C 180 12.49 -9.15 38.40
C PRO C 180 13.94 -9.19 37.92
N GLU C 181 14.82 -9.85 38.69
CA GLU C 181 16.23 -9.99 38.33
CA GLU C 181 16.23 -9.96 38.31
C GLU C 181 16.38 -10.69 36.98
N LYS C 182 15.61 -11.76 36.80
CA LYS C 182 15.62 -12.50 35.54
C LYS C 182 15.18 -11.66 34.34
N VAL C 183 14.10 -10.89 34.48
CA VAL C 183 13.66 -9.99 33.40
C VAL C 183 14.77 -8.99 33.02
N ALA C 184 15.43 -8.43 34.04
CA ALA C 184 16.48 -7.44 33.84
C ALA C 184 17.69 -8.06 33.14
N SER C 185 18.00 -9.32 33.49
CA SER C 185 19.11 -10.06 32.89
C SER C 185 18.94 -10.34 31.39
N VAL C 186 17.70 -10.39 30.92
CA VAL C 186 17.44 -10.57 29.49
C VAL C 186 17.87 -9.31 28.77
N ILE C 187 17.53 -8.16 29.35
CA ILE C 187 17.86 -6.86 28.78
C ILE C 187 19.35 -6.58 28.83
N THR C 188 20.01 -6.97 29.91
CA THR C 188 21.45 -6.79 30.03
C THR C 188 22.19 -7.90 29.27
N LYS C 189 21.42 -8.85 28.75
CA LYS C 189 21.93 -9.92 27.87
C LYS C 189 22.76 -10.94 28.66
N GLN C 190 22.48 -11.06 29.95
CA GLN C 190 23.21 -11.98 30.80
C GLN C 190 22.44 -13.26 31.07
N TYR C 191 21.14 -13.24 30.76
CA TYR C 191 20.28 -14.43 30.89
C TYR C 191 20.82 -15.63 30.10
N PRO C 192 20.78 -16.84 30.69
CA PRO C 192 21.49 -17.99 30.11
C PRO C 192 20.93 -18.57 28.79
N ASN C 193 19.69 -18.26 28.46
CA ASN C 193 19.06 -18.79 27.25
C ASN C 193 19.24 -17.84 26.05
N PRO C 194 20.13 -18.21 25.12
CA PRO C 194 20.44 -17.34 23.97
C PRO C 194 19.24 -17.08 23.05
N GLN C 195 18.30 -18.02 23.00
CA GLN C 195 17.07 -17.82 22.24
C GLN C 195 16.24 -16.66 22.78
N VAL C 196 16.14 -16.58 24.10
CA VAL C 196 15.41 -15.52 24.78
C VAL C 196 16.09 -14.15 24.57
N VAL C 197 17.41 -14.11 24.78
CA VAL C 197 18.19 -12.89 24.63
C VAL C 197 18.17 -12.37 23.19
N GLN C 198 18.44 -13.27 22.23
CA GLN C 198 18.53 -12.88 20.81
C GLN C 198 17.21 -12.42 20.20
N MET C 199 16.08 -12.84 20.79
CA MET C 199 14.77 -12.44 20.27
C MET C 199 14.55 -10.95 20.51
N ILE C 200 15.18 -10.46 21.56
CA ILE C 200 14.99 -9.09 22.00
C ILE C 200 16.15 -8.20 21.60
N SER C 201 17.35 -8.79 21.54
CA SER C 201 18.52 -8.02 21.14
C SER C 201 19.48 -8.88 20.35
N SER C 202 19.68 -8.49 19.10
CA SER C 202 20.60 -9.17 18.19
C SER C 202 20.82 -8.23 17.00
N GLN C 203 21.22 -8.76 15.85
CA GLN C 203 21.30 -7.97 14.63
C GLN C 203 19.98 -7.98 13.86
N ILE C 204 19.07 -8.85 14.29
CA ILE C 204 17.77 -9.00 13.64
C ILE C 204 16.75 -9.48 14.68
N ASP C 205 16.26 -8.55 15.47
CA ASP C 205 15.43 -8.88 16.63
C ASP C 205 14.08 -8.14 16.57
N ALA C 206 13.21 -8.44 17.53
CA ALA C 206 11.87 -7.90 17.58
C ALA C 206 11.86 -6.37 17.74
N ASP C 207 12.94 -5.85 18.34
CA ASP C 207 13.11 -4.42 18.60
C ASP C 207 13.38 -3.68 17.28
N ARG C 208 14.44 -4.10 16.60
CA ARG C 208 14.77 -3.55 15.29
C ARG C 208 13.62 -3.73 14.29
N MET C 209 13.01 -4.90 14.28
CA MET C 209 11.95 -5.19 13.32
C MET C 209 10.74 -4.24 13.51
N ASP C 210 10.36 -4.01 14.76
CA ASP C 210 9.25 -3.09 15.00
C ASP C 210 9.60 -1.65 14.64
N TYR C 211 10.73 -1.12 15.12
CA TYR C 211 10.97 0.30 14.84
C TYR C 211 11.22 0.58 13.37
N LEU C 212 11.88 -0.34 12.67
CA LEU C 212 12.05 -0.16 11.23
C LEU C 212 10.71 -0.04 10.51
N LEU C 213 9.79 -0.95 10.81
CA LEU C 213 8.48 -0.93 10.19
C LEU C 213 7.65 0.26 10.65
N ARG C 214 7.65 0.51 11.96
CA ARG C 214 6.84 1.55 12.57
C ARG C 214 7.37 2.95 12.20
N ASP C 215 8.68 3.12 12.27
CA ASP C 215 9.28 4.38 11.85
C ASP C 215 9.00 4.67 10.37
N ALA C 216 9.06 3.63 9.53
CA ALA C 216 8.73 3.77 8.12
C ALA C 216 7.25 4.12 7.95
N TYR C 217 6.40 3.45 8.73
CA TYR C 217 4.96 3.63 8.62
C TYR C 217 4.58 5.07 8.90
N PHE C 218 5.15 5.66 9.94
CA PHE C 218 4.81 7.03 10.36
C PHE C 218 5.54 8.14 9.60
N THR C 219 6.80 7.93 9.23
CA THR C 219 7.48 8.94 8.41
C THR C 219 6.89 9.00 7.01
N GLY C 220 6.35 7.88 6.53
CA GLY C 220 5.79 7.79 5.17
C GLY C 220 6.78 7.34 4.10
N THR C 221 7.94 6.84 4.54
CA THR C 221 8.91 6.22 3.63
C THR C 221 8.45 4.78 3.34
N GLU C 222 7.24 4.68 2.78
CA GLU C 222 6.53 3.41 2.56
C GLU C 222 7.33 2.29 1.88
N TYR C 223 8.44 2.64 1.24
CA TYR C 223 9.26 1.66 0.53
C TYR C 223 10.54 1.31 1.29
N GLY C 224 10.71 1.91 2.47
CA GLY C 224 11.77 1.51 3.39
C GLY C 224 11.39 0.33 4.28
N THR C 225 10.52 -0.55 3.76
CA THR C 225 9.99 -1.69 4.52
C THR C 225 10.34 -3.07 3.93
N PHE C 226 10.49 -4.05 4.81
CA PHE C 226 10.70 -5.45 4.45
C PHE C 226 9.43 -6.22 4.80
N ASP C 227 9.46 -7.53 4.69
CA ASP C 227 8.27 -8.34 4.95
C ASP C 227 8.38 -9.16 6.25
N LEU C 228 7.70 -8.70 7.29
CA LEU C 228 7.68 -9.38 8.58
C LEU C 228 7.20 -10.82 8.48
N THR C 229 6.11 -11.03 7.74
CA THR C 229 5.52 -12.35 7.57
C THR C 229 6.47 -13.37 6.95
N ARG C 230 7.30 -12.95 6.00
CA ARG C 230 8.24 -13.91 5.42
C ARG C 230 9.37 -14.24 6.38
N ILE C 231 9.80 -13.27 7.18
CA ILE C 231 10.81 -13.54 8.19
C ILE C 231 10.25 -14.49 9.25
N LEU C 232 8.99 -14.28 9.62
CA LEU C 232 8.35 -15.15 10.59
C LEU C 232 8.18 -16.58 10.09
N ARG C 233 8.15 -16.76 8.77
CA ARG C 233 7.97 -18.09 8.19
C ARG C 233 9.28 -18.91 8.21
N VAL C 234 10.42 -18.24 8.35
CA VAL C 234 11.70 -18.93 8.26
C VAL C 234 12.54 -18.80 9.54
N ILE C 235 12.11 -17.93 10.45
CA ILE C 235 12.76 -17.77 11.77
C ILE C 235 12.72 -19.07 12.57
N ARG C 236 13.80 -19.34 13.28
CA ARG C 236 13.97 -20.64 13.92
C ARG C 236 14.87 -20.54 15.17
N PRO C 237 14.56 -21.30 16.22
CA PRO C 237 15.53 -21.40 17.30
C PRO C 237 16.59 -22.45 16.99
N TYR C 238 17.75 -22.32 17.62
CA TYR C 238 18.74 -23.40 17.70
C TYR C 238 19.51 -23.22 19.01
N LYS C 239 20.43 -24.16 19.28
CA LYS C 239 21.17 -24.18 20.54
C LYS C 239 21.81 -22.84 20.88
N GLY C 240 22.39 -22.17 19.88
CA GLY C 240 23.04 -20.88 20.08
C GLY C 240 22.15 -19.67 19.86
N GLY C 241 20.84 -19.87 19.79
CA GLY C 241 19.94 -18.73 19.72
C GLY C 241 18.87 -18.79 18.65
N ILE C 242 18.92 -17.81 17.76
CA ILE C 242 17.93 -17.65 16.68
C ILE C 242 18.60 -17.60 15.32
N ALA C 243 18.03 -18.34 14.37
CA ALA C 243 18.55 -18.41 13.01
C ALA C 243 17.41 -18.32 12.00
N PHE C 244 17.75 -18.39 10.72
CA PHE C 244 16.75 -18.27 9.67
C PHE C 244 17.02 -19.27 8.58
N ALA C 245 16.00 -20.03 8.24
CA ALA C 245 16.10 -21.05 7.21
C ALA C 245 16.71 -20.43 5.95
N MET C 246 17.66 -21.15 5.34
CA MET C 246 18.35 -20.69 4.14
C MET C 246 17.39 -20.34 2.99
N ASN C 247 16.23 -20.99 2.94
CA ASN C 247 15.26 -20.70 1.88
C ASN C 247 14.60 -19.32 2.01
N GLY C 248 14.84 -18.64 3.13
CA GLY C 248 14.32 -17.30 3.36
C GLY C 248 15.36 -16.19 3.32
N MET C 249 16.54 -16.48 2.75
CA MET C 249 17.64 -15.52 2.70
C MET C 249 17.24 -14.15 2.10
N HIS C 250 16.51 -14.16 0.99
CA HIS C 250 16.13 -12.91 0.31
C HIS C 250 15.29 -12.00 1.20
N ALA C 251 14.42 -12.61 2.01
CA ALA C 251 13.64 -11.88 3.00
C ALA C 251 14.54 -11.29 4.10
N VAL C 252 15.59 -12.02 4.49
CA VAL C 252 16.57 -11.49 5.43
C VAL C 252 17.34 -10.34 4.76
N GLU C 253 17.69 -10.51 3.49
CA GLU C 253 18.28 -9.45 2.68
C GLU C 253 17.47 -8.17 2.69
N ASP C 254 16.16 -8.29 2.44
CA ASP C 254 15.23 -7.16 2.44
C ASP C 254 15.19 -6.47 3.79
N TYR C 255 15.39 -7.23 4.87
CA TYR C 255 15.48 -6.62 6.17
C TYR C 255 16.73 -5.71 6.24
N ILE C 256 17.87 -6.22 5.79
CA ILE C 256 19.10 -5.41 5.79
C ILE C 256 18.97 -4.18 4.87
N VAL C 257 18.35 -4.36 3.71
CA VAL C 257 18.10 -3.26 2.80
C VAL C 257 17.26 -2.16 3.46
N SER C 258 16.16 -2.54 4.11
CA SER C 258 15.28 -1.57 4.79
C SER C 258 16.00 -0.84 5.92
N ARG C 259 16.81 -1.62 6.65
CA ARG C 259 17.60 -1.12 7.75
C ARG C 259 18.50 0.01 7.25
N TYR C 260 19.23 -0.26 6.18
CA TYR C 260 20.19 0.68 5.59
CA TYR C 260 20.18 0.71 5.67
C TYR C 260 19.48 1.94 5.07
N GLN C 261 18.41 1.75 4.31
CA GLN C 261 17.69 2.92 3.77
C GLN C 261 17.02 3.80 4.82
N MET C 262 16.49 3.20 5.90
CA MET C 262 15.98 3.98 7.04
C MET C 262 17.09 4.85 7.69
N TYR C 263 18.25 4.25 7.97
CA TYR C 263 19.42 4.97 8.50
C TYR C 263 19.73 6.21 7.67
N VAL C 264 20.04 5.99 6.38
CA VAL C 264 20.50 7.05 5.47
C VAL C 264 19.45 8.11 5.16
N GLN C 265 18.18 7.71 5.07
CA GLN C 265 17.11 8.60 4.65
C GLN C 265 16.42 9.28 5.82
N VAL C 266 16.35 8.60 6.95
CA VAL C 266 15.60 9.10 8.09
C VAL C 266 16.47 9.43 9.29
N TYR C 267 17.03 8.42 9.94
CA TYR C 267 17.75 8.61 11.19
C TYR C 267 18.92 9.57 11.08
N PHE C 268 19.60 9.58 9.93
CA PHE C 268 20.79 10.41 9.74
C PHE C 268 20.49 11.76 9.12
N HIS C 269 19.21 12.10 8.94
CA HIS C 269 18.81 13.33 8.25
C HIS C 269 19.40 14.58 8.90
N PRO C 270 20.10 15.40 8.09
CA PRO C 270 20.75 16.63 8.59
C PRO C 270 19.82 17.64 9.28
N VAL C 271 18.60 17.82 8.76
CA VAL C 271 17.72 18.82 9.34
C VAL C 271 17.29 18.37 10.74
N SER C 272 16.96 17.09 10.88
CA SER C 272 16.61 16.55 12.19
C SER C 272 17.76 16.69 13.17
N ARG C 273 18.97 16.40 12.70
CA ARG C 273 20.15 16.55 13.52
C ARG C 273 20.45 18.03 13.85
N GLY C 274 20.07 18.93 12.95
CA GLY C 274 20.12 20.36 13.21
C GLY C 274 19.27 20.79 14.40
N MET C 275 18.08 20.20 14.54
CA MET C 275 17.21 20.52 15.65
C MET C 275 17.74 19.92 16.96
N GLU C 276 18.35 18.74 16.84
CA GLU C 276 18.93 18.07 17.98
C GLU C 276 20.11 18.88 18.55
N VAL C 277 20.93 19.44 17.66
CA VAL C 277 22.02 20.32 18.08
C VAL C 277 21.49 21.50 18.88
N ILE C 278 20.38 22.10 18.44
CA ILE C 278 19.78 23.22 19.16
C ILE C 278 19.25 22.79 20.53
N LEU C 279 18.56 21.66 20.58
CA LEU C 279 18.11 21.09 21.83
C LEU C 279 19.29 20.82 22.79
N ASP C 280 20.38 20.26 22.24
CA ASP C 280 21.55 19.92 23.05
C ASP C 280 22.09 21.16 23.73
N HIS C 281 22.30 22.20 22.94
CA HIS C 281 22.92 23.43 23.42
C HIS C 281 21.99 24.22 24.33
N LEU C 282 20.69 24.14 24.04
CA LEU C 282 19.65 24.72 24.87
C LEU C 282 19.66 24.14 26.29
N LEU C 283 19.72 22.82 26.38
CA LEU C 283 19.77 22.18 27.69
C LEU C 283 21.10 22.47 28.37
N HIS C 284 22.16 22.54 27.58
CA HIS C 284 23.47 22.82 28.13
C HIS C 284 23.52 24.22 28.74
N ARG C 285 22.94 25.19 28.03
CA ARG C 285 22.89 26.58 28.49
C ARG C 285 22.11 26.70 29.78
N ALA C 286 20.98 26.01 29.86
CA ALA C 286 20.17 26.00 31.07
C ALA C 286 20.97 25.48 32.28
N LYS C 287 21.71 24.40 32.07
CA LYS C 287 22.56 23.83 33.11
C LYS C 287 23.62 24.85 33.56
N GLU C 288 24.23 25.51 32.59
CA GLU C 288 25.30 26.48 32.88
C GLU C 288 24.78 27.68 33.64
N LEU C 289 23.60 28.15 33.24
CA LEU C 289 22.97 29.30 33.87
C LEU C 289 22.60 28.99 35.32
N PHE C 290 22.11 27.78 35.55
CA PHE C 290 21.79 27.29 36.88
C PHE C 290 23.04 27.17 37.77
N GLU C 291 24.18 26.88 37.16
CA GLU C 291 25.45 26.70 37.89
C GLU C 291 26.17 28.01 38.15
N ASN C 292 25.83 29.06 37.40
CA ASN C 292 26.41 30.39 37.58
C ASN C 292 25.89 31.04 38.86
N PRO C 293 26.81 31.36 39.80
CA PRO C 293 26.41 32.00 41.08
C PRO C 293 25.90 33.44 40.92
N GLU C 294 26.38 34.14 39.88
CA GLU C 294 25.98 35.52 39.62
C GLU C 294 24.63 35.64 38.92
N PHE C 295 24.31 34.63 38.11
CA PHE C 295 23.02 34.57 37.43
C PHE C 295 21.96 34.03 38.38
N ASP C 296 21.27 34.92 39.09
CA ASP C 296 20.29 34.48 40.07
C ASP C 296 18.83 34.50 39.59
N TYR C 297 18.64 34.56 38.27
CA TYR C 297 17.29 34.49 37.71
C TYR C 297 16.71 33.07 37.82
N ASP C 298 15.40 33.00 38.03
CA ASP C 298 14.68 31.75 38.18
C ASP C 298 14.37 31.11 36.83
N LEU C 299 14.85 29.88 36.62
CA LEU C 299 14.55 29.12 35.40
C LEU C 299 13.20 28.40 35.47
N GLN C 300 12.62 28.34 36.67
CA GLN C 300 11.32 27.72 36.92
C GLN C 300 11.20 26.32 36.33
N ALA C 301 12.25 25.52 36.52
CA ALA C 301 12.32 24.20 35.93
C ALA C 301 12.57 23.16 37.01
N SER C 302 11.68 23.14 38.00
CA SER C 302 11.80 22.30 39.20
C SER C 302 12.12 20.83 38.93
N LEU C 303 11.44 20.25 37.94
CA LEU C 303 11.62 18.84 37.60
C LEU C 303 12.95 18.56 36.89
N LEU C 304 13.63 19.61 36.43
CA LEU C 304 14.97 19.46 35.84
C LEU C 304 16.11 19.75 36.81
N VAL C 305 15.78 20.41 37.92
CA VAL C 305 16.77 20.84 38.89
C VAL C 305 17.64 19.68 39.42
N PRO C 306 17.03 18.52 39.78
CA PRO C 306 17.85 17.38 40.22
C PRO C 306 18.89 16.96 39.18
N PHE C 307 18.55 17.17 37.90
CA PHE C 307 19.44 16.83 36.79
C PHE C 307 20.52 17.90 36.55
N PHE C 308 20.15 19.17 36.72
CA PHE C 308 21.14 20.25 36.74
C PHE C 308 22.21 19.98 37.80
N LYS C 309 21.76 19.53 38.98
CA LYS C 309 22.64 19.32 40.13
C LYS C 309 23.51 18.06 40.01
N GLY C 310 23.17 17.20 39.05
CA GLY C 310 23.83 15.90 38.90
C GLY C 310 23.53 14.94 40.03
N ASP C 311 22.31 15.02 40.55
CA ASP C 311 21.90 14.23 41.71
C ASP C 311 20.39 14.01 41.63
N PHE C 312 19.98 12.92 40.99
CA PHE C 312 18.56 12.61 40.84
C PHE C 312 18.20 11.21 41.34
N THR C 313 16.93 11.05 41.72
CA THR C 313 16.40 9.75 42.09
C THR C 313 15.58 9.19 40.93
N LEU C 314 15.26 7.90 41.04
CA LEU C 314 14.41 7.25 40.04
C LEU C 314 13.10 8.00 39.87
N GLN C 315 12.43 8.29 40.99
CA GLN C 315 11.14 9.00 41.00
C GLN C 315 11.16 10.36 40.29
N GLU C 316 12.29 11.07 40.43
CA GLU C 316 12.48 12.37 39.77
C GLU C 316 12.64 12.19 38.26
N TYR C 317 13.31 11.12 37.88
CA TYR C 317 13.51 10.80 36.47
C TYR C 317 12.19 10.43 35.80
N LEU C 318 11.42 9.55 36.46
CA LEU C 318 10.14 9.05 35.94
C LEU C 318 9.10 10.13 35.67
N LYS C 319 9.29 11.30 36.28
CA LYS C 319 8.35 12.41 36.11
C LYS C 319 8.60 13.11 34.78
N LEU C 320 9.73 12.80 34.16
CA LEU C 320 10.15 13.49 32.94
C LEU C 320 9.56 12.91 31.67
N ASP C 321 9.12 13.79 30.78
CA ASP C 321 8.63 13.43 29.43
C ASP C 321 8.81 14.62 28.49
N ASP C 322 8.40 14.49 27.21
CA ASP C 322 8.60 15.57 26.23
C ASP C 322 7.85 16.87 26.60
N GLY C 323 6.67 16.72 27.19
CA GLY C 323 5.84 17.85 27.56
C GLY C 323 6.41 18.69 28.69
N VAL C 324 7.17 18.05 29.58
CA VAL C 324 7.84 18.76 30.65
C VAL C 324 8.86 19.73 30.04
N LEU C 325 9.70 19.21 29.14
CA LEU C 325 10.76 20.00 28.50
C LEU C 325 10.20 21.17 27.71
N SER C 326 9.23 20.91 26.83
CA SER C 326 8.68 21.96 25.99
C SER C 326 7.99 23.04 26.82
N THR C 327 7.36 22.64 27.93
CA THR C 327 6.75 23.59 28.85
C THR C 327 7.79 24.57 29.43
N TYR C 328 8.92 24.01 29.87
CA TYR C 328 9.99 24.84 30.39
C TYR C 328 10.61 25.73 29.31
N PHE C 329 10.78 25.18 28.09
CA PHE C 329 11.31 25.97 26.96
C PHE C 329 10.46 27.22 26.64
N THR C 330 9.14 27.07 26.72
CA THR C 330 8.22 28.21 26.56
C THR C 330 8.47 29.31 27.58
N GLN C 331 8.61 28.96 28.86
CA GLN C 331 8.96 29.96 29.89
C GLN C 331 10.33 30.56 29.57
N TRP C 332 11.28 29.72 29.17
CA TRP C 332 12.66 30.17 28.94
C TRP C 332 12.81 31.21 27.83
N MET C 333 11.85 31.22 26.89
CA MET C 333 11.79 32.26 25.86
C MET C 333 11.83 33.65 26.48
N ASP C 334 11.39 33.78 27.73
CA ASP C 334 11.29 35.08 28.41
C ASP C 334 12.35 35.34 29.51
N VAL C 335 13.28 34.39 29.65
CA VAL C 335 14.42 34.51 30.57
C VAL C 335 15.45 35.52 30.05
N PRO C 336 16.00 36.38 30.92
CA PRO C 336 16.93 37.40 30.43
C PRO C 336 18.37 36.89 30.22
N ASP C 337 18.47 35.90 29.35
CA ASP C 337 19.74 35.53 28.75
C ASP C 337 19.46 35.43 27.26
N SER C 338 20.27 36.10 26.47
CA SER C 338 20.09 36.16 25.02
C SER C 338 20.15 34.77 24.37
N ILE C 339 21.19 34.02 24.70
CA ILE C 339 21.44 32.70 24.13
C ILE C 339 20.33 31.71 24.46
N LEU C 340 19.94 31.63 25.73
CA LEU C 340 18.90 30.69 26.16
C LEU C 340 17.56 31.01 25.52
N GLY C 341 17.13 32.27 25.64
CA GLY C 341 15.88 32.74 25.06
C GLY C 341 15.75 32.39 23.59
N ASP C 342 16.81 32.66 22.83
CA ASP C 342 16.84 32.41 21.40
C ASP C 342 16.85 30.93 21.03
N LEU C 343 17.62 30.12 21.78
CA LEU C 343 17.67 28.67 21.53
C LEU C 343 16.32 28.03 21.82
N ALA C 344 15.70 28.46 22.91
CA ALA C 344 14.36 28.00 23.25
C ALA C 344 13.40 28.33 22.10
N LYS C 345 13.49 29.55 21.57
CA LYS C 345 12.65 29.97 20.44
C LYS C 345 12.96 29.11 19.20
N ARG C 346 14.25 28.87 18.95
CA ARG C 346 14.66 28.09 17.78
C ARG C 346 14.14 26.66 17.80
N PHE C 347 14.03 26.08 18.99
CA PHE C 347 13.48 24.73 19.16
C PHE C 347 11.97 24.67 19.09
N LEU C 348 11.29 25.63 19.72
CA LEU C 348 9.83 25.66 19.66
C LEU C 348 9.30 26.05 18.28
N MET C 349 10.02 26.95 17.61
CA MET C 349 9.57 27.54 16.34
C MET C 349 10.18 26.88 15.07
N ARG C 350 11.02 25.86 15.28
CA ARG C 350 11.71 25.11 14.22
C ARG C 350 12.65 25.98 13.39
N LYS C 351 13.81 26.28 13.97
CA LYS C 351 14.85 27.04 13.27
C LYS C 351 16.12 26.22 13.34
N PRO C 352 16.21 25.15 12.54
CA PRO C 352 17.38 24.29 12.74
C PRO C 352 18.64 25.01 12.31
N LEU C 353 19.76 24.59 12.88
CA LEU C 353 21.07 24.98 12.35
C LEU C 353 21.24 24.31 10.99
N LYS C 354 21.87 25.02 10.06
CA LYS C 354 22.25 24.47 8.77
C LYS C 354 23.59 23.74 8.94
N SER C 355 23.96 22.90 7.98
CA SER C 355 25.21 22.15 8.06
C SER C 355 25.88 21.89 6.70
N ALA C 356 27.18 21.62 6.76
CA ALA C 356 27.95 21.23 5.59
C ALA C 356 28.79 20.02 5.97
N THR C 357 28.93 19.09 5.04
CA THR C 357 29.78 17.92 5.29
C THR C 357 31.25 18.27 5.17
N PHE C 358 32.09 17.46 5.79
CA PHE C 358 33.54 17.49 5.56
C PHE C 358 34.04 16.07 5.80
N THR C 359 35.16 15.70 5.19
CA THR C 359 35.57 14.29 5.22
C THR C 359 36.60 13.95 6.30
N ASN C 360 37.48 14.89 6.58
CA ASN C 360 38.55 14.67 7.54
C ASN C 360 38.63 15.84 8.53
N GLU C 361 38.47 15.51 9.81
CA GLU C 361 38.50 16.46 10.89
C GLU C 361 39.87 17.18 11.00
N LYS C 362 40.95 16.41 11.01
CA LYS C 362 42.30 16.93 11.19
C LYS C 362 42.66 17.99 10.15
N GLU C 363 42.27 17.75 8.90
CA GLU C 363 42.61 18.67 7.83
C GLU C 363 41.64 19.85 7.76
N SER C 364 40.42 19.65 8.24
CA SER C 364 39.38 20.67 8.25
C SER C 364 39.42 21.56 9.49
N ALA C 365 40.13 21.09 10.51
CA ALA C 365 40.09 21.68 11.85
C ALA C 365 40.37 23.19 11.89
N ALA C 366 41.49 23.60 11.29
CA ALA C 366 41.86 25.02 11.27
C ALA C 366 40.83 25.89 10.53
N THR C 367 40.21 25.32 9.50
CA THR C 367 39.21 26.04 8.72
C THR C 367 37.94 26.22 9.52
N ILE C 368 37.51 25.17 10.21
CA ILE C 368 36.32 25.23 11.04
C ILE C 368 36.51 26.31 12.12
N ALA C 369 37.70 26.36 12.72
CA ALA C 369 37.99 27.37 13.73
C ALA C 369 37.82 28.80 13.17
N TYR C 370 38.28 29.00 11.93
CA TYR C 370 38.15 30.26 11.23
C TYR C 370 36.67 30.62 10.98
N LEU C 371 35.90 29.67 10.45
CA LEU C 371 34.45 29.85 10.29
C LEU C 371 33.74 30.15 11.60
N ARG C 372 34.21 29.52 12.69
CA ARG C 372 33.70 29.84 14.02
C ARG C 372 34.01 31.27 14.45
N GLU C 373 35.21 31.75 14.11
CA GLU C 373 35.54 33.17 14.33
C GLU C 373 34.56 34.07 13.58
N LEU C 374 34.34 33.80 12.30
CA LEU C 374 33.45 34.61 11.49
C LEU C 374 32.04 34.65 12.05
N ILE C 375 31.55 33.48 12.47
CA ILE C 375 30.20 33.32 13.01
C ILE C 375 30.07 34.15 14.29
N GLU C 376 31.13 34.12 15.10
CA GLU C 376 31.25 34.92 16.31
C GLU C 376 31.25 36.43 16.03
N LYS C 377 31.93 36.81 14.94
CA LYS C 377 32.09 38.20 14.54
C LYS C 377 30.72 38.85 14.28
N VAL C 378 29.81 38.11 13.67
CA VAL C 378 28.46 38.62 13.40
C VAL C 378 27.50 38.50 14.60
N GLY C 379 27.99 37.95 15.71
CA GLY C 379 27.25 37.97 16.99
C GLY C 379 26.73 36.63 17.49
N PHE C 380 27.07 35.54 16.81
CA PHE C 380 26.65 34.22 17.25
C PHE C 380 27.76 33.56 18.05
N ASN C 381 27.53 33.35 19.34
CA ASN C 381 28.50 32.61 20.14
C ASN C 381 28.67 31.19 19.56
N PRO C 382 29.91 30.86 19.12
CA PRO C 382 30.19 29.60 18.41
C PRO C 382 29.97 28.34 19.25
N LYS C 383 30.09 28.47 20.57
CA LYS C 383 29.87 27.32 21.45
C LYS C 383 28.41 26.82 21.42
N TYR C 384 27.48 27.71 21.07
CA TYR C 384 26.05 27.41 21.07
C TYR C 384 25.45 27.44 19.68
N TYR C 385 26.12 28.09 18.76
CA TYR C 385 25.58 28.24 17.42
C TYR C 385 26.27 27.42 16.33
N THR C 386 27.26 26.61 16.74
CA THR C 386 27.92 25.69 15.83
C THR C 386 28.11 24.34 16.50
N ALA C 387 28.33 23.32 15.70
CA ALA C 387 28.67 21.99 16.20
C ALA C 387 29.38 21.17 15.15
N ILE C 388 30.00 20.10 15.62
CA ILE C 388 30.53 19.05 14.78
C ILE C 388 29.88 17.77 15.31
N ASN C 389 29.19 17.03 14.43
CA ASN C 389 28.81 15.66 14.78
C ASN C 389 28.79 14.72 13.59
N SER C 390 28.89 13.43 13.89
CA SER C 390 28.81 12.43 12.86
C SER C 390 27.66 11.48 13.16
N SER C 391 27.20 10.78 12.14
CA SER C 391 26.14 9.81 12.31
C SER C 391 26.62 8.62 13.17
N TYR C 392 27.93 8.41 13.23
CA TYR C 392 28.53 7.36 14.08
C TYR C 392 28.13 7.54 15.54
N ASP C 393 27.88 8.80 15.92
CA ASP C 393 27.46 9.14 17.27
C ASP C 393 26.01 8.75 17.59
N LEU C 394 25.22 8.44 16.55
CA LEU C 394 23.79 8.16 16.77
C LEU C 394 23.55 6.70 17.17
N PRO C 395 22.46 6.42 17.91
CA PRO C 395 22.20 5.08 18.45
C PRO C 395 21.72 4.08 17.39
N TYR C 396 22.37 4.07 16.24
CA TYR C 396 22.04 3.12 15.17
C TYR C 396 23.32 2.45 14.64
N ASP C 397 23.51 1.19 15.00
CA ASP C 397 24.69 0.42 14.61
C ASP C 397 24.51 -0.27 13.25
N PHE C 398 25.58 -0.26 12.46
CA PHE C 398 25.58 -0.93 11.15
C PHE C 398 25.83 -2.42 11.30
N TYR C 399 25.40 -3.19 10.30
CA TYR C 399 25.68 -4.62 10.29
C TYR C 399 27.14 -4.90 9.93
N ARG C 400 27.94 -5.31 10.93
CA ARG C 400 29.33 -5.68 10.70
C ARG C 400 29.64 -7.02 11.38
N PRO C 401 29.33 -8.14 10.69
CA PRO C 401 29.52 -9.45 11.28
C PRO C 401 30.98 -9.78 11.56
N ASN C 402 31.26 -10.10 12.83
CA ASN C 402 32.57 -10.55 13.22
C ASN C 402 32.60 -12.07 13.33
N LYS C 403 33.38 -12.69 12.45
CA LYS C 403 33.43 -14.14 12.26
C LYS C 403 33.67 -14.93 13.56
N ASP C 404 34.30 -14.30 14.54
CA ASP C 404 34.58 -14.96 15.83
C ASP C 404 33.74 -14.41 16.97
N ARG C 405 32.82 -13.49 16.66
CA ARG C 405 31.93 -12.92 17.66
C ARG C 405 30.47 -13.23 17.31
N HIS C 406 29.97 -14.28 17.95
CA HIS C 406 28.65 -14.87 17.68
C HIS C 406 27.51 -13.86 17.58
N ARG C 407 27.49 -12.90 18.49
CA ARG C 407 26.37 -11.95 18.64
C ARG C 407 26.21 -10.94 17.50
N THR C 408 27.28 -10.74 16.74
CA THR C 408 27.33 -9.72 15.70
C THR C 408 26.80 -10.25 14.37
N GLN C 409 26.28 -11.48 14.37
CA GLN C 409 25.97 -12.17 13.12
C GLN C 409 24.50 -12.52 12.94
N ILE C 410 24.06 -12.52 11.69
CA ILE C 410 22.76 -13.07 11.34
C ILE C 410 23.01 -14.46 10.76
N GLU C 411 22.49 -15.49 11.42
CA GLU C 411 22.80 -16.87 11.05
C GLU C 411 21.73 -17.48 10.18
N LEU C 412 22.15 -18.05 9.05
CA LEU C 412 21.25 -18.76 8.15
C LEU C 412 21.49 -20.24 8.33
N MET C 413 20.41 -21.00 8.46
CA MET C 413 20.54 -22.44 8.64
C MET C 413 20.30 -23.26 7.37
N GLN C 414 21.30 -24.08 7.04
CA GLN C 414 21.27 -24.93 5.86
C GLN C 414 20.41 -26.16 6.14
N LYS C 415 20.01 -26.84 5.07
CA LYS C 415 19.29 -28.11 5.18
C LYS C 415 20.03 -29.14 6.04
N ASP C 416 21.36 -29.03 6.10
CA ASP C 416 22.19 -29.95 6.90
C ASP C 416 22.25 -29.59 8.39
N GLY C 417 21.69 -28.43 8.73
CA GLY C 417 21.62 -27.97 10.12
C GLY C 417 22.80 -27.08 10.51
N SER C 418 23.71 -26.85 9.58
CA SER C 418 24.84 -26.00 9.84
C SER C 418 24.50 -24.54 9.56
N LEU C 419 25.19 -23.65 10.26
CA LEU C 419 24.93 -22.24 10.20
C LEU C 419 25.92 -21.52 9.32
N VAL C 420 25.40 -20.60 8.54
CA VAL C 420 26.19 -19.85 7.60
C VAL C 420 25.79 -18.39 7.76
N GLU C 421 26.79 -17.55 7.98
CA GLU C 421 26.59 -16.11 8.20
C GLU C 421 26.08 -15.43 6.94
N LEU C 422 25.16 -14.48 7.11
CA LEU C 422 24.43 -13.85 6.01
C LEU C 422 25.27 -13.25 4.88
N ALA C 423 26.20 -12.34 5.23
CA ALA C 423 27.05 -11.66 4.24
C ALA C 423 27.82 -12.65 3.38
N THR C 424 28.27 -13.73 4.00
CA THR C 424 28.95 -14.84 3.34
C THR C 424 28.24 -15.35 2.07
N VAL C 425 26.91 -15.48 2.11
CA VAL C 425 26.19 -16.00 0.97
C VAL C 425 25.32 -14.95 0.26
N SER C 426 25.48 -13.68 0.66
CA SER C 426 24.75 -12.59 0.02
C SER C 426 25.67 -11.44 -0.37
N PRO C 427 25.94 -11.31 -1.68
CA PRO C 427 26.73 -10.23 -2.23
C PRO C 427 26.15 -8.84 -1.93
N LEU C 428 24.82 -8.73 -1.92
CA LEU C 428 24.15 -7.45 -1.70
C LEU C 428 24.38 -6.98 -0.26
N VAL C 429 24.28 -7.93 0.66
CA VAL C 429 24.50 -7.64 2.08
C VAL C 429 25.97 -7.35 2.35
N ALA C 430 26.86 -8.08 1.67
CA ALA C 430 28.29 -7.77 1.72
C ALA C 430 28.57 -6.37 1.17
N ALA C 431 27.83 -5.97 0.16
CA ALA C 431 28.02 -4.65 -0.47
C ALA C 431 27.53 -3.51 0.43
N LEU C 432 26.41 -3.74 1.10
CA LEU C 432 25.84 -2.78 2.05
C LEU C 432 26.67 -2.71 3.34
N ALA C 433 27.09 -3.88 3.80
CA ALA C 433 27.91 -4.01 5.01
C ALA C 433 29.31 -3.46 4.81
N GLY C 434 29.79 -3.50 3.57
CA GLY C 434 31.06 -2.88 3.20
C GLY C 434 30.93 -1.38 3.01
N GLN C 435 29.74 -0.92 2.63
CA GLN C 435 29.47 0.51 2.45
C GLN C 435 29.08 1.20 3.75
N SER C 436 29.10 0.44 4.85
CA SER C 436 28.88 0.98 6.19
C SER C 436 29.89 2.09 6.48
N GLN C 437 29.37 3.30 6.68
CA GLN C 437 30.20 4.45 7.04
C GLN C 437 29.34 5.50 7.73
N GLY C 438 29.98 6.56 8.23
CA GLY C 438 29.28 7.63 8.94
C GLY C 438 29.91 8.97 8.59
N ASP C 439 29.07 9.99 8.43
CA ASP C 439 29.54 11.28 7.91
C ASP C 439 30.29 12.13 8.93
N GLU C 440 30.50 13.40 8.59
CA GLU C 440 30.94 14.42 9.52
C GLU C 440 30.28 15.71 9.08
N ARG C 441 29.58 16.35 10.00
CA ARG C 441 28.96 17.63 9.69
C ARG C 441 29.37 18.80 10.61
N PHE C 442 29.43 19.98 10.01
CA PHE C 442 29.63 21.22 10.74
C PHE C 442 28.34 22.03 10.68
N TYR C 443 27.84 22.41 11.85
CA TYR C 443 26.54 23.04 11.92
C TYR C 443 26.71 24.52 12.19
N PHE C 444 25.86 25.34 11.58
CA PHE C 444 25.97 26.81 11.69
C PHE C 444 24.62 27.45 11.45
N PRO C 445 24.43 28.70 11.92
CA PRO C 445 23.15 29.36 11.67
C PRO C 445 22.93 29.55 10.18
N LYS C 446 21.72 29.25 9.74
CA LYS C 446 21.29 29.49 8.37
C LYS C 446 21.58 30.93 7.92
N GLU C 447 21.35 31.89 8.82
CA GLU C 447 21.53 33.31 8.47
C GLU C 447 22.95 33.69 8.04
N MET C 448 23.91 32.78 8.24
CA MET C 448 25.27 32.96 7.76
C MET C 448 25.33 32.93 6.23
N LEU C 449 24.38 32.22 5.61
CA LEU C 449 24.37 32.02 4.17
C LEU C 449 23.52 33.03 3.39
N ASP C 450 22.27 33.23 3.81
CA ASP C 450 21.33 34.06 3.05
C ASP C 450 21.30 35.52 3.53
N GLN C 451 20.99 36.44 2.61
CA GLN C 451 20.94 37.87 2.94
C GLN C 451 19.56 38.53 2.78
N GLY C 452 18.54 37.89 3.35
CA GLY C 452 17.17 38.41 3.28
C GLY C 452 16.55 38.24 1.90
N ASN C 453 15.38 38.87 1.70
CA ASN C 453 14.68 38.83 0.42
C ASN C 453 15.46 39.59 -0.66
N LYS C 454 15.26 40.91 -0.72
CA LYS C 454 16.04 41.78 -1.58
C LYS C 454 17.09 42.47 -0.70
N LYS C 455 18.30 41.93 -0.70
CA LYS C 455 19.35 42.27 0.28
C LYS C 455 19.55 43.75 0.60
N HIS C 456 19.60 44.05 1.90
CA HIS C 456 19.81 45.39 2.44
C HIS C 456 20.84 45.39 3.58
N TYR C 457 20.87 44.30 4.35
CA TYR C 457 21.64 44.20 5.60
C TYR C 457 23.16 44.11 5.40
N ASP C 458 23.79 45.28 5.34
CA ASP C 458 25.17 45.42 4.86
C ASP C 458 26.29 45.46 5.91
N LEU C 459 25.92 45.69 7.18
CA LEU C 459 26.91 45.90 8.26
C LEU C 459 27.92 44.77 8.43
N PHE C 460 27.49 43.53 8.19
CA PHE C 460 28.41 42.39 8.25
C PHE C 460 28.51 41.66 6.90
N ASP C 461 28.11 42.35 5.83
CA ASP C 461 27.98 41.75 4.49
C ASP C 461 29.21 41.00 3.97
N GLU C 462 30.40 41.55 4.18
CA GLU C 462 31.62 40.94 3.67
C GLU C 462 31.98 39.65 4.42
N THR C 463 31.64 39.61 5.71
CA THR C 463 31.79 38.43 6.54
C THR C 463 30.87 37.31 6.07
N TYR C 464 29.62 37.66 5.76
CA TYR C 464 28.67 36.70 5.19
C TYR C 464 29.16 36.14 3.86
N ARG C 465 29.72 37.01 3.02
CA ARG C 465 30.27 36.58 1.74
CA ARG C 465 30.31 36.63 1.73
C ARG C 465 31.53 35.72 1.95
N GLU C 466 32.39 36.13 2.88
CA GLU C 466 33.59 35.37 3.21
C GLU C 466 33.21 33.97 3.68
N PHE C 467 32.31 33.91 4.66
CA PHE C 467 31.78 32.64 5.14
C PHE C 467 31.21 31.76 4.02
N SER C 468 30.37 32.36 3.17
CA SER C 468 29.68 31.65 2.08
C SER C 468 30.64 30.96 1.12
N SER C 469 31.80 31.59 0.87
CA SER C 469 32.79 31.06 -0.06
C SER C 469 33.42 29.74 0.40
N TYR C 470 33.17 29.36 1.66
CA TYR C 470 33.64 28.10 2.22
C TYR C 470 32.61 26.95 2.15
N ILE C 471 31.38 27.28 1.73
CA ILE C 471 30.30 26.30 1.65
C ILE C 471 29.89 26.10 0.20
N HIS C 472 30.14 24.90 -0.32
CA HIS C 472 29.97 24.61 -1.73
C HIS C 472 29.49 23.17 -1.94
N ASN C 473 28.38 23.02 -2.66
CA ASN C 473 27.77 21.71 -2.93
C ASN C 473 27.47 20.92 -1.65
N GLY C 474 26.94 21.61 -0.64
CA GLY C 474 26.67 21.03 0.67
C GLY C 474 27.91 20.66 1.46
N ALA C 475 29.08 21.02 0.94
CA ALA C 475 30.34 20.65 1.58
C ALA C 475 31.24 21.83 1.94
N LEU C 476 32.04 21.63 2.97
CA LEU C 476 33.07 22.58 3.36
C LEU C 476 34.19 22.48 2.33
N VAL C 477 34.54 23.59 1.69
CA VAL C 477 35.66 23.58 0.76
C VAL C 477 36.92 24.14 1.39
N LEU C 478 37.97 23.33 1.37
CA LEU C 478 39.28 23.74 1.79
C LEU C 478 39.96 24.43 0.62
N LYS C 479 40.48 25.61 0.87
CA LYS C 479 41.13 26.41 -0.16
C LYS C 479 42.49 25.79 -0.49
N LYS C 480 42.86 25.84 -1.76
CA LYS C 480 44.14 25.30 -2.21
C LYS C 480 45.24 26.36 -2.28
N MET D 25 13.75 46.04 -10.23
CA MET D 25 12.43 45.78 -9.58
C MET D 25 12.35 44.37 -9.00
N THR D 26 11.27 44.08 -8.27
CA THR D 26 11.11 42.79 -7.59
C THR D 26 9.67 42.28 -7.51
N ILE D 27 9.53 40.97 -7.33
CA ILE D 27 8.24 40.27 -7.39
C ILE D 27 7.37 40.58 -6.16
N PRO D 28 6.09 40.93 -6.39
CA PRO D 28 5.14 41.06 -5.29
C PRO D 28 4.98 39.77 -4.52
N TYR D 29 4.89 39.89 -3.20
CA TYR D 29 4.78 38.76 -2.29
C TYR D 29 3.68 37.79 -2.71
N LYS D 30 2.50 38.36 -2.97
CA LYS D 30 1.33 37.68 -3.53
C LYS D 30 1.67 36.65 -4.62
N GLU D 31 2.71 36.95 -5.39
CA GLU D 31 3.04 36.17 -6.58
C GLU D 31 4.34 35.36 -6.48
N GLN D 32 4.97 35.36 -5.31
CA GLN D 32 6.24 34.66 -5.13
C GLN D 32 6.09 33.13 -5.16
N ARG D 33 6.23 32.57 -6.35
CA ARG D 33 6.32 31.13 -6.54
C ARG D 33 7.75 30.69 -6.27
N LEU D 34 7.90 29.59 -5.54
CA LEU D 34 9.23 29.05 -5.28
C LEU D 34 9.81 28.54 -6.59
N PRO D 35 11.13 28.70 -6.79
CA PRO D 35 11.73 28.24 -8.04
C PRO D 35 11.59 26.72 -8.19
N ILE D 36 11.90 26.01 -7.10
CA ILE D 36 11.70 24.58 -7.00
C ILE D 36 10.69 24.36 -5.87
N GLU D 37 9.63 23.62 -6.15
CA GLU D 37 8.63 23.36 -5.12
C GLU D 37 9.28 22.60 -3.97
N LYS D 38 8.74 22.80 -2.77
CA LYS D 38 9.21 22.08 -1.59
C LYS D 38 8.22 20.97 -1.26
N VAL D 39 8.74 19.80 -0.93
CA VAL D 39 7.88 18.67 -0.55
C VAL D 39 8.05 18.28 0.92
N PHE D 40 6.92 17.96 1.55
CA PHE D 40 6.87 17.51 2.94
C PHE D 40 6.32 16.10 2.89
N ARG D 41 7.13 15.11 3.26
CA ARG D 41 6.66 13.73 3.30
C ARG D 41 5.52 13.61 4.31
N ASP D 42 4.43 12.99 3.88
CA ASP D 42 3.25 12.77 4.70
C ASP D 42 2.83 11.34 4.48
N PRO D 43 2.62 10.57 5.55
CA PRO D 43 2.32 9.17 5.31
C PRO D 43 0.94 8.97 4.69
N VAL D 44 0.05 9.95 4.87
CA VAL D 44 -1.30 9.81 4.32
C VAL D 44 -1.32 10.15 2.83
N HIS D 45 -0.80 11.32 2.48
CA HIS D 45 -0.86 11.79 1.10
C HIS D 45 0.46 11.61 0.33
N ASN D 46 1.42 10.90 0.94
CA ASN D 46 2.78 10.74 0.43
C ASN D 46 3.57 12.06 0.48
N TYR D 47 3.07 13.09 -0.19
CA TYR D 47 3.71 14.39 -0.15
C TYR D 47 2.73 15.54 -0.02
N ILE D 48 3.14 16.51 0.81
CA ILE D 48 2.58 17.85 0.80
C ILE D 48 3.45 18.70 -0.14
N HIS D 49 2.82 19.27 -1.16
CA HIS D 49 3.53 20.08 -2.15
C HIS D 49 3.35 21.56 -1.88
N VAL D 50 4.47 22.26 -1.69
CA VAL D 50 4.43 23.69 -1.41
C VAL D 50 5.12 24.47 -2.52
N GLN D 51 4.35 25.35 -3.17
CA GLN D 51 4.85 26.06 -4.34
C GLN D 51 4.72 27.58 -4.22
N HIS D 52 4.09 28.05 -3.15
CA HIS D 52 4.06 29.49 -2.90
C HIS D 52 4.86 29.91 -1.65
N GLN D 53 5.60 31.01 -1.75
CA GLN D 53 6.40 31.51 -0.62
C GLN D 53 5.53 31.86 0.60
N VAL D 54 4.37 32.44 0.34
CA VAL D 54 3.36 32.75 1.36
C VAL D 54 3.01 31.53 2.19
N ILE D 55 2.71 30.41 1.53
CA ILE D 55 2.38 29.15 2.19
C ILE D 55 3.54 28.62 3.05
N LEU D 56 4.76 28.66 2.50
CA LEU D 56 5.92 28.19 3.26
C LEU D 56 6.12 29.02 4.53
N ASP D 57 6.03 30.35 4.41
CA ASP D 57 6.15 31.25 5.55
C ASP D 57 5.10 30.96 6.61
N LEU D 58 3.85 30.76 6.17
CA LEU D 58 2.76 30.38 7.07
C LEU D 58 3.05 29.06 7.79
N ILE D 59 3.44 28.03 7.02
CA ILE D 59 3.83 26.76 7.61
C ILE D 59 4.89 26.96 8.68
N ASN D 60 5.86 27.84 8.38
CA ASN D 60 6.98 28.10 9.27
C ASN D 60 6.66 29.02 10.45
N SER D 61 5.46 29.58 10.47
CA SER D 61 5.09 30.59 11.46
C SER D 61 4.88 29.97 12.84
N ALA D 62 5.14 30.79 13.86
CA ALA D 62 4.97 30.41 15.25
C ALA D 62 3.61 29.77 15.58
N GLU D 63 2.51 30.36 15.14
CA GLU D 63 1.21 29.80 15.52
C GLU D 63 0.76 28.55 14.75
N VAL D 64 1.35 28.29 13.59
CA VAL D 64 1.14 27.01 12.92
C VAL D 64 2.07 25.95 13.53
N GLN D 65 3.29 26.35 13.89
CA GLN D 65 4.27 25.42 14.46
C GLN D 65 3.82 24.84 15.79
N ARG D 66 3.09 25.63 16.57
CA ARG D 66 2.64 25.17 17.89
C ARG D 66 1.62 24.03 17.80
N LEU D 67 0.98 23.88 16.63
CA LEU D 67 0.04 22.78 16.40
C LEU D 67 0.73 21.40 16.39
N ARG D 68 2.05 21.39 16.36
CA ARG D 68 2.82 20.14 16.50
C ARG D 68 2.60 19.54 17.87
N ARG D 69 2.33 20.41 18.85
CA ARG D 69 2.29 20.01 20.25
C ARG D 69 0.84 19.91 20.76
N ILE D 70 -0.10 19.83 19.83
CA ILE D 70 -1.50 19.63 20.15
C ILE D 70 -2.03 18.46 19.34
N LYS D 71 -2.41 17.39 20.02
CA LYS D 71 -2.92 16.18 19.35
C LYS D 71 -4.22 16.45 18.61
N GLN D 72 -4.39 15.81 17.46
CA GLN D 72 -5.61 15.93 16.68
C GLN D 72 -6.81 15.31 17.40
N LEU D 73 -6.60 14.17 18.07
CA LEU D 73 -7.73 13.41 18.63
C LEU D 73 -7.84 13.40 20.16
N GLY D 74 -7.09 14.28 20.81
CA GLY D 74 -7.17 14.45 22.27
C GLY D 74 -7.00 13.16 23.05
N THR D 75 -8.14 12.55 23.40
CA THR D 75 -8.15 11.42 24.31
C THR D 75 -8.32 10.08 23.61
N SER D 76 -8.50 10.12 22.30
CA SER D 76 -8.68 8.89 21.53
C SER D 76 -7.48 7.94 21.61
N SER D 77 -6.28 8.49 21.82
CA SER D 77 -5.06 7.70 21.87
C SER D 77 -5.03 6.72 23.02
N PHE D 78 -5.82 6.96 24.06
CA PHE D 78 -5.95 6.01 25.14
C PHE D 78 -6.63 4.71 24.69
N THR D 79 -7.49 4.81 23.68
CA THR D 79 -8.17 3.64 23.12
C THR D 79 -7.45 3.11 21.88
N PHE D 80 -7.03 4.03 21.03
CA PHE D 80 -6.28 3.71 19.82
C PHE D 80 -4.89 4.31 19.92
N HIS D 81 -3.94 3.51 20.41
CA HIS D 81 -2.62 4.05 20.78
C HIS D 81 -1.76 4.58 19.63
N GLY D 82 -2.13 4.26 18.39
CA GLY D 82 -1.43 4.90 17.28
C GLY D 82 -1.87 6.34 16.99
N ALA D 83 -2.98 6.79 17.58
CA ALA D 83 -3.58 8.11 17.27
C ALA D 83 -2.89 9.27 18.01
N GLU D 84 -1.62 9.47 17.71
CA GLU D 84 -0.83 10.50 18.40
CA GLU D 84 -0.78 10.45 18.38
C GLU D 84 -0.46 11.62 17.44
N HIS D 85 -1.00 11.55 16.22
CA HIS D 85 -0.87 12.64 15.24
C HIS D 85 -1.32 14.01 15.75
N SER D 86 -0.61 15.03 15.29
CA SER D 86 -0.83 16.38 15.75
C SER D 86 -1.82 17.08 14.84
N ARG D 87 -2.28 18.24 15.28
CA ARG D 87 -3.10 19.08 14.44
C ARG D 87 -2.28 19.72 13.32
N PHE D 88 -0.96 19.78 13.51
CA PHE D 88 -0.08 20.33 12.49
C PHE D 88 -0.13 19.46 11.24
N SER D 89 -0.01 18.14 11.41
CA SER D 89 -0.04 17.25 10.26
C SER D 89 -1.42 17.26 9.61
N HIS D 90 -2.48 17.28 10.40
CA HIS D 90 -3.82 17.44 9.82
C HIS D 90 -3.95 18.75 8.99
N SER D 91 -3.47 19.86 9.56
CA SER D 91 -3.55 21.16 8.86
C SER D 91 -2.86 21.12 7.50
N LEU D 92 -1.69 20.49 7.43
CA LEU D 92 -0.97 20.34 6.18
C LEU D 92 -1.70 19.43 5.19
N GLY D 93 -2.37 18.38 5.68
CA GLY D 93 -3.15 17.48 4.84
C GLY D 93 -4.34 18.21 4.20
N VAL D 94 -5.06 19.00 4.99
CA VAL D 94 -6.18 19.80 4.47
C VAL D 94 -5.66 20.75 3.40
N TYR D 95 -4.56 21.45 3.71
CA TYR D 95 -3.91 22.27 2.70
C TYR D 95 -3.65 21.45 1.43
N GLU D 96 -3.11 20.24 1.58
CA GLU D 96 -2.70 19.45 0.42
C GLU D 96 -3.88 18.96 -0.41
N ILE D 97 -4.93 18.47 0.25
CA ILE D 97 -6.15 18.08 -0.46
C ILE D 97 -6.75 19.25 -1.25
N THR D 98 -6.89 20.40 -0.58
CA THR D 98 -7.32 21.65 -1.21
C THR D 98 -6.49 21.96 -2.47
N ARG D 99 -5.18 21.76 -2.37
CA ARG D 99 -4.29 22.07 -3.50
C ARG D 99 -4.59 21.15 -4.68
N ARG D 100 -4.76 19.86 -4.39
CA ARG D 100 -5.13 18.87 -5.40
C ARG D 100 -6.46 19.18 -6.07
N ILE D 101 -7.44 19.60 -5.30
CA ILE D 101 -8.71 20.04 -5.88
C ILE D 101 -8.51 21.22 -6.85
N CYS D 102 -7.79 22.25 -6.41
CA CYS D 102 -7.55 23.44 -7.24
C CYS D 102 -6.82 23.08 -8.53
N GLU D 103 -5.83 22.20 -8.43
CA GLU D 103 -5.04 21.79 -9.58
CA GLU D 103 -5.04 21.76 -9.58
C GLU D 103 -5.92 21.06 -10.61
N ILE D 104 -6.83 20.20 -10.12
CA ILE D 104 -7.77 19.48 -10.99
C ILE D 104 -8.83 20.43 -11.59
N PHE D 105 -9.36 21.32 -10.76
CA PHE D 105 -10.32 22.33 -11.19
C PHE D 105 -9.76 23.22 -12.28
N GLN D 106 -8.50 23.61 -12.13
CA GLN D 106 -7.86 24.49 -13.09
C GLN D 106 -7.65 23.77 -14.42
N ARG D 107 -7.31 22.49 -14.33
CA ARG D 107 -6.98 21.69 -15.49
C ARG D 107 -8.18 21.38 -16.38
N ASN D 108 -9.31 21.08 -15.74
CA ASN D 108 -10.46 20.50 -16.43
C ASN D 108 -11.73 21.35 -16.36
N TYR D 109 -11.84 22.19 -15.34
CA TYR D 109 -13.09 22.94 -15.10
C TYR D 109 -12.85 24.41 -14.78
N SER D 110 -11.95 25.03 -15.53
CA SER D 110 -11.57 26.41 -15.25
C SER D 110 -12.56 27.34 -15.90
N VAL D 111 -12.58 28.59 -15.42
CA VAL D 111 -13.44 29.65 -15.97
C VAL D 111 -13.30 29.78 -17.48
N GLU D 112 -12.09 29.59 -18.00
CA GLU D 112 -11.84 29.63 -19.46
C GLU D 112 -12.79 28.75 -20.29
N ARG D 113 -13.15 27.59 -19.76
CA ARG D 113 -14.03 26.65 -20.48
C ARG D 113 -15.50 26.72 -20.04
N LEU D 114 -15.73 27.02 -18.76
CA LEU D 114 -17.08 26.91 -18.20
C LEU D 114 -17.69 28.25 -17.76
N GLY D 115 -16.87 29.30 -17.73
CA GLY D 115 -17.29 30.60 -17.23
C GLY D 115 -17.80 30.54 -15.81
N GLU D 116 -19.06 30.92 -15.66
CA GLU D 116 -19.74 31.08 -14.37
C GLU D 116 -19.82 29.80 -13.55
N ASN D 117 -19.88 28.65 -14.22
CA ASN D 117 -19.86 27.37 -13.51
C ASN D 117 -18.44 26.81 -13.30
N GLY D 118 -17.42 27.61 -13.62
CA GLY D 118 -16.03 27.15 -13.56
C GLY D 118 -15.21 27.74 -12.42
N TRP D 119 -13.98 27.26 -12.28
CA TRP D 119 -13.08 27.68 -11.22
C TRP D 119 -12.14 28.77 -11.69
N ASN D 120 -12.01 29.80 -10.85
CA ASN D 120 -11.14 30.94 -11.11
C ASN D 120 -9.89 30.76 -10.29
N ASP D 121 -8.76 30.48 -10.95
CA ASP D 121 -7.55 30.12 -10.21
C ASP D 121 -6.85 31.28 -9.51
N ASP D 122 -7.37 32.50 -9.72
CA ASP D 122 -6.94 33.66 -8.93
C ASP D 122 -7.28 33.49 -7.45
N GLU D 123 -8.29 32.65 -7.19
CA GLU D 123 -8.69 32.29 -5.82
C GLU D 123 -7.78 31.26 -5.15
N ARG D 124 -6.81 30.72 -5.88
CA ARG D 124 -5.98 29.64 -5.32
C ARG D 124 -5.26 30.01 -4.02
N LEU D 125 -4.62 31.17 -3.99
CA LEU D 125 -3.80 31.53 -2.82
C LEU D 125 -4.63 31.71 -1.56
N ILE D 126 -5.69 32.50 -1.63
CA ILE D 126 -6.59 32.67 -0.50
C ILE D 126 -7.17 31.33 0.00
N THR D 127 -7.54 30.47 -0.94
CA THR D 127 -8.10 29.16 -0.61
C THR D 127 -7.09 28.29 0.13
N LEU D 128 -5.86 28.29 -0.36
CA LEU D 128 -4.80 27.50 0.24
C LEU D 128 -4.44 28.00 1.63
N CYS D 129 -4.39 29.32 1.80
CA CYS D 129 -4.10 29.92 3.09
C CYS D 129 -5.18 29.55 4.10
N ALA D 130 -6.45 29.63 3.69
CA ALA D 130 -7.56 29.30 4.58
C ALA D 130 -7.58 27.81 4.96
N ALA D 131 -7.31 26.95 3.97
CA ALA D 131 -7.19 25.52 4.20
C ALA D 131 -6.15 25.28 5.29
N LEU D 132 -4.98 25.89 5.12
CA LEU D 132 -3.85 25.70 6.01
C LEU D 132 -4.14 26.19 7.41
N LEU D 133 -4.94 27.26 7.51
CA LEU D 133 -5.13 27.97 8.75
C LEU D 133 -6.43 27.65 9.48
N HIS D 134 -7.32 26.89 8.82
CA HIS D 134 -8.68 26.61 9.31
C HIS D 134 -8.77 26.17 10.78
N ASP D 135 -7.74 25.49 11.29
CA ASP D 135 -7.72 24.97 12.66
C ASP D 135 -6.73 25.63 13.62
N VAL D 136 -6.16 26.77 13.23
CA VAL D 136 -5.07 27.36 14.00
C VAL D 136 -5.50 27.80 15.40
N GLY D 137 -6.79 28.04 15.57
CA GLY D 137 -7.32 28.50 16.86
C GLY D 137 -7.59 27.40 17.86
N HIS D 138 -7.35 26.16 17.46
CA HIS D 138 -7.55 25.02 18.36
C HIS D 138 -6.53 25.05 19.49
N GLY D 139 -6.99 24.83 20.72
CA GLY D 139 -6.09 24.66 21.85
C GLY D 139 -5.97 23.17 22.15
N PRO D 140 -5.32 22.82 23.28
CA PRO D 140 -5.22 21.41 23.70
C PRO D 140 -6.58 20.84 24.15
N TYR D 141 -6.86 19.59 23.77
CA TYR D 141 -8.13 18.90 24.11
C TYR D 141 -9.31 19.84 23.90
N SER D 142 -9.45 20.28 22.66
CA SER D 142 -10.27 21.44 22.31
C SER D 142 -11.69 21.40 22.86
N HIS D 143 -12.39 20.30 22.62
CA HIS D 143 -13.79 20.18 23.01
C HIS D 143 -13.97 20.31 24.52
N THR D 144 -13.17 19.55 25.27
CA THR D 144 -13.17 19.58 26.73
C THR D 144 -12.86 20.97 27.27
N PHE D 145 -11.84 21.59 26.70
CA PHE D 145 -11.33 22.87 27.16
C PHE D 145 -12.40 23.95 27.02
N GLU D 146 -13.06 23.97 25.87
CA GLU D 146 -14.13 24.92 25.57
C GLU D 146 -15.32 24.76 26.52
N HIS D 147 -15.59 23.53 26.94
CA HIS D 147 -16.68 23.26 27.89
C HIS D 147 -16.44 23.88 29.28
N ILE D 148 -15.19 23.87 29.72
CA ILE D 148 -14.85 24.35 31.06
C ILE D 148 -14.55 25.85 31.08
N PHE D 149 -13.58 26.26 30.26
CA PHE D 149 -13.07 27.63 30.31
C PHE D 149 -13.76 28.59 29.35
N ASP D 150 -14.74 28.08 28.60
CA ASP D 150 -15.62 28.88 27.75
C ASP D 150 -14.94 29.48 26.50
N THR D 151 -13.85 28.86 26.04
CA THR D 151 -13.14 29.30 24.84
C THR D 151 -13.86 28.88 23.56
N ASN D 152 -13.46 29.48 22.44
CA ASN D 152 -14.05 29.19 21.13
C ASN D 152 -12.95 29.18 20.07
N HIS D 153 -12.70 28.03 19.47
CA HIS D 153 -11.58 27.87 18.54
C HIS D 153 -11.80 28.61 17.21
N GLU D 154 -13.05 28.68 16.76
CA GLU D 154 -13.39 29.43 15.56
C GLU D 154 -13.03 30.90 15.74
N ALA D 155 -13.50 31.49 16.84
CA ALA D 155 -13.20 32.88 17.20
C ALA D 155 -11.71 33.13 17.30
N ILE D 156 -11.00 32.21 17.95
CA ILE D 156 -9.55 32.35 18.13
C ILE D 156 -8.80 32.22 16.80
N THR D 157 -9.26 31.32 15.93
CA THR D 157 -8.72 31.21 14.58
C THR D 157 -8.75 32.58 13.91
N VAL D 158 -9.90 33.25 13.98
CA VAL D 158 -10.06 34.56 13.38
C VAL D 158 -9.16 35.60 14.06
N GLN D 159 -9.12 35.59 15.38
CA GLN D 159 -8.21 36.47 16.13
C GLN D 159 -6.78 36.37 15.62
N ILE D 160 -6.29 35.14 15.48
CA ILE D 160 -4.92 34.87 15.07
C ILE D 160 -4.66 35.40 13.66
N ILE D 161 -5.64 35.21 12.79
CA ILE D 161 -5.53 35.64 11.41
C ILE D 161 -5.60 37.18 11.29
N THR D 162 -6.27 37.84 12.24
CA THR D 162 -6.52 39.27 12.10
C THR D 162 -5.83 40.20 13.12
N SER D 163 -5.07 39.63 14.06
CA SER D 163 -4.39 40.44 15.08
C SER D 163 -2.94 40.74 14.69
N PRO D 164 -2.57 42.03 14.61
CA PRO D 164 -1.20 42.44 14.28
C PRO D 164 -0.11 41.73 15.07
N GLU D 165 -0.47 41.17 16.23
CA GLU D 165 0.51 40.50 17.08
C GLU D 165 1.01 39.14 16.60
N THR D 166 0.25 38.48 15.73
CA THR D 166 0.66 37.15 15.26
C THR D 166 1.58 37.21 14.04
N GLU D 167 2.41 36.18 13.88
CA GLU D 167 3.27 36.05 12.71
C GLU D 167 2.40 35.75 11.49
N VAL D 168 1.33 34.99 11.73
CA VAL D 168 0.34 34.66 10.72
C VAL D 168 -0.22 35.94 10.07
N TYR D 169 -0.68 36.88 10.89
CA TYR D 169 -1.20 38.15 10.38
C TYR D 169 -0.13 38.91 9.59
N GLN D 170 1.07 39.02 10.16
CA GLN D 170 2.16 39.75 9.51
C GLN D 170 2.40 39.23 8.10
N ILE D 171 2.43 37.90 7.95
CA ILE D 171 2.56 37.25 6.64
C ILE D 171 1.41 37.60 5.68
N LEU D 172 0.18 37.52 6.17
CA LEU D 172 -1.01 37.76 5.34
C LEU D 172 -1.15 39.25 4.99
N ASN D 173 -0.86 40.11 5.94
CA ASN D 173 -0.88 41.56 5.75
C ASN D 173 0.12 42.01 4.67
N ARG D 174 1.18 41.23 4.54
CA ARG D 174 2.23 41.50 3.58
C ARG D 174 1.80 41.14 2.15
N VAL D 175 0.86 40.20 2.02
CA VAL D 175 0.27 39.87 0.73
C VAL D 175 -0.51 41.08 0.23
N SER D 176 -1.37 41.62 1.10
CA SER D 176 -2.00 42.95 0.95
C SER D 176 -2.79 43.25 2.20
N ALA D 177 -3.14 44.53 2.39
CA ALA D 177 -3.79 45.02 3.62
C ALA D 177 -5.09 44.30 3.96
N ASP D 178 -5.94 44.07 2.95
CA ASP D 178 -7.22 43.40 3.18
C ASP D 178 -7.14 41.85 3.14
N PHE D 179 -5.94 41.30 2.96
CA PHE D 179 -5.81 39.85 2.84
C PHE D 179 -6.17 39.07 4.11
N PRO D 180 -5.68 39.52 5.29
CA PRO D 180 -6.06 38.86 6.56
C PRO D 180 -7.56 38.71 6.74
N GLU D 181 -8.31 39.79 6.51
CA GLU D 181 -9.75 39.77 6.71
C GLU D 181 -10.45 38.87 5.66
N LYS D 182 -9.94 38.87 4.44
CA LYS D 182 -10.48 37.99 3.39
C LYS D 182 -10.29 36.52 3.73
N VAL D 183 -9.08 36.15 4.16
CA VAL D 183 -8.78 34.80 4.57
C VAL D 183 -9.74 34.36 5.68
N ALA D 184 -9.89 35.20 6.69
CA ALA D 184 -10.78 34.94 7.82
C ALA D 184 -12.23 34.77 7.37
N SER D 185 -12.68 35.62 6.45
CA SER D 185 -14.03 35.51 5.89
C SER D 185 -14.28 34.17 5.18
N VAL D 186 -13.22 33.57 4.63
CA VAL D 186 -13.33 32.22 4.08
C VAL D 186 -13.67 31.24 5.20
N ILE D 187 -12.99 31.37 6.33
CA ILE D 187 -13.19 30.44 7.46
C ILE D 187 -14.58 30.63 8.05
N THR D 188 -15.03 31.88 8.11
CA THR D 188 -16.34 32.19 8.70
C THR D 188 -17.50 31.99 7.71
N LYS D 189 -17.17 31.56 6.49
CA LYS D 189 -18.16 31.26 5.42
C LYS D 189 -18.85 32.50 4.88
N GLN D 190 -18.20 33.65 5.03
CA GLN D 190 -18.77 34.91 4.58
C GLN D 190 -18.20 35.38 3.26
N TYR D 191 -17.04 34.84 2.87
CA TYR D 191 -16.42 35.12 1.56
C TYR D 191 -17.43 34.91 0.40
N PRO D 192 -17.39 35.79 -0.64
CA PRO D 192 -18.45 35.74 -1.67
C PRO D 192 -18.29 34.69 -2.78
N ASN D 193 -17.28 33.84 -2.69
CA ASN D 193 -17.11 32.75 -3.66
C ASN D 193 -17.42 31.40 -3.00
N PRO D 194 -18.62 30.83 -3.30
CA PRO D 194 -19.09 29.61 -2.64
C PRO D 194 -18.17 28.41 -2.84
N GLN D 195 -17.46 28.42 -3.98
CA GLN D 195 -16.48 27.40 -4.31
C GLN D 195 -15.31 27.40 -3.33
N VAL D 196 -14.76 28.58 -3.05
CA VAL D 196 -13.70 28.77 -2.06
C VAL D 196 -14.20 28.29 -0.70
N VAL D 197 -15.37 28.79 -0.29
CA VAL D 197 -15.98 28.44 1.00
C VAL D 197 -16.22 26.92 1.16
N GLN D 198 -16.87 26.30 0.17
CA GLN D 198 -17.28 24.89 0.27
C GLN D 198 -16.12 23.89 0.17
N MET D 199 -15.01 24.33 -0.42
CA MET D 199 -13.83 23.47 -0.53
C MET D 199 -13.24 23.18 0.84
N ILE D 200 -13.23 24.21 1.69
CA ILE D 200 -12.77 24.07 3.07
C ILE D 200 -13.88 23.56 3.99
N SER D 201 -15.11 23.96 3.71
CA SER D 201 -16.20 23.65 4.63
C SER D 201 -17.54 23.38 3.94
N SER D 202 -17.97 22.12 3.98
CA SER D 202 -19.28 21.69 3.46
C SER D 202 -19.59 20.32 4.06
N GLN D 203 -20.32 19.48 3.33
CA GLN D 203 -20.59 18.13 3.80
C GLN D 203 -19.49 17.15 3.40
N ILE D 204 -18.82 17.42 2.28
CA ILE D 204 -17.62 16.71 1.88
C ILE D 204 -16.60 17.76 1.47
N ASP D 205 -15.63 18.01 2.35
CA ASP D 205 -14.65 19.05 2.12
C ASP D 205 -13.26 18.52 2.42
N ALA D 206 -12.25 19.32 2.10
CA ALA D 206 -10.85 18.92 2.30
C ALA D 206 -10.59 18.60 3.75
N ASP D 207 -11.29 19.29 4.64
CA ASP D 207 -11.13 19.12 6.08
C ASP D 207 -11.58 17.72 6.52
N ARG D 208 -12.86 17.43 6.30
CA ARG D 208 -13.44 16.12 6.62
C ARG D 208 -12.67 14.97 5.97
N MET D 209 -12.33 15.12 4.70
CA MET D 209 -11.64 14.08 3.96
C MET D 209 -10.26 13.79 4.52
N ASP D 210 -9.52 14.83 4.90
CA ASP D 210 -8.23 14.58 5.54
C ASP D 210 -8.36 13.91 6.90
N TYR D 211 -9.20 14.44 7.78
CA TYR D 211 -9.27 13.84 9.12
C TYR D 211 -9.81 12.41 9.11
N LEU D 212 -10.81 12.12 8.30
CA LEU D 212 -11.25 10.74 8.12
C LEU D 212 -10.09 9.82 7.68
N LEU D 213 -9.32 10.27 6.69
CA LEU D 213 -8.24 9.44 6.13
C LEU D 213 -7.10 9.29 7.13
N ARG D 214 -6.70 10.42 7.70
CA ARG D 214 -5.62 10.48 8.67
C ARG D 214 -5.99 9.81 9.98
N ASP D 215 -7.20 10.07 10.48
CA ASP D 215 -7.59 9.43 11.74
C ASP D 215 -7.59 7.90 11.54
N ALA D 216 -8.08 7.45 10.38
CA ALA D 216 -8.03 6.04 10.01
C ALA D 216 -6.59 5.52 9.92
N TYR D 217 -5.72 6.26 9.22
CA TYR D 217 -4.33 5.84 9.03
C TYR D 217 -3.64 5.57 10.37
N PHE D 218 -3.77 6.52 11.30
CA PHE D 218 -3.10 6.46 12.60
C PHE D 218 -3.77 5.57 13.65
N THR D 219 -5.10 5.49 13.65
CA THR D 219 -5.77 4.55 14.55
C THR D 219 -5.53 3.13 14.08
N GLY D 220 -5.45 2.96 12.76
CA GLY D 220 -5.25 1.66 12.18
C GLY D 220 -6.56 0.99 11.84
N THR D 221 -7.63 1.77 11.80
CA THR D 221 -8.91 1.28 11.29
C THR D 221 -8.88 1.41 9.77
N GLU D 222 -8.02 0.58 9.15
CA GLU D 222 -7.61 0.70 7.74
C GLU D 222 -8.74 1.01 6.74
N TYR D 223 -9.95 0.52 7.06
CA TYR D 223 -11.14 0.80 6.26
C TYR D 223 -12.06 1.71 7.08
N GLY D 224 -12.49 2.80 6.44
CA GLY D 224 -12.77 4.07 7.10
C GLY D 224 -11.91 5.01 6.25
N THR D 225 -10.98 4.36 5.53
CA THR D 225 -10.34 4.90 4.35
C THR D 225 -11.26 4.63 3.14
N PHE D 226 -11.62 5.71 2.44
CA PHE D 226 -12.32 5.67 1.14
C PHE D 226 -11.29 6.02 0.06
N ASP D 227 -11.65 5.91 -1.22
CA ASP D 227 -10.70 6.27 -2.28
C ASP D 227 -10.72 7.78 -2.56
N LEU D 228 -9.69 8.48 -2.08
CA LEU D 228 -9.63 9.93 -2.27
C LEU D 228 -9.50 10.29 -3.75
N THR D 229 -8.70 9.53 -4.49
CA THR D 229 -8.48 9.82 -5.91
C THR D 229 -9.77 9.74 -6.73
N ARG D 230 -10.68 8.85 -6.34
CA ARG D 230 -11.98 8.79 -7.02
C ARG D 230 -12.84 10.01 -6.71
N ILE D 231 -12.79 10.51 -5.48
CA ILE D 231 -13.50 11.73 -5.11
C ILE D 231 -12.98 12.90 -5.92
N LEU D 232 -11.66 12.98 -6.05
CA LEU D 232 -11.02 14.07 -6.79
C LEU D 232 -11.21 13.96 -8.31
N ARG D 233 -11.57 12.77 -8.77
CA ARG D 233 -11.94 12.56 -10.16
C ARG D 233 -13.37 13.02 -10.44
N VAL D 234 -14.20 13.11 -9.41
CA VAL D 234 -15.61 13.41 -9.63
C VAL D 234 -16.07 14.79 -9.14
N ILE D 235 -15.20 15.44 -8.35
CA ILE D 235 -15.47 16.74 -7.77
C ILE D 235 -15.54 17.82 -8.87
N ARG D 236 -16.55 18.67 -8.76
CA ARG D 236 -16.85 19.67 -9.78
C ARG D 236 -17.13 21.01 -9.12
N PRO D 237 -16.63 22.09 -9.71
CA PRO D 237 -17.15 23.40 -9.31
C PRO D 237 -18.48 23.64 -10.01
N TYR D 238 -19.22 24.63 -9.51
CA TYR D 238 -20.37 25.22 -10.22
C TYR D 238 -20.70 26.55 -9.56
N LYS D 239 -21.66 27.30 -10.13
CA LYS D 239 -21.97 28.64 -9.64
C LYS D 239 -22.25 28.68 -8.13
N GLY D 240 -23.01 27.71 -7.64
CA GLY D 240 -23.36 27.63 -6.23
C GLY D 240 -22.33 26.90 -5.37
N GLY D 241 -21.18 26.55 -5.94
CA GLY D 241 -20.09 25.99 -5.13
C GLY D 241 -19.42 24.75 -5.65
N ILE D 242 -19.54 23.66 -4.87
CA ILE D 242 -18.88 22.40 -5.15
C ILE D 242 -19.92 21.27 -5.26
N ALA D 243 -19.91 20.56 -6.37
CA ALA D 243 -20.79 19.41 -6.52
C ALA D 243 -19.99 18.18 -6.94
N PHE D 244 -20.66 17.06 -7.16
CA PHE D 244 -19.97 15.85 -7.60
C PHE D 244 -20.69 15.21 -8.77
N ALA D 245 -19.94 14.82 -9.79
CA ALA D 245 -20.51 14.14 -10.96
C ALA D 245 -21.42 12.98 -10.54
N MET D 246 -22.55 12.85 -11.22
CA MET D 246 -23.51 11.80 -10.93
C MET D 246 -22.88 10.42 -11.09
N ASN D 247 -21.98 10.29 -12.07
CA ASN D 247 -21.28 9.03 -12.33
C ASN D 247 -20.28 8.70 -11.22
N GLY D 248 -20.21 9.55 -10.20
CA GLY D 248 -19.32 9.34 -9.06
C GLY D 248 -20.10 9.17 -7.77
N MET D 249 -21.39 8.89 -7.91
CA MET D 249 -22.26 8.63 -6.77
C MET D 249 -21.70 7.55 -5.83
N HIS D 250 -21.25 6.44 -6.38
CA HIS D 250 -20.71 5.33 -5.56
C HIS D 250 -19.45 5.70 -4.78
N ALA D 251 -18.58 6.50 -5.40
CA ALA D 251 -17.40 7.06 -4.74
C ALA D 251 -17.81 7.91 -3.53
N VAL D 252 -18.80 8.77 -3.74
CA VAL D 252 -19.40 9.59 -2.70
C VAL D 252 -20.03 8.70 -1.61
N GLU D 253 -20.70 7.62 -2.01
CA GLU D 253 -21.20 6.61 -1.07
C GLU D 253 -20.06 6.00 -0.24
N ASP D 254 -18.96 5.62 -0.89
CA ASP D 254 -17.81 5.07 -0.16
C ASP D 254 -17.39 6.04 0.95
N TYR D 255 -17.44 7.34 0.66
CA TYR D 255 -17.09 8.40 1.63
C TYR D 255 -18.04 8.39 2.84
N ILE D 256 -19.34 8.33 2.58
CA ILE D 256 -20.39 8.27 3.60
C ILE D 256 -20.25 7.05 4.53
N VAL D 257 -19.98 5.89 3.94
CA VAL D 257 -19.78 4.67 4.70
C VAL D 257 -18.55 4.77 5.62
N SER D 258 -17.43 5.24 5.08
CA SER D 258 -16.23 5.52 5.86
C SER D 258 -16.55 6.45 7.04
N ARG D 259 -17.28 7.52 6.74
CA ARG D 259 -17.69 8.50 7.75
C ARG D 259 -18.47 7.81 8.87
N TYR D 260 -19.45 6.99 8.49
CA TYR D 260 -20.25 6.26 9.45
C TYR D 260 -19.38 5.32 10.30
N GLN D 261 -18.48 4.59 9.65
CA GLN D 261 -17.64 3.63 10.36
CA GLN D 261 -17.62 3.63 10.34
C GLN D 261 -16.72 4.30 11.39
N MET D 262 -16.16 5.45 11.02
CA MET D 262 -15.29 6.22 11.91
C MET D 262 -16.04 6.77 13.11
N TYR D 263 -17.25 7.28 12.89
CA TYR D 263 -18.08 7.80 13.97
C TYR D 263 -18.41 6.68 14.94
N VAL D 264 -19.00 5.61 14.42
CA VAL D 264 -19.45 4.49 15.22
C VAL D 264 -18.33 3.72 15.95
N GLN D 265 -17.14 3.65 15.35
CA GLN D 265 -16.07 2.79 15.89
C GLN D 265 -14.97 3.56 16.61
N VAL D 266 -14.74 4.81 16.21
CA VAL D 266 -13.63 5.60 16.72
C VAL D 266 -14.11 6.78 17.55
N TYR D 267 -14.76 7.74 16.91
CA TYR D 267 -15.01 9.04 17.53
C TYR D 267 -15.95 8.93 18.73
N PHE D 268 -16.78 7.91 18.72
CA PHE D 268 -17.80 7.75 19.74
C PHE D 268 -17.43 6.75 20.84
N HIS D 269 -16.25 6.16 20.73
CA HIS D 269 -15.77 5.12 21.67
C HIS D 269 -15.89 5.54 23.14
N PRO D 270 -16.50 4.66 23.97
CA PRO D 270 -16.79 4.97 25.37
C PRO D 270 -15.54 5.12 26.24
N VAL D 271 -14.50 4.35 25.91
CA VAL D 271 -13.27 4.40 26.72
C VAL D 271 -12.57 5.75 26.53
N SER D 272 -12.48 6.21 25.29
CA SER D 272 -11.95 7.54 24.99
C SER D 272 -12.75 8.62 25.72
N ARG D 273 -14.06 8.46 25.74
CA ARG D 273 -14.92 9.43 26.40
C ARG D 273 -14.83 9.34 27.93
N GLY D 274 -14.56 8.14 28.44
CA GLY D 274 -14.29 7.93 29.86
C GLY D 274 -13.08 8.70 30.34
N MET D 275 -12.09 8.88 29.46
CA MET D 275 -10.92 9.68 29.77
C MET D 275 -11.23 11.15 29.64
N GLU D 276 -12.13 11.49 28.72
CA GLU D 276 -12.56 12.86 28.50
C GLU D 276 -13.27 13.39 29.76
N VAL D 277 -14.09 12.55 30.38
CA VAL D 277 -14.78 12.91 31.61
C VAL D 277 -13.77 13.22 32.74
N ILE D 278 -12.77 12.35 32.90
CA ILE D 278 -11.73 12.54 33.91
C ILE D 278 -11.04 13.89 33.74
N LEU D 279 -10.58 14.18 32.52
CA LEU D 279 -9.93 15.44 32.21
C LEU D 279 -10.84 16.62 32.54
N ASP D 280 -12.10 16.53 32.10
CA ASP D 280 -13.12 17.54 32.37
C ASP D 280 -13.24 17.78 33.88
N HIS D 281 -13.43 16.70 34.63
CA HIS D 281 -13.59 16.82 36.07
C HIS D 281 -12.31 17.23 36.80
N LEU D 282 -11.16 16.85 36.23
CA LEU D 282 -9.86 17.27 36.76
C LEU D 282 -9.66 18.78 36.65
N LEU D 283 -9.87 19.32 35.45
CA LEU D 283 -9.74 20.75 35.23
C LEU D 283 -10.80 21.55 35.97
N HIS D 284 -12.02 21.03 36.01
CA HIS D 284 -13.12 21.68 36.71
C HIS D 284 -12.86 21.75 38.21
N ARG D 285 -12.26 20.69 38.76
CA ARG D 285 -11.89 20.63 40.17
C ARG D 285 -10.77 21.60 40.51
N ALA D 286 -9.84 21.79 39.57
CA ALA D 286 -8.75 22.72 39.76
C ALA D 286 -9.21 24.18 39.73
N LYS D 287 -10.22 24.45 38.90
CA LYS D 287 -10.86 25.75 38.84
C LYS D 287 -11.47 26.09 40.19
N GLU D 288 -12.20 25.12 40.75
CA GLU D 288 -12.88 25.28 42.03
C GLU D 288 -11.93 25.65 43.16
N LEU D 289 -10.89 24.85 43.36
CA LEU D 289 -9.95 25.12 44.46
C LEU D 289 -9.06 26.35 44.23
N PHE D 290 -9.09 26.89 43.01
CA PHE D 290 -8.49 28.20 42.74
C PHE D 290 -9.48 29.30 43.08
N GLU D 291 -10.76 29.07 42.72
CA GLU D 291 -11.86 30.00 43.01
C GLU D 291 -12.17 30.05 44.50
N ASN D 292 -12.19 28.87 45.12
CA ASN D 292 -12.38 28.73 46.57
C ASN D 292 -11.34 29.53 47.34
N PRO D 293 -11.77 30.59 48.04
CA PRO D 293 -10.84 31.53 48.68
C PRO D 293 -10.27 31.02 50.01
N GLU D 294 -10.51 29.75 50.33
CA GLU D 294 -10.14 29.20 51.63
C GLU D 294 -8.79 28.47 51.66
N PHE D 295 -8.72 27.34 50.97
CA PHE D 295 -7.53 26.50 51.03
C PHE D 295 -6.42 27.06 50.11
N ASP D 296 -5.22 27.22 50.68
CA ASP D 296 -4.10 27.85 49.98
C ASP D 296 -2.96 26.86 49.69
N TYR D 297 -2.71 26.65 48.41
CA TYR D 297 -1.60 25.83 47.93
C TYR D 297 -1.23 26.26 46.52
N ASP D 298 0.07 26.21 46.21
CA ASP D 298 0.56 26.58 44.89
C ASP D 298 0.25 25.50 43.85
N LEU D 299 -0.75 25.77 43.02
CA LEU D 299 -1.13 24.84 41.97
C LEU D 299 -0.08 24.76 40.86
N GLN D 300 0.80 25.74 40.82
CA GLN D 300 1.89 25.83 39.83
C GLN D 300 1.38 26.06 38.41
N ALA D 301 0.07 26.14 38.26
CA ALA D 301 -0.60 26.27 36.98
C ALA D 301 -0.55 27.69 36.42
N SER D 302 0.67 28.20 36.24
CA SER D 302 0.91 29.56 35.78
C SER D 302 0.10 29.92 34.53
N LEU D 303 0.17 29.05 33.52
CA LEU D 303 -0.45 29.32 32.23
C LEU D 303 -1.97 29.07 32.21
N LEU D 304 -2.50 28.48 33.29
CA LEU D 304 -3.94 28.27 33.40
C LEU D 304 -4.65 29.34 34.24
N VAL D 305 -3.87 30.14 34.95
CA VAL D 305 -4.41 31.19 35.83
C VAL D 305 -5.40 32.12 35.10
N PRO D 306 -5.03 32.63 33.90
CA PRO D 306 -5.96 33.51 33.19
C PRO D 306 -7.28 32.81 32.84
N PHE D 307 -7.22 31.49 32.69
CA PHE D 307 -8.37 30.71 32.28
C PHE D 307 -9.29 30.34 33.45
N PHE D 308 -8.71 30.18 34.63
CA PHE D 308 -9.49 30.09 35.87
C PHE D 308 -10.30 31.37 36.05
N LYS D 309 -9.65 32.51 35.80
CA LYS D 309 -10.25 33.83 35.97
C LYS D 309 -11.23 34.20 34.86
N GLY D 310 -11.10 33.57 33.70
CA GLY D 310 -11.93 33.87 32.54
C GLY D 310 -11.62 35.22 31.93
N ASP D 311 -10.34 35.61 31.97
CA ASP D 311 -9.85 36.79 31.26
C ASP D 311 -8.42 36.54 30.82
N PHE D 312 -8.27 36.16 29.56
CA PHE D 312 -6.98 35.76 29.00
C PHE D 312 -6.64 36.57 27.76
N THR D 313 -5.35 36.80 27.54
CA THR D 313 -4.86 37.40 26.31
C THR D 313 -4.70 36.30 25.25
N LEU D 314 -4.56 36.70 23.99
CA LEU D 314 -4.28 35.74 22.94
C LEU D 314 -2.93 35.07 23.15
N GLN D 315 -1.92 35.83 23.58
CA GLN D 315 -0.57 35.31 23.79
C GLN D 315 -0.55 34.26 24.88
N GLU D 316 -1.39 34.46 25.89
CA GLU D 316 -1.59 33.50 26.97
C GLU D 316 -2.17 32.18 26.44
N TYR D 317 -3.18 32.28 25.58
CA TYR D 317 -3.78 31.10 24.94
C TYR D 317 -2.77 30.32 24.10
N LEU D 318 -1.96 31.05 23.33
CA LEU D 318 -1.03 30.44 22.38
C LEU D 318 0.12 29.68 23.04
N LYS D 319 0.28 29.86 24.35
CA LYS D 319 1.28 29.11 25.12
C LYS D 319 0.71 27.79 25.62
N LEU D 320 -0.58 27.57 25.41
CA LEU D 320 -1.19 26.31 25.80
C LEU D 320 -1.02 25.23 24.74
N ASP D 321 -0.59 24.06 25.20
CA ASP D 321 -0.50 22.85 24.40
C ASP D 321 -0.58 21.62 25.32
N ASP D 322 -0.68 20.44 24.72
CA ASP D 322 -0.83 19.20 25.49
C ASP D 322 0.20 19.01 26.61
N GLY D 323 1.47 19.34 26.32
CA GLY D 323 2.57 19.12 27.27
C GLY D 323 2.46 19.97 28.54
N VAL D 324 1.91 21.18 28.36
CA VAL D 324 1.68 22.13 29.47
C VAL D 324 0.76 21.52 30.49
N LEU D 325 -0.36 20.98 30.02
CA LEU D 325 -1.37 20.43 30.90
C LEU D 325 -0.86 19.20 31.63
N SER D 326 -0.15 18.33 30.91
CA SER D 326 0.30 17.07 31.51
C SER D 326 1.40 17.34 32.53
N THR D 327 2.20 18.37 32.28
CA THR D 327 3.22 18.82 33.22
C THR D 327 2.59 19.31 34.52
N TYR D 328 1.49 20.06 34.39
CA TYR D 328 0.73 20.50 35.55
C TYR D 328 0.10 19.31 36.28
N PHE D 329 -0.52 18.41 35.53
CA PHE D 329 -1.09 17.18 36.12
C PHE D 329 -0.07 16.40 36.95
N THR D 330 1.14 16.23 36.41
CA THR D 330 2.23 15.57 37.12
C THR D 330 2.48 16.21 38.48
N GLN D 331 2.41 17.54 38.54
CA GLN D 331 2.58 18.27 39.80
C GLN D 331 1.36 18.18 40.70
N TRP D 332 0.17 18.25 40.11
CA TRP D 332 -1.09 18.18 40.86
C TRP D 332 -1.30 16.86 41.60
N MET D 333 -0.54 15.82 41.23
CA MET D 333 -0.64 14.52 41.90
C MET D 333 -0.25 14.57 43.37
N ASP D 334 0.35 15.69 43.80
CA ASP D 334 0.83 15.85 45.18
C ASP D 334 0.24 17.06 45.90
N VAL D 335 -0.75 17.69 45.27
CA VAL D 335 -1.51 18.77 45.90
C VAL D 335 -2.38 18.17 47.00
N PRO D 336 -2.38 18.78 48.20
CA PRO D 336 -3.09 18.28 49.39
C PRO D 336 -4.54 17.83 49.18
N ASP D 337 -5.17 18.26 48.09
CA ASP D 337 -6.51 17.81 47.75
C ASP D 337 -6.45 16.41 47.15
N SER D 338 -7.09 15.45 47.82
CA SER D 338 -7.06 14.05 47.38
C SER D 338 -7.93 13.81 46.15
N ILE D 339 -8.90 14.69 45.92
CA ILE D 339 -9.76 14.62 44.75
C ILE D 339 -8.99 15.04 43.49
N LEU D 340 -8.24 16.14 43.56
CA LEU D 340 -7.43 16.60 42.45
C LEU D 340 -6.23 15.68 42.18
N GLY D 341 -5.59 15.22 43.26
CA GLY D 341 -4.43 14.33 43.17
C GLY D 341 -4.77 13.01 42.52
N ASP D 342 -5.95 12.48 42.87
CA ASP D 342 -6.46 11.24 42.28
C ASP D 342 -6.75 11.43 40.80
N LEU D 343 -7.52 12.48 40.49
CA LEU D 343 -7.93 12.75 39.12
C LEU D 343 -6.72 12.91 38.21
N ALA D 344 -5.69 13.59 38.69
CA ALA D 344 -4.44 13.74 37.95
C ALA D 344 -3.78 12.37 37.71
N LYS D 345 -3.71 11.54 38.76
CA LYS D 345 -3.19 10.17 38.60
C LYS D 345 -3.96 9.42 37.51
N ARG D 346 -5.29 9.45 37.60
CA ARG D 346 -6.17 8.76 36.66
C ARG D 346 -5.94 9.17 35.19
N PHE D 347 -5.76 10.45 34.94
CA PHE D 347 -5.51 10.91 33.58
C PHE D 347 -4.11 10.54 33.10
N LEU D 348 -3.12 10.65 33.97
CA LEU D 348 -1.74 10.35 33.61
C LEU D 348 -1.48 8.85 33.43
N MET D 349 -2.14 8.03 34.26
CA MET D 349 -1.86 6.58 34.32
C MET D 349 -2.94 5.73 33.61
N ARG D 350 -3.81 6.38 32.85
CA ARG D 350 -4.94 5.72 32.16
C ARG D 350 -5.79 4.90 33.12
N LYS D 351 -6.56 5.59 33.96
CA LYS D 351 -7.52 4.94 34.84
C LYS D 351 -8.91 5.51 34.57
N PRO D 352 -9.51 5.15 33.41
CA PRO D 352 -10.77 5.78 33.00
C PRO D 352 -11.98 5.23 33.76
N LEU D 353 -13.01 6.06 33.88
CA LEU D 353 -14.30 5.63 34.42
C LEU D 353 -14.99 4.73 33.41
N LYS D 354 -15.77 3.78 33.92
CA LYS D 354 -16.61 2.90 33.09
C LYS D 354 -17.97 3.53 32.82
N SER D 355 -18.74 2.92 31.92
CA SER D 355 -20.09 3.41 31.59
C SER D 355 -21.03 2.34 31.04
N ALA D 356 -22.33 2.55 31.24
CA ALA D 356 -23.38 1.70 30.67
C ALA D 356 -24.38 2.52 29.85
N THR D 357 -25.20 1.83 29.06
CA THR D 357 -26.10 2.49 28.11
C THR D 357 -27.59 2.46 28.53
N PHE D 358 -28.24 3.62 28.45
CA PHE D 358 -29.68 3.75 28.73
C PHE D 358 -30.41 4.51 27.61
N THR D 359 -31.67 4.85 27.83
CA THR D 359 -32.51 5.46 26.78
C THR D 359 -32.90 6.92 27.03
N ASN D 360 -33.59 7.19 28.14
CA ASN D 360 -34.12 8.53 28.42
C ASN D 360 -33.41 9.25 29.57
N GLU D 361 -33.45 10.58 29.52
CA GLU D 361 -32.81 11.44 30.52
C GLU D 361 -33.73 11.74 31.70
N LYS D 362 -35.04 11.72 31.45
CA LYS D 362 -36.03 11.94 32.51
C LYS D 362 -36.47 10.62 33.15
N GLU D 363 -36.48 9.55 32.35
CA GLU D 363 -36.91 8.22 32.82
C GLU D 363 -35.88 7.54 33.72
N SER D 364 -34.60 7.79 33.43
CA SER D 364 -33.50 7.12 34.14
C SER D 364 -33.05 7.88 35.39
N ALA D 365 -33.60 9.08 35.58
CA ALA D 365 -33.19 10.00 36.65
C ALA D 365 -33.19 9.36 38.06
N ALA D 366 -34.10 8.44 38.30
CA ALA D 366 -34.20 7.75 39.60
C ALA D 366 -33.09 6.71 39.77
N THR D 367 -32.77 6.00 38.69
CA THR D 367 -31.76 4.95 38.68
C THR D 367 -30.34 5.50 38.96
N ILE D 368 -30.08 6.71 38.46
CA ILE D 368 -28.77 7.35 38.60
C ILE D 368 -28.46 7.71 40.05
N ALA D 369 -29.37 8.44 40.68
CA ALA D 369 -29.18 8.97 42.03
C ALA D 369 -28.91 7.89 43.08
N TYR D 370 -29.46 6.71 42.86
CA TYR D 370 -29.28 5.56 43.76
C TYR D 370 -27.82 5.09 43.75
N LEU D 371 -27.27 4.94 42.55
CA LEU D 371 -25.89 4.51 42.38
C LEU D 371 -24.92 5.58 42.88
N ARG D 372 -25.30 6.85 42.72
CA ARG D 372 -24.52 7.99 43.21
C ARG D 372 -24.21 7.88 44.70
N GLU D 373 -25.24 7.57 45.49
CA GLU D 373 -25.09 7.43 46.94
C GLU D 373 -24.28 6.18 47.31
N LEU D 374 -24.47 5.10 46.55
CA LEU D 374 -23.75 3.86 46.78
C LEU D 374 -22.26 4.00 46.52
N ILE D 375 -21.89 4.85 45.56
CA ILE D 375 -20.50 5.18 45.28
C ILE D 375 -19.92 6.05 46.41
N GLU D 376 -20.75 6.94 46.97
CA GLU D 376 -20.33 7.82 48.04
C GLU D 376 -20.05 7.06 49.35
N LYS D 377 -20.73 5.93 49.52
CA LYS D 377 -20.48 5.02 50.66
C LYS D 377 -19.07 4.43 50.61
N VAL D 378 -18.59 4.19 49.39
CA VAL D 378 -17.24 3.68 49.16
C VAL D 378 -16.21 4.73 49.57
N GLY D 379 -16.54 5.99 49.36
CA GLY D 379 -15.67 7.10 49.76
C GLY D 379 -15.21 7.97 48.60
N PHE D 380 -15.96 7.95 47.50
CA PHE D 380 -15.66 8.79 46.35
C PHE D 380 -16.91 9.56 45.87
N ASN D 381 -16.75 10.87 45.67
CA ASN D 381 -17.85 11.79 45.40
C ASN D 381 -18.40 11.73 43.97
N PRO D 382 -19.71 11.44 43.82
CA PRO D 382 -20.41 11.39 42.53
C PRO D 382 -20.31 12.63 41.64
N LYS D 383 -20.00 13.79 42.23
CA LYS D 383 -19.84 15.01 41.44
C LYS D 383 -18.60 14.95 40.53
N TYR D 384 -17.58 14.23 40.96
CA TYR D 384 -16.33 14.10 40.21
C TYR D 384 -16.08 12.69 39.72
N TYR D 385 -17.00 11.78 39.99
CA TYR D 385 -16.84 10.38 39.60
C TYR D 385 -18.05 9.79 38.87
N THR D 386 -18.99 10.65 38.49
CA THR D 386 -20.10 10.27 37.61
C THR D 386 -20.39 11.41 36.64
N ALA D 387 -21.02 11.10 35.52
CA ALA D 387 -21.39 12.12 34.53
C ALA D 387 -22.42 11.61 33.54
N ILE D 388 -23.17 12.54 32.95
CA ILE D 388 -24.11 12.20 31.87
C ILE D 388 -23.52 12.61 30.52
N ASN D 389 -23.45 11.63 29.63
CA ASN D 389 -22.69 11.75 28.39
C ASN D 389 -23.43 11.14 27.19
N SER D 390 -23.46 11.90 26.09
CA SER D 390 -24.10 11.46 24.84
C SER D 390 -23.20 11.73 23.63
N SER D 391 -23.36 10.92 22.59
CA SER D 391 -22.57 11.09 21.36
C SER D 391 -22.91 12.37 20.59
N TYR D 392 -24.16 12.82 20.73
CA TYR D 392 -24.68 13.97 19.98
C TYR D 392 -24.04 15.31 20.38
N ASP D 393 -23.29 15.31 21.48
CA ASP D 393 -22.67 16.52 22.00
C ASP D 393 -21.30 16.80 21.36
N LEU D 394 -20.65 15.73 20.89
CA LEU D 394 -19.30 15.81 20.33
C LEU D 394 -19.22 16.65 19.03
N PRO D 395 -18.01 17.14 18.70
CA PRO D 395 -17.83 18.05 17.54
C PRO D 395 -17.91 17.35 16.17
N TYR D 396 -18.66 16.26 16.09
CA TYR D 396 -18.86 15.54 14.84
C TYR D 396 -20.36 15.44 14.54
N ASP D 397 -20.73 15.69 13.28
CA ASP D 397 -22.14 15.72 12.89
C ASP D 397 -22.48 14.74 11.75
N PHE D 398 -23.64 14.11 11.85
CA PHE D 398 -24.11 13.17 10.83
C PHE D 398 -24.70 13.92 9.63
N TYR D 399 -24.62 13.28 8.45
CA TYR D 399 -25.17 13.87 7.23
C TYR D 399 -26.69 13.90 7.25
N ARG D 400 -27.24 15.09 7.53
CA ARG D 400 -28.69 15.30 7.62
C ARG D 400 -29.14 16.38 6.64
N PRO D 401 -29.44 16.00 5.40
CA PRO D 401 -29.78 16.96 4.34
C PRO D 401 -31.17 17.58 4.52
N ASN D 402 -31.25 18.91 4.39
CA ASN D 402 -32.51 19.64 4.55
C ASN D 402 -32.93 20.32 3.24
N LYS D 403 -34.24 20.47 3.04
CA LYS D 403 -34.79 21.08 1.83
C LYS D 403 -34.46 22.58 1.66
N ASP D 404 -34.16 23.24 2.78
CA ASP D 404 -33.95 24.70 2.80
C ASP D 404 -32.48 25.14 2.88
N ARG D 405 -31.67 24.37 3.60
CA ARG D 405 -30.26 24.71 3.82
C ARG D 405 -29.33 24.06 2.79
N HIS D 406 -28.76 24.90 1.92
CA HIS D 406 -27.86 24.43 0.85
C HIS D 406 -26.51 23.92 1.38
N ARG D 407 -26.17 24.31 2.60
CA ARG D 407 -24.90 23.95 3.24
C ARG D 407 -24.85 22.47 3.61
N THR D 408 -26.02 21.88 3.87
CA THR D 408 -26.12 20.49 4.32
C THR D 408 -26.40 19.47 3.21
N GLN D 409 -26.38 19.94 1.96
CA GLN D 409 -26.58 19.06 0.81
C GLN D 409 -25.25 18.56 0.29
N ILE D 410 -25.23 17.32 -0.17
CA ILE D 410 -24.22 16.89 -1.10
C ILE D 410 -24.91 16.88 -2.45
N GLU D 411 -24.39 17.66 -3.40
CA GLU D 411 -25.04 17.78 -4.69
C GLU D 411 -24.36 16.93 -5.74
N LEU D 412 -25.18 16.19 -6.48
CA LEU D 412 -24.70 15.44 -7.63
C LEU D 412 -25.09 16.20 -8.90
N MET D 413 -24.13 16.34 -9.80
CA MET D 413 -24.34 17.05 -11.05
C MET D 413 -24.52 16.08 -12.22
N GLN D 414 -25.61 16.28 -12.97
CA GLN D 414 -25.85 15.51 -14.18
C GLN D 414 -25.06 16.15 -15.31
N LYS D 415 -24.97 15.46 -16.44
CA LYS D 415 -24.23 15.95 -17.60
C LYS D 415 -24.84 17.24 -18.17
N ASP D 416 -26.15 17.43 -17.97
CA ASP D 416 -26.81 18.65 -18.42
C ASP D 416 -26.64 19.82 -17.45
N GLY D 417 -26.00 19.57 -16.30
CA GLY D 417 -25.75 20.62 -15.32
C GLY D 417 -26.77 20.76 -14.20
N SER D 418 -27.78 19.89 -14.19
CA SER D 418 -28.80 19.88 -13.13
C SER D 418 -28.33 19.14 -11.87
N LEU D 419 -28.79 19.61 -10.71
CA LEU D 419 -28.35 19.09 -9.42
C LEU D 419 -29.37 18.14 -8.81
N VAL D 420 -28.85 17.11 -8.16
CA VAL D 420 -29.68 16.13 -7.46
C VAL D 420 -29.04 15.86 -6.10
N GLU D 421 -29.84 16.00 -5.04
CA GLU D 421 -29.41 15.68 -3.69
C GLU D 421 -29.07 14.19 -3.54
N LEU D 422 -27.87 13.91 -3.02
CA LEU D 422 -27.36 12.54 -2.87
C LEU D 422 -28.36 11.53 -2.34
N ALA D 423 -29.08 11.89 -1.28
CA ALA D 423 -30.03 10.99 -0.63
C ALA D 423 -31.27 10.65 -1.48
N THR D 424 -31.58 11.49 -2.45
CA THR D 424 -32.67 11.23 -3.39
C THR D 424 -32.39 9.99 -4.25
N VAL D 425 -31.12 9.72 -4.52
CA VAL D 425 -30.75 8.65 -5.45
C VAL D 425 -29.98 7.49 -4.83
N SER D 426 -29.58 7.65 -3.57
CA SER D 426 -28.85 6.59 -2.88
C SER D 426 -29.57 6.14 -1.61
N PRO D 427 -30.35 5.05 -1.72
CA PRO D 427 -31.03 4.42 -0.58
C PRO D 427 -30.07 4.08 0.55
N LEU D 428 -28.86 3.64 0.21
CA LEU D 428 -27.82 3.38 1.20
C LEU D 428 -27.50 4.63 2.04
N VAL D 429 -27.22 5.74 1.37
CA VAL D 429 -27.01 7.03 2.03
C VAL D 429 -28.27 7.47 2.81
N ALA D 430 -29.44 7.19 2.23
CA ALA D 430 -30.73 7.49 2.87
C ALA D 430 -30.92 6.64 4.12
N ALA D 431 -30.67 5.34 4.01
CA ALA D 431 -30.83 4.41 5.13
C ALA D 431 -29.86 4.70 6.26
N LEU D 432 -28.67 5.19 5.92
CA LEU D 432 -27.66 5.58 6.91
C LEU D 432 -27.99 6.89 7.60
N ALA D 433 -28.59 7.81 6.85
CA ALA D 433 -29.01 9.10 7.40
C ALA D 433 -30.12 8.90 8.45
N GLY D 434 -31.18 8.22 8.06
CA GLY D 434 -32.33 7.93 8.94
C GLY D 434 -31.96 7.13 10.17
N GLN D 435 -30.85 6.39 10.09
CA GLN D 435 -30.25 5.71 11.23
C GLN D 435 -29.76 6.76 12.24
N SER D 436 -30.62 7.09 13.19
CA SER D 436 -30.35 8.10 14.21
C SER D 436 -29.43 7.58 15.31
N GLN D 437 -28.13 7.51 15.02
CA GLN D 437 -27.13 7.09 15.99
C GLN D 437 -26.99 8.14 17.10
N GLY D 438 -27.66 7.88 18.22
CA GLY D 438 -27.58 8.76 19.40
C GLY D 438 -27.27 7.98 20.65
N ASP D 439 -26.06 8.17 21.17
CA ASP D 439 -25.62 7.49 22.40
C ASP D 439 -26.21 8.16 23.64
N GLU D 440 -26.27 7.40 24.74
CA GLU D 440 -26.69 7.91 26.05
C GLU D 440 -26.05 7.04 27.14
N ARG D 441 -25.06 7.60 27.83
CA ARG D 441 -24.25 6.84 28.79
C ARG D 441 -24.11 7.50 30.17
N PHE D 442 -24.15 6.66 31.20
CA PHE D 442 -23.87 7.08 32.57
C PHE D 442 -22.51 6.57 33.02
N TYR D 443 -21.70 7.46 33.57
CA TYR D 443 -20.33 7.11 33.92
C TYR D 443 -20.11 6.88 35.40
N PHE D 444 -19.25 5.91 35.71
CA PHE D 444 -18.98 5.49 37.08
C PHE D 444 -17.61 4.81 37.16
N PRO D 445 -17.00 4.77 38.36
CA PRO D 445 -15.69 4.15 38.52
C PRO D 445 -15.69 2.65 38.29
N LYS D 446 -14.56 2.12 37.84
CA LYS D 446 -14.36 0.68 37.64
C LYS D 446 -14.38 -0.05 38.98
N GLU D 447 -13.96 0.65 40.03
CA GLU D 447 -13.89 0.09 41.39
C GLU D 447 -15.23 -0.44 41.92
N MET D 448 -16.33 0.00 41.29
CA MET D 448 -17.67 -0.54 41.57
C MET D 448 -17.72 -2.04 41.28
N LEU D 449 -17.07 -2.46 40.19
CA LEU D 449 -17.12 -3.85 39.73
C LEU D 449 -15.97 -4.72 40.25
N ASP D 450 -16.23 -5.44 41.35
CA ASP D 450 -15.28 -6.40 41.94
C ASP D 450 -16.00 -7.44 42.77
N LEU D 459 -12.58 -0.59 53.17
CA LEU D 459 -13.90 -1.21 53.20
C LEU D 459 -13.86 -2.71 52.87
N PHE D 460 -14.96 -3.39 53.16
CA PHE D 460 -15.05 -4.85 53.00
C PHE D 460 -15.76 -5.22 51.70
N ASP D 461 -16.05 -6.52 51.54
CA ASP D 461 -16.74 -7.05 50.36
C ASP D 461 -18.20 -6.60 50.33
N GLU D 462 -18.80 -6.46 51.51
CA GLU D 462 -20.21 -6.15 51.63
C GLU D 462 -20.45 -4.65 51.51
N THR D 463 -20.21 -4.12 50.31
CA THR D 463 -20.45 -2.71 49.99
C THR D 463 -20.79 -2.59 48.51
N TYR D 464 -19.91 -3.12 47.66
CA TYR D 464 -20.13 -3.09 46.21
C TYR D 464 -20.15 -4.47 45.56
N ARG D 465 -20.58 -5.47 46.32
CA ARG D 465 -20.91 -6.79 45.78
C ARG D 465 -22.41 -6.87 45.44
N GLU D 466 -23.00 -5.70 45.25
CA GLU D 466 -24.43 -5.55 45.00
C GLU D 466 -24.70 -4.58 43.84
N PHE D 467 -25.86 -4.76 43.20
CA PHE D 467 -26.36 -3.86 42.16
C PHE D 467 -25.41 -3.67 40.97
N SER D 468 -24.98 -4.79 40.40
CA SER D 468 -24.28 -4.80 39.12
C SER D 468 -25.29 -5.15 38.04
N SER D 469 -26.56 -5.19 38.45
CA SER D 469 -27.68 -5.65 37.63
C SER D 469 -27.99 -4.76 36.42
N TYR D 470 -27.01 -4.61 35.53
CA TYR D 470 -27.17 -3.88 34.28
C TYR D 470 -26.19 -4.39 33.23
N ILE D 471 -26.34 -5.66 32.87
CA ILE D 471 -25.47 -6.32 31.90
C ILE D 471 -26.20 -6.58 30.59
#